data_1ZD0
# 
_entry.id   1ZD0 
# 
_audit_conform.dict_name       mmcif_pdbx.dic 
_audit_conform.dict_version    5.398 
_audit_conform.dict_location   http://mmcif.pdb.org/dictionaries/ascii/mmcif_pdbx.dic 
# 
loop_
_database_2.database_id 
_database_2.database_code 
_database_2.pdbx_database_accession 
_database_2.pdbx_DOI 
PDB   1ZD0         pdb_00001zd0 10.2210/pdb1zd0/pdb 
RCSB  RCSB032585   ?            ?                   
WWPDB D_1000032585 ?            ?                   
# 
loop_
_pdbx_audit_revision_history.ordinal 
_pdbx_audit_revision_history.data_content_type 
_pdbx_audit_revision_history.major_revision 
_pdbx_audit_revision_history.minor_revision 
_pdbx_audit_revision_history.revision_date 
1 'Structure model' 1 0 2005-05-17 
2 'Structure model' 1 1 2008-04-30 
3 'Structure model' 1 2 2011-07-13 
4 'Structure model' 1 3 2017-10-11 
5 'Structure model' 1 4 2024-11-13 
# 
_pdbx_audit_revision_details.ordinal             1 
_pdbx_audit_revision_details.revision_ordinal    1 
_pdbx_audit_revision_details.data_content_type   'Structure model' 
_pdbx_audit_revision_details.provider            repository 
_pdbx_audit_revision_details.type                'Initial release' 
_pdbx_audit_revision_details.description         ? 
_pdbx_audit_revision_details.details             ? 
# 
loop_
_pdbx_audit_revision_group.ordinal 
_pdbx_audit_revision_group.revision_ordinal 
_pdbx_audit_revision_group.data_content_type 
_pdbx_audit_revision_group.group 
1 2 'Structure model' 'Version format compliance' 
2 3 'Structure model' 'Version format compliance' 
3 4 'Structure model' 'Refinement description'    
4 5 'Structure model' 'Data collection'           
5 5 'Structure model' 'Database references'       
6 5 'Structure model' 'Derived calculations'      
7 5 'Structure model' 'Structure summary'         
# 
loop_
_pdbx_audit_revision_category.ordinal 
_pdbx_audit_revision_category.revision_ordinal 
_pdbx_audit_revision_category.data_content_type 
_pdbx_audit_revision_category.category 
1  4 'Structure model' software                  
2  5 'Structure model' chem_comp_atom            
3  5 'Structure model' chem_comp_bond            
4  5 'Structure model' database_2                
5  5 'Structure model' pdbx_entry_details        
6  5 'Structure model' pdbx_modification_feature 
7  5 'Structure model' pdbx_struct_conn_angle    
8  5 'Structure model' struct_conn               
9  5 'Structure model' struct_ref_seq_dif        
10 5 'Structure model' struct_site               
# 
loop_
_pdbx_audit_revision_item.ordinal 
_pdbx_audit_revision_item.revision_ordinal 
_pdbx_audit_revision_item.data_content_type 
_pdbx_audit_revision_item.item 
1  4 'Structure model' '_software.classification'                    
2  4 'Structure model' '_software.contact_author'                    
3  4 'Structure model' '_software.contact_author_email'              
4  4 'Structure model' '_software.date'                              
5  4 'Structure model' '_software.language'                          
6  4 'Structure model' '_software.location'                          
7  4 'Structure model' '_software.name'                              
8  4 'Structure model' '_software.type'                              
9  4 'Structure model' '_software.version'                           
10 5 'Structure model' '_database_2.pdbx_DOI'                        
11 5 'Structure model' '_database_2.pdbx_database_accession'         
12 5 'Structure model' '_pdbx_struct_conn_angle.ptnr1_auth_comp_id'  
13 5 'Structure model' '_pdbx_struct_conn_angle.ptnr1_auth_seq_id'   
14 5 'Structure model' '_pdbx_struct_conn_angle.ptnr1_label_asym_id' 
15 5 'Structure model' '_pdbx_struct_conn_angle.ptnr1_label_atom_id' 
16 5 'Structure model' '_pdbx_struct_conn_angle.ptnr1_label_comp_id' 
17 5 'Structure model' '_pdbx_struct_conn_angle.ptnr1_label_seq_id'  
18 5 'Structure model' '_pdbx_struct_conn_angle.ptnr3_auth_comp_id'  
19 5 'Structure model' '_pdbx_struct_conn_angle.ptnr3_auth_seq_id'   
20 5 'Structure model' '_pdbx_struct_conn_angle.ptnr3_label_asym_id' 
21 5 'Structure model' '_pdbx_struct_conn_angle.ptnr3_label_atom_id' 
22 5 'Structure model' '_pdbx_struct_conn_angle.ptnr3_label_comp_id' 
23 5 'Structure model' '_pdbx_struct_conn_angle.ptnr3_label_seq_id'  
24 5 'Structure model' '_pdbx_struct_conn_angle.value'               
25 5 'Structure model' '_struct_conn.pdbx_dist_value'                
26 5 'Structure model' '_struct_conn.ptnr1_auth_comp_id'             
27 5 'Structure model' '_struct_conn.ptnr1_auth_seq_id'              
28 5 'Structure model' '_struct_conn.ptnr1_label_asym_id'            
29 5 'Structure model' '_struct_conn.ptnr1_label_atom_id'            
30 5 'Structure model' '_struct_conn.ptnr1_label_comp_id'            
31 5 'Structure model' '_struct_conn.ptnr1_label_seq_id'             
32 5 'Structure model' '_struct_conn.ptnr2_auth_comp_id'             
33 5 'Structure model' '_struct_conn.ptnr2_auth_seq_id'              
34 5 'Structure model' '_struct_conn.ptnr2_label_asym_id'            
35 5 'Structure model' '_struct_conn.ptnr2_label_atom_id'            
36 5 'Structure model' '_struct_conn.ptnr2_label_comp_id'            
37 5 'Structure model' '_struct_conn.ptnr2_label_seq_id'             
38 5 'Structure model' '_struct_ref_seq_dif.details'                 
39 5 'Structure model' '_struct_site.pdbx_auth_asym_id'              
40 5 'Structure model' '_struct_site.pdbx_auth_comp_id'              
41 5 'Structure model' '_struct_site.pdbx_auth_seq_id'               
# 
_pdbx_database_status.entry_id                        1ZD0 
_pdbx_database_status.deposit_site                    RCSB 
_pdbx_database_status.process_site                    RCSB 
_pdbx_database_status.recvd_initial_deposition_date   2005-04-13 
_pdbx_database_status.status_code                     REL 
_pdbx_database_status.status_code_sf                  REL 
_pdbx_database_status.status_code_mr                  ? 
_pdbx_database_status.SG_entry                        Y 
_pdbx_database_status.pdb_format_compatible           Y 
_pdbx_database_status.status_code_cs                  ? 
_pdbx_database_status.methods_development_category    ? 
_pdbx_database_status.status_code_nmr_data            ? 
# 
_pdbx_database_related.db_name        TargetDB 
_pdbx_database_related.db_id          Pfu-542154-001 
_pdbx_database_related.details        . 
_pdbx_database_related.content_type   unspecified 
# 
loop_
_audit_author.name 
_audit_author.pdbx_ordinal 
'Habel, J.E.'                                             1  
'Liu, Z.J.'                                               2  
'Horanyi, P.S.'                                           3  
'Florence, Q.J.T.'                                        4  
'Tempel, W.'                                              5  
'Zhou, W.'                                                6  
'Chen, L.'                                                7  
'Lee, D.'                                                 8  
'Nguyen, J.'                                              9  
'Chang, S.H.'                                             10 
'Bereton, P.'                                             11 
'Izumi, M.'                                               12 
'Jenny Jr., F.E.'                                         13 
'Poole II, F.L.'                                          14 
'Shah, C.'                                                15 
'Sugar, F.J.'                                             16 
'Adams, M.W.W.'                                           17 
'Rose, J.P.'                                              18 
'Wang, B.C.'                                              19 
'Southeast Collaboratory for Structural Genomics (SECSG)' 20 
# 
_citation.id                        primary 
_citation.title                     'Crystal structure of Pfu-542154 conserved hypothetical protein' 
_citation.journal_abbrev            'To be Published' 
_citation.journal_volume            ? 
_citation.page_first                ? 
_citation.page_last                 ? 
_citation.year                      ? 
_citation.journal_id_ASTM           ? 
_citation.country                   ? 
_citation.journal_id_ISSN           ? 
_citation.journal_id_CSD            0353 
_citation.book_publisher            ? 
_citation.pdbx_database_id_PubMed   ? 
_citation.pdbx_database_id_DOI      ? 
# 
loop_
_citation_author.citation_id 
_citation_author.name 
_citation_author.ordinal 
_citation_author.identifier_ORCID 
primary 'Habel, J.E.'      1  ? 
primary 'Liu, Z.J.'        2  ? 
primary 'Horanyi, P.S.'    3  ? 
primary 'Florence, Q.J.T.' 4  ? 
primary 'Tempel, W.'       5  ? 
primary 'Zhou, W.'         6  ? 
primary 'Chen, L.'         7  ? 
primary 'Lee, D.'          8  ? 
primary 'Nguyen, J.'       9  ? 
primary 'Chang, S.H.'      10 ? 
primary 'Bereton, P.'      11 ? 
primary 'Izumi, M.'        12 ? 
primary 'Jenny Jr., F.E.'  13 ? 
primary 'Poole II, F.L.'   14 ? 
primary 'Shah, C.'         15 ? 
primary 'Sugar, F.J.'      16 ? 
primary 'Adams, M.W.W.'    17 ? 
primary 'Rose, J.P.'       18 ? 
primary 'Wang, B.C.'       19 ? 
# 
loop_
_entity.id 
_entity.type 
_entity.src_method 
_entity.pdbx_description 
_entity.formula_weight 
_entity.pdbx_number_of_molecules 
_entity.pdbx_ec 
_entity.pdbx_mutation 
_entity.pdbx_fragment 
_entity.details 
1 polymer     man 'hypothetical protein PF0523' 16851.504 1  ? ? ? ? 
2 non-polymer syn 'MAGNESIUM ION'               24.305    1  ? ? ? ? 
3 non-polymer syn 'UNKNOWN ATOM OR ION'         ?         13 ? ? ? ? 
4 non-polymer syn METHANOL                      32.042    3  ? ? ? ? 
5 water       nat water                         18.015    93 ? ? ? ? 
# 
_entity_poly.entity_id                      1 
_entity_poly.type                           'polypeptide(L)' 
_entity_poly.nstd_linkage                   no 
_entity_poly.nstd_monomer                   no 
_entity_poly.pdbx_seq_one_letter_code       
;AHHHHHHGSLEIRTKVGEICISKVWLTDEQINKLFDRFKGDYQVVNAECADKVIFATIIAIKAVKEGRSIAKTVPGEILV
RLSGNRQIKEAIKKVGAKEGENYIVTFGENASALLQKILSTLEIKELELERCDLEYAKKAFEDIAIIEAL
;
_entity_poly.pdbx_seq_one_letter_code_can   
;AHHHHHHGSLEIRTKVGEICISKVWLTDEQINKLFDRFKGDYQVVNAECADKVIFATIIAIKAVKEGRSIAKTVPGEILV
RLSGNRQIKEAIKKVGAKEGENYIVTFGENASALLQKILSTLEIKELELERCDLEYAKKAFEDIAIIEAL
;
_entity_poly.pdbx_strand_id                 A 
_entity_poly.pdbx_target_identifier         Pfu-542154-001 
# 
loop_
_pdbx_entity_nonpoly.entity_id 
_pdbx_entity_nonpoly.name 
_pdbx_entity_nonpoly.comp_id 
2 'MAGNESIUM ION'       MG  
3 'UNKNOWN ATOM OR ION' UNX 
4 METHANOL              MOH 
5 water                 HOH 
# 
loop_
_entity_poly_seq.entity_id 
_entity_poly_seq.num 
_entity_poly_seq.mon_id 
_entity_poly_seq.hetero 
1 1   ALA n 
1 2   HIS n 
1 3   HIS n 
1 4   HIS n 
1 5   HIS n 
1 6   HIS n 
1 7   HIS n 
1 8   GLY n 
1 9   SER n 
1 10  LEU n 
1 11  GLU n 
1 12  ILE n 
1 13  ARG n 
1 14  THR n 
1 15  LYS n 
1 16  VAL n 
1 17  GLY n 
1 18  GLU n 
1 19  ILE n 
1 20  CYS n 
1 21  ILE n 
1 22  SER n 
1 23  LYS n 
1 24  VAL n 
1 25  TRP n 
1 26  LEU n 
1 27  THR n 
1 28  ASP n 
1 29  GLU n 
1 30  GLN n 
1 31  ILE n 
1 32  ASN n 
1 33  LYS n 
1 34  LEU n 
1 35  PHE n 
1 36  ASP n 
1 37  ARG n 
1 38  PHE n 
1 39  LYS n 
1 40  GLY n 
1 41  ASP n 
1 42  TYR n 
1 43  GLN n 
1 44  VAL n 
1 45  VAL n 
1 46  ASN n 
1 47  ALA n 
1 48  GLU n 
1 49  CYS n 
1 50  ALA n 
1 51  ASP n 
1 52  LYS n 
1 53  VAL n 
1 54  ILE n 
1 55  PHE n 
1 56  ALA n 
1 57  THR n 
1 58  ILE n 
1 59  ILE n 
1 60  ALA n 
1 61  ILE n 
1 62  LYS n 
1 63  ALA n 
1 64  VAL n 
1 65  LYS n 
1 66  GLU n 
1 67  GLY n 
1 68  ARG n 
1 69  SER n 
1 70  ILE n 
1 71  ALA n 
1 72  LYS n 
1 73  THR n 
1 74  VAL n 
1 75  PRO n 
1 76  GLY n 
1 77  GLU n 
1 78  ILE n 
1 79  LEU n 
1 80  VAL n 
1 81  ARG n 
1 82  LEU n 
1 83  SER n 
1 84  GLY n 
1 85  ASN n 
1 86  ARG n 
1 87  GLN n 
1 88  ILE n 
1 89  LYS n 
1 90  GLU n 
1 91  ALA n 
1 92  ILE n 
1 93  LYS n 
1 94  LYS n 
1 95  VAL n 
1 96  GLY n 
1 97  ALA n 
1 98  LYS n 
1 99  GLU n 
1 100 GLY n 
1 101 GLU n 
1 102 ASN n 
1 103 TYR n 
1 104 ILE n 
1 105 VAL n 
1 106 THR n 
1 107 PHE n 
1 108 GLY n 
1 109 GLU n 
1 110 ASN n 
1 111 ALA n 
1 112 SER n 
1 113 ALA n 
1 114 LEU n 
1 115 LEU n 
1 116 GLN n 
1 117 LYS n 
1 118 ILE n 
1 119 LEU n 
1 120 SER n 
1 121 THR n 
1 122 LEU n 
1 123 GLU n 
1 124 ILE n 
1 125 LYS n 
1 126 GLU n 
1 127 LEU n 
1 128 GLU n 
1 129 LEU n 
1 130 GLU n 
1 131 ARG n 
1 132 CYS n 
1 133 ASP n 
1 134 LEU n 
1 135 GLU n 
1 136 TYR n 
1 137 ALA n 
1 138 LYS n 
1 139 LYS n 
1 140 ALA n 
1 141 PHE n 
1 142 GLU n 
1 143 ASP n 
1 144 ILE n 
1 145 ALA n 
1 146 ILE n 
1 147 ILE n 
1 148 GLU n 
1 149 ALA n 
1 150 LEU n 
# 
_entity_src_gen.entity_id                          1 
_entity_src_gen.pdbx_src_id                        1 
_entity_src_gen.pdbx_alt_source_flag               sample 
_entity_src_gen.pdbx_seq_type                      ? 
_entity_src_gen.pdbx_beg_seq_num                   ? 
_entity_src_gen.pdbx_end_seq_num                   ? 
_entity_src_gen.gene_src_common_name               ? 
_entity_src_gen.gene_src_genus                     Pyrococcus 
_entity_src_gen.pdbx_gene_src_gene                 PF0523 
_entity_src_gen.gene_src_species                   ? 
_entity_src_gen.gene_src_strain                    ? 
_entity_src_gen.gene_src_tissue                    ? 
_entity_src_gen.gene_src_tissue_fraction           ? 
_entity_src_gen.gene_src_details                   ? 
_entity_src_gen.pdbx_gene_src_fragment             ? 
_entity_src_gen.pdbx_gene_src_scientific_name      'Pyrococcus furiosus' 
_entity_src_gen.pdbx_gene_src_ncbi_taxonomy_id     2261 
_entity_src_gen.pdbx_gene_src_variant              ? 
_entity_src_gen.pdbx_gene_src_cell_line            ? 
_entity_src_gen.pdbx_gene_src_atcc                 ? 
_entity_src_gen.pdbx_gene_src_organ                ? 
_entity_src_gen.pdbx_gene_src_organelle            ? 
_entity_src_gen.pdbx_gene_src_cell                 ? 
_entity_src_gen.pdbx_gene_src_cellular_location    ? 
_entity_src_gen.host_org_common_name               ? 
_entity_src_gen.pdbx_host_org_scientific_name      'Escherichia coli BL21(DE3)' 
_entity_src_gen.pdbx_host_org_ncbi_taxonomy_id     469008 
_entity_src_gen.host_org_genus                     Escherichia 
_entity_src_gen.pdbx_host_org_gene                 ? 
_entity_src_gen.pdbx_host_org_organ                ? 
_entity_src_gen.host_org_species                   'Escherichia coli' 
_entity_src_gen.pdbx_host_org_tissue               ? 
_entity_src_gen.pdbx_host_org_tissue_fraction      ? 
_entity_src_gen.pdbx_host_org_strain               'BL21(DE3)' 
_entity_src_gen.pdbx_host_org_variant              ? 
_entity_src_gen.pdbx_host_org_cell_line            ? 
_entity_src_gen.pdbx_host_org_atcc                 ? 
_entity_src_gen.pdbx_host_org_culture_collection   ? 
_entity_src_gen.pdbx_host_org_cell                 ? 
_entity_src_gen.pdbx_host_org_organelle            ? 
_entity_src_gen.pdbx_host_org_cellular_location    ? 
_entity_src_gen.pdbx_host_org_vector_type          plasmid 
_entity_src_gen.pdbx_host_org_vector               ? 
_entity_src_gen.host_org_details                   ? 
_entity_src_gen.expression_system_id               ? 
_entity_src_gen.plasmid_name                       'pET24 DBAM' 
_entity_src_gen.plasmid_details                    ? 
_entity_src_gen.pdbx_description                   ? 
# 
loop_
_chem_comp.id 
_chem_comp.type 
_chem_comp.mon_nstd_flag 
_chem_comp.name 
_chem_comp.pdbx_synonyms 
_chem_comp.formula 
_chem_comp.formula_weight 
ALA 'L-peptide linking' y ALANINE               ? 'C3 H7 N O2'     89.093  
ARG 'L-peptide linking' y ARGININE              ? 'C6 H15 N4 O2 1' 175.209 
ASN 'L-peptide linking' y ASPARAGINE            ? 'C4 H8 N2 O3'    132.118 
ASP 'L-peptide linking' y 'ASPARTIC ACID'       ? 'C4 H7 N O4'     133.103 
CYS 'L-peptide linking' y CYSTEINE              ? 'C3 H7 N O2 S'   121.158 
GLN 'L-peptide linking' y GLUTAMINE             ? 'C5 H10 N2 O3'   146.144 
GLU 'L-peptide linking' y 'GLUTAMIC ACID'       ? 'C5 H9 N O4'     147.129 
GLY 'peptide linking'   y GLYCINE               ? 'C2 H5 N O2'     75.067  
HIS 'L-peptide linking' y HISTIDINE             ? 'C6 H10 N3 O2 1' 156.162 
HOH non-polymer         . WATER                 ? 'H2 O'           18.015  
ILE 'L-peptide linking' y ISOLEUCINE            ? 'C6 H13 N O2'    131.173 
LEU 'L-peptide linking' y LEUCINE               ? 'C6 H13 N O2'    131.173 
LYS 'L-peptide linking' y LYSINE                ? 'C6 H15 N2 O2 1' 147.195 
MG  non-polymer         . 'MAGNESIUM ION'       ? 'Mg 2'           24.305  
MOH non-polymer         . METHANOL              ? 'C H4 O'         32.042  
PHE 'L-peptide linking' y PHENYLALANINE         ? 'C9 H11 N O2'    165.189 
PRO 'L-peptide linking' y PROLINE               ? 'C5 H9 N O2'     115.130 
SER 'L-peptide linking' y SERINE                ? 'C3 H7 N O3'     105.093 
THR 'L-peptide linking' y THREONINE             ? 'C4 H9 N O3'     119.119 
TRP 'L-peptide linking' y TRYPTOPHAN            ? 'C11 H12 N2 O2'  204.225 
TYR 'L-peptide linking' y TYROSINE              ? 'C9 H11 N O3'    181.189 
UNX non-polymer         . 'UNKNOWN ATOM OR ION' ? ?                ?       
VAL 'L-peptide linking' y VALINE                ? 'C5 H11 N O2'    117.146 
# 
loop_
_pdbx_poly_seq_scheme.asym_id 
_pdbx_poly_seq_scheme.entity_id 
_pdbx_poly_seq_scheme.seq_id 
_pdbx_poly_seq_scheme.mon_id 
_pdbx_poly_seq_scheme.ndb_seq_num 
_pdbx_poly_seq_scheme.pdb_seq_num 
_pdbx_poly_seq_scheme.auth_seq_num 
_pdbx_poly_seq_scheme.pdb_mon_id 
_pdbx_poly_seq_scheme.auth_mon_id 
_pdbx_poly_seq_scheme.pdb_strand_id 
_pdbx_poly_seq_scheme.pdb_ins_code 
_pdbx_poly_seq_scheme.hetero 
A 1 1   ALA 1   0   ?   ?   ?   A . n 
A 1 2   HIS 2   1   ?   ?   ?   A . n 
A 1 3   HIS 3   2   ?   ?   ?   A . n 
A 1 4   HIS 4   3   ?   ?   ?   A . n 
A 1 5   HIS 5   4   4   HIS HIS A . n 
A 1 6   HIS 6   5   5   HIS HIS A . n 
A 1 7   HIS 7   6   6   HIS HIS A . n 
A 1 8   GLY 8   7   7   GLY GLY A . n 
A 1 9   SER 9   8   8   SER SER A . n 
A 1 10  LEU 10  9   9   LEU LEU A . n 
A 1 11  GLU 11  10  10  GLU GLU A . n 
A 1 12  ILE 12  11  11  ILE ILE A . n 
A 1 13  ARG 13  12  12  ARG ARG A . n 
A 1 14  THR 14  13  13  THR THR A . n 
A 1 15  LYS 15  14  14  LYS LYS A . n 
A 1 16  VAL 16  15  15  VAL VAL A . n 
A 1 17  GLY 17  16  16  GLY GLY A . n 
A 1 18  GLU 18  17  17  GLU GLU A . n 
A 1 19  ILE 19  18  18  ILE ILE A . n 
A 1 20  CYS 20  19  19  CYS CYS A . n 
A 1 21  ILE 21  20  20  ILE ILE A . n 
A 1 22  SER 22  21  21  SER SER A . n 
A 1 23  LYS 23  22  22  LYS LYS A . n 
A 1 24  VAL 24  23  23  VAL VAL A . n 
A 1 25  TRP 25  24  24  TRP TRP A . n 
A 1 26  LEU 26  25  25  LEU LEU A . n 
A 1 27  THR 27  26  26  THR THR A . n 
A 1 28  ASP 28  27  27  ASP ASP A . n 
A 1 29  GLU 29  28  28  GLU GLU A . n 
A 1 30  GLN 30  29  29  GLN GLN A . n 
A 1 31  ILE 31  30  30  ILE ILE A . n 
A 1 32  ASN 32  31  31  ASN ASN A . n 
A 1 33  LYS 33  32  32  LYS LYS A . n 
A 1 34  LEU 34  33  33  LEU LEU A . n 
A 1 35  PHE 35  34  34  PHE PHE A . n 
A 1 36  ASP 36  35  35  ASP ASP A . n 
A 1 37  ARG 37  36  36  ARG ARG A . n 
A 1 38  PHE 38  37  37  PHE PHE A . n 
A 1 39  LYS 39  38  38  LYS LYS A . n 
A 1 40  GLY 40  39  39  GLY GLY A . n 
A 1 41  ASP 41  40  40  ASP ASP A . n 
A 1 42  TYR 42  41  41  TYR TYR A . n 
A 1 43  GLN 43  42  42  GLN GLN A . n 
A 1 44  VAL 44  43  43  VAL VAL A . n 
A 1 45  VAL 45  44  44  VAL VAL A . n 
A 1 46  ASN 46  45  45  ASN ASN A . n 
A 1 47  ALA 47  46  46  ALA ALA A . n 
A 1 48  GLU 48  47  47  GLU GLU A . n 
A 1 49  CYS 49  48  48  CYS CYS A . n 
A 1 50  ALA 50  49  49  ALA ALA A . n 
A 1 51  ASP 51  50  50  ASP ASP A . n 
A 1 52  LYS 52  51  51  LYS LYS A . n 
A 1 53  VAL 53  52  52  VAL VAL A . n 
A 1 54  ILE 54  53  53  ILE ILE A . n 
A 1 55  PHE 55  54  54  PHE PHE A . n 
A 1 56  ALA 56  55  55  ALA ALA A . n 
A 1 57  THR 57  56  56  THR THR A . n 
A 1 58  ILE 58  57  57  ILE ILE A . n 
A 1 59  ILE 59  58  58  ILE ILE A . n 
A 1 60  ALA 60  59  59  ALA ALA A . n 
A 1 61  ILE 61  60  60  ILE ILE A . n 
A 1 62  LYS 62  61  61  LYS LYS A . n 
A 1 63  ALA 63  62  62  ALA ALA A . n 
A 1 64  VAL 64  63  63  VAL VAL A . n 
A 1 65  LYS 65  64  64  LYS LYS A . n 
A 1 66  GLU 66  65  65  GLU GLU A . n 
A 1 67  GLY 67  66  66  GLY GLY A . n 
A 1 68  ARG 68  67  67  ARG ARG A . n 
A 1 69  SER 69  68  68  SER SER A . n 
A 1 70  ILE 70  69  69  ILE ILE A . n 
A 1 71  ALA 71  70  70  ALA ALA A . n 
A 1 72  LYS 72  71  71  LYS LYS A . n 
A 1 73  THR 73  72  72  THR THR A . n 
A 1 74  VAL 74  73  73  VAL VAL A . n 
A 1 75  PRO 75  74  74  PRO PRO A . n 
A 1 76  GLY 76  75  75  GLY GLY A . n 
A 1 77  GLU 77  76  76  GLU GLU A . n 
A 1 78  ILE 78  77  77  ILE ILE A . n 
A 1 79  LEU 79  78  78  LEU LEU A . n 
A 1 80  VAL 80  79  79  VAL VAL A . n 
A 1 81  ARG 81  80  80  ARG ARG A . n 
A 1 82  LEU 82  81  81  LEU LEU A . n 
A 1 83  SER 83  82  82  SER SER A . n 
A 1 84  GLY 84  83  83  GLY GLY A . n 
A 1 85  ASN 85  84  84  ASN ASN A . n 
A 1 86  ARG 86  85  85  ARG ARG A . n 
A 1 87  GLN 87  86  86  GLN GLN A . n 
A 1 88  ILE 88  87  87  ILE ILE A . n 
A 1 89  LYS 89  88  88  LYS LYS A . n 
A 1 90  GLU 90  89  89  GLU GLU A . n 
A 1 91  ALA 91  90  90  ALA ALA A . n 
A 1 92  ILE 92  91  91  ILE ILE A . n 
A 1 93  LYS 93  92  92  LYS LYS A . n 
A 1 94  LYS 94  93  93  LYS LYS A . n 
A 1 95  VAL 95  94  94  VAL VAL A . n 
A 1 96  GLY 96  95  95  GLY GLY A . n 
A 1 97  ALA 97  96  96  ALA ALA A . n 
A 1 98  LYS 98  97  97  LYS LYS A . n 
A 1 99  GLU 99  98  98  GLU GLU A . n 
A 1 100 GLY 100 99  99  GLY GLY A . n 
A 1 101 GLU 101 100 100 GLU GLU A . n 
A 1 102 ASN 102 101 101 ASN ASN A . n 
A 1 103 TYR 103 102 102 TYR TYR A . n 
A 1 104 ILE 104 103 103 ILE ILE A . n 
A 1 105 VAL 105 104 104 VAL VAL A . n 
A 1 106 THR 106 105 105 THR THR A . n 
A 1 107 PHE 107 106 106 PHE PHE A . n 
A 1 108 GLY 108 107 107 GLY GLY A . n 
A 1 109 GLU 109 108 108 GLU GLU A . n 
A 1 110 ASN 110 109 109 ASN ASN A . n 
A 1 111 ALA 111 110 110 ALA ALA A . n 
A 1 112 SER 112 111 111 SER SER A . n 
A 1 113 ALA 113 112 112 ALA ALA A . n 
A 1 114 LEU 114 113 113 LEU LEU A . n 
A 1 115 LEU 115 114 114 LEU LEU A . n 
A 1 116 GLN 116 115 115 GLN GLN A . n 
A 1 117 LYS 117 116 116 LYS LYS A . n 
A 1 118 ILE 118 117 117 ILE ILE A . n 
A 1 119 LEU 119 118 118 LEU LEU A . n 
A 1 120 SER 120 119 119 SER SER A . n 
A 1 121 THR 121 120 120 THR THR A . n 
A 1 122 LEU 122 121 121 LEU LEU A . n 
A 1 123 GLU 123 122 122 GLU GLU A . n 
A 1 124 ILE 124 123 123 ILE ILE A . n 
A 1 125 LYS 125 124 124 LYS LYS A . n 
A 1 126 GLU 126 125 125 GLU GLU A . n 
A 1 127 LEU 127 126 126 LEU LEU A . n 
A 1 128 GLU 128 127 127 GLU GLU A . n 
A 1 129 LEU 129 128 128 LEU LEU A . n 
A 1 130 GLU 130 129 129 GLU GLU A . n 
A 1 131 ARG 131 130 130 ARG ARG A . n 
A 1 132 CYS 132 131 131 CYS CYS A . n 
A 1 133 ASP 133 132 132 ASP ASP A . n 
A 1 134 LEU 134 133 133 LEU LEU A . n 
A 1 135 GLU 135 134 134 GLU GLU A . n 
A 1 136 TYR 136 135 135 TYR TYR A . n 
A 1 137 ALA 137 136 136 ALA ALA A . n 
A 1 138 LYS 138 137 137 LYS LYS A . n 
A 1 139 LYS 139 138 138 LYS LYS A . n 
A 1 140 ALA 140 139 139 ALA ALA A . n 
A 1 141 PHE 141 140 140 PHE PHE A . n 
A 1 142 GLU 142 141 141 GLU GLU A . n 
A 1 143 ASP 143 142 142 ASP ASP A . n 
A 1 144 ILE 144 143 143 ILE ILE A . n 
A 1 145 ALA 145 144 144 ALA ALA A . n 
A 1 146 ILE 146 145 ?   ?   ?   A . n 
A 1 147 ILE 147 146 ?   ?   ?   A . n 
A 1 148 GLU 148 147 ?   ?   ?   A . n 
A 1 149 ALA 149 148 ?   ?   ?   A . n 
A 1 150 LEU 150 149 ?   ?   ?   A . n 
# 
loop_
_pdbx_nonpoly_scheme.asym_id 
_pdbx_nonpoly_scheme.entity_id 
_pdbx_nonpoly_scheme.mon_id 
_pdbx_nonpoly_scheme.ndb_seq_num 
_pdbx_nonpoly_scheme.pdb_seq_num 
_pdbx_nonpoly_scheme.auth_seq_num 
_pdbx_nonpoly_scheme.pdb_mon_id 
_pdbx_nonpoly_scheme.auth_mon_id 
_pdbx_nonpoly_scheme.pdb_strand_id 
_pdbx_nonpoly_scheme.pdb_ins_code 
B 2 MG  1  200 200 MG  MG  A . 
C 3 UNX 1  401 401 UNX UNX A . 
D 3 UNX 1  402 402 UNX UNX A . 
E 3 UNX 1  403 403 UNX UNX A . 
F 3 UNX 1  404 404 UNX UNX A . 
G 3 UNX 1  405 405 UNX UNX A . 
H 3 UNX 1  406 406 UNX UNX A . 
I 3 UNX 1  407 407 UNX UNX A . 
J 3 UNX 1  408 408 UNX UNX A . 
K 3 UNX 1  409 409 UNX UNX A . 
L 3 UNX 1  410 410 UNX UNX A . 
M 3 UNX 1  411 411 UNX UNX A . 
N 3 UNX 1  412 412 UNX UNX A . 
O 3 UNX 1  413 413 UNX UNX A . 
P 4 MOH 1  301 301 MOH MOH A . 
Q 4 MOH 1  302 302 MOH MOH A . 
R 4 MOH 1  303 303 MOH MOH A . 
S 5 HOH 1  414 1   HOH HOH A . 
S 5 HOH 2  415 2   HOH HOH A . 
S 5 HOH 3  416 3   HOH HOH A . 
S 5 HOH 4  417 4   HOH HOH A . 
S 5 HOH 5  418 5   HOH HOH A . 
S 5 HOH 6  419 6   HOH HOH A . 
S 5 HOH 7  420 7   HOH HOH A . 
S 5 HOH 8  421 8   HOH HOH A . 
S 5 HOH 9  422 9   HOH HOH A . 
S 5 HOH 10 423 10  HOH HOH A . 
S 5 HOH 11 424 11  HOH HOH A . 
S 5 HOH 12 425 12  HOH HOH A . 
S 5 HOH 13 426 13  HOH HOH A . 
S 5 HOH 14 427 14  HOH HOH A . 
S 5 HOH 15 428 15  HOH HOH A . 
S 5 HOH 16 429 16  HOH HOH A . 
S 5 HOH 17 430 17  HOH HOH A . 
S 5 HOH 18 431 18  HOH HOH A . 
S 5 HOH 19 432 19  HOH HOH A . 
S 5 HOH 20 433 20  HOH HOH A . 
S 5 HOH 21 434 21  HOH HOH A . 
S 5 HOH 22 435 22  HOH HOH A . 
S 5 HOH 23 436 23  HOH HOH A . 
S 5 HOH 24 437 24  HOH HOH A . 
S 5 HOH 25 438 25  HOH HOH A . 
S 5 HOH 26 439 26  HOH HOH A . 
S 5 HOH 27 440 27  HOH HOH A . 
S 5 HOH 28 441 28  HOH HOH A . 
S 5 HOH 29 442 29  HOH HOH A . 
S 5 HOH 30 443 30  HOH HOH A . 
S 5 HOH 31 444 31  HOH HOH A . 
S 5 HOH 32 445 32  HOH HOH A . 
S 5 HOH 33 446 33  HOH HOH A . 
S 5 HOH 34 447 34  HOH HOH A . 
S 5 HOH 35 448 35  HOH HOH A . 
S 5 HOH 36 449 36  HOH HOH A . 
S 5 HOH 37 450 37  HOH HOH A . 
S 5 HOH 38 451 38  HOH HOH A . 
S 5 HOH 39 452 39  HOH HOH A . 
S 5 HOH 40 453 40  HOH HOH A . 
S 5 HOH 41 454 41  HOH HOH A . 
S 5 HOH 42 455 42  HOH HOH A . 
S 5 HOH 43 456 43  HOH HOH A . 
S 5 HOH 44 457 44  HOH HOH A . 
S 5 HOH 45 458 45  HOH HOH A . 
S 5 HOH 46 459 46  HOH HOH A . 
S 5 HOH 47 460 47  HOH HOH A . 
S 5 HOH 48 461 48  HOH HOH A . 
S 5 HOH 49 462 49  HOH HOH A . 
S 5 HOH 50 463 50  HOH HOH A . 
S 5 HOH 51 464 51  HOH HOH A . 
S 5 HOH 52 465 52  HOH HOH A . 
S 5 HOH 53 466 53  HOH HOH A . 
S 5 HOH 54 467 54  HOH HOH A . 
S 5 HOH 55 468 55  HOH HOH A . 
S 5 HOH 56 469 56  HOH HOH A . 
S 5 HOH 57 470 57  HOH HOH A . 
S 5 HOH 58 471 58  HOH HOH A . 
S 5 HOH 59 472 59  HOH HOH A . 
S 5 HOH 60 473 60  HOH HOH A . 
S 5 HOH 61 474 61  HOH HOH A . 
S 5 HOH 62 475 62  HOH HOH A . 
S 5 HOH 63 476 63  HOH HOH A . 
S 5 HOH 64 477 64  HOH HOH A . 
S 5 HOH 65 478 65  HOH HOH A . 
S 5 HOH 66 479 66  HOH HOH A . 
S 5 HOH 67 480 67  HOH HOH A . 
S 5 HOH 68 481 68  HOH HOH A . 
S 5 HOH 69 482 69  HOH HOH A . 
S 5 HOH 70 483 70  HOH HOH A . 
S 5 HOH 71 484 71  HOH HOH A . 
S 5 HOH 72 485 72  HOH HOH A . 
S 5 HOH 73 486 73  HOH HOH A . 
S 5 HOH 74 487 74  HOH HOH A . 
S 5 HOH 75 488 75  HOH HOH A . 
S 5 HOH 76 489 76  HOH HOH A . 
S 5 HOH 77 490 77  HOH HOH A . 
S 5 HOH 78 491 78  HOH HOH A . 
S 5 HOH 79 492 79  HOH HOH A . 
S 5 HOH 80 493 80  HOH HOH A . 
S 5 HOH 81 494 81  HOH HOH A . 
S 5 HOH 82 495 82  HOH HOH A . 
S 5 HOH 83 496 83  HOH HOH A . 
S 5 HOH 84 497 84  HOH HOH A . 
S 5 HOH 85 498 85  HOH HOH A . 
S 5 HOH 86 499 86  HOH HOH A . 
S 5 HOH 87 500 87  HOH HOH A . 
S 5 HOH 88 501 89  HOH HOH A . 
S 5 HOH 89 502 91  HOH HOH A . 
S 5 HOH 90 503 92  HOH HOH A . 
S 5 HOH 91 504 94  HOH HOH A . 
S 5 HOH 92 505 97  HOH HOH A . 
S 5 HOH 93 506 98  HOH HOH A . 
# 
loop_
_pdbx_unobs_or_zero_occ_atoms.id 
_pdbx_unobs_or_zero_occ_atoms.PDB_model_num 
_pdbx_unobs_or_zero_occ_atoms.polymer_flag 
_pdbx_unobs_or_zero_occ_atoms.occupancy_flag 
_pdbx_unobs_or_zero_occ_atoms.auth_asym_id 
_pdbx_unobs_or_zero_occ_atoms.auth_comp_id 
_pdbx_unobs_or_zero_occ_atoms.auth_seq_id 
_pdbx_unobs_or_zero_occ_atoms.PDB_ins_code 
_pdbx_unobs_or_zero_occ_atoms.auth_atom_id 
_pdbx_unobs_or_zero_occ_atoms.label_alt_id 
_pdbx_unobs_or_zero_occ_atoms.label_asym_id 
_pdbx_unobs_or_zero_occ_atoms.label_comp_id 
_pdbx_unobs_or_zero_occ_atoms.label_seq_id 
_pdbx_unobs_or_zero_occ_atoms.label_atom_id 
1  1 Y 1 A GLU 10  ? CB  ? A GLU 11  CB  
2  1 Y 1 A GLU 10  ? CG  ? A GLU 11  CG  
3  1 Y 1 A GLU 10  ? CD  ? A GLU 11  CD  
4  1 Y 1 A GLU 10  ? OE1 ? A GLU 11  OE1 
5  1 Y 1 A GLU 10  ? OE2 ? A GLU 11  OE2 
6  1 Y 1 A ILE 11  ? CB  ? A ILE 12  CB  
7  1 Y 1 A ILE 11  ? CG1 ? A ILE 12  CG1 
8  1 Y 1 A ILE 11  ? CG2 ? A ILE 12  CG2 
9  1 Y 1 A ILE 11  ? CD1 ? A ILE 12  CD1 
10 1 Y 1 A ARG 12  ? CD  ? A ARG 13  CD  
11 1 Y 1 A ARG 12  ? NE  ? A ARG 13  NE  
12 1 Y 1 A ARG 12  ? CZ  ? A ARG 13  CZ  
13 1 Y 1 A ARG 12  ? NH1 ? A ARG 13  NH1 
14 1 Y 1 A ARG 12  ? NH2 ? A ARG 13  NH2 
15 1 Y 1 A LYS 14  ? CE  ? A LYS 15  CE  
16 1 Y 1 A LYS 14  ? NZ  ? A LYS 15  NZ  
17 1 Y 1 A LYS 32  ? CE  ? A LYS 33  CE  
18 1 Y 1 A LYS 32  ? NZ  ? A LYS 33  NZ  
19 1 Y 1 A ARG 67  ? CD  ? A ARG 68  CD  
20 1 Y 1 A ARG 67  ? NE  ? A ARG 68  NE  
21 1 Y 1 A ARG 67  ? CZ  ? A ARG 68  CZ  
22 1 Y 1 A ARG 67  ? NH1 ? A ARG 68  NH1 
23 1 Y 1 A ARG 67  ? NH2 ? A ARG 68  NH2 
24 1 Y 1 A LYS 88  ? NZ  ? A LYS 89  NZ  
25 1 Y 1 A LYS 92  ? CE  ? A LYS 93  CE  
26 1 Y 1 A LYS 92  ? NZ  ? A LYS 93  NZ  
27 1 Y 1 A LYS 93  ? CD  ? A LYS 94  CD  
28 1 Y 1 A LYS 93  ? CE  ? A LYS 94  CE  
29 1 Y 1 A LYS 93  ? NZ  ? A LYS 94  NZ  
30 1 Y 1 A LYS 97  ? CD  ? A LYS 98  CD  
31 1 Y 1 A LYS 97  ? CE  ? A LYS 98  CE  
32 1 Y 1 A LYS 97  ? NZ  ? A LYS 98  NZ  
33 1 Y 1 A GLU 108 ? CB  ? A GLU 109 CB  
34 1 Y 1 A GLU 108 ? CG  ? A GLU 109 CG  
35 1 Y 1 A GLU 108 ? CD  ? A GLU 109 CD  
36 1 Y 1 A GLU 108 ? OE1 ? A GLU 109 OE1 
37 1 Y 1 A GLU 108 ? OE2 ? A GLU 109 OE2 
# 
loop_
_software.name 
_software.version 
_software.date 
_software.type 
_software.contact_author 
_software.contact_author_email 
_software.classification 
_software.location 
_software.language 
_software.citation_id 
_software.pdbx_ordinal 
DENZO     .               ?            package 'Zbyszek Otwinowski' zbyszek@mix.swmed.edu 'data reduction' 
http://www.lnls.br/infra/linhasluz/denzo-hkl.htm ?       ? 1 
SCALEPACK .               ?            package 'Zbyszek Otwinowski' zbyszek@mix.swmed.edu 'data scaling'   
http://www.lnls.br/infra/linhasluz/denzo-hkl.htm ?       ? 2 
SOLVE     2.03            20-Sept-2002 program 'Tom Terwilliger'    terwilliger@LANL.gov  phasing          
http://www.solve.lanl.gov/                       ?       ? 3 
RESOLVE   2.03            10-Aug-2002  program 'Terwilliger, T. C'  terwilliger@LANL.gov  phasing          
http://www.solve.lanl.gov/                       ?       ? 4 
REFMAC    refmac_5.2.0005 24/04/2001   program 'Murshudov, G.N.'    ccp4@dl.ac.uk         refinement       
http://www.ccp4.ac.uk/main.html                  Fortran ? 5 
# 
_cell.length_a           53.460 
_cell.length_b           53.460 
_cell.length_c           85.700 
_cell.angle_alpha        90.00 
_cell.angle_beta         90.00 
_cell.angle_gamma        120.00 
_cell.entry_id           1ZD0 
_cell.pdbx_unique_axis   ? 
_cell.Z_PDB              6 
# 
_symmetry.space_group_name_H-M             'P 31 2 1' 
_symmetry.Int_Tables_number                152 
_symmetry.entry_id                         1ZD0 
_symmetry.pdbx_full_space_group_name_H-M   ? 
_symmetry.cell_setting                     ? 
_symmetry.space_group_name_Hall            ? 
# 
_exptl.crystals_number   3 
_exptl.method            'X-RAY DIFFRACTION' 
_exptl.entry_id          1ZD0 
# 
loop_
_exptl_crystal.id 
_exptl_crystal.density_percent_sol 
_exptl_crystal.density_Matthews 
_exptl_crystal.density_meas 
_exptl_crystal.description 
_exptl_crystal.F_000 
_exptl_crystal.preparation 
1 40.8 2.1 ? ? ? ? 
2 ?    ?   ? ? ? ? 
3 ?    ?   ? ? ? ? 
# 
loop_
_exptl_crystal_grow.crystal_id 
_exptl_crystal_grow.method 
_exptl_crystal_grow.pH 
_exptl_crystal_grow.temp 
_exptl_crystal_grow.pdbx_details 
_exptl_crystal_grow.temp_details 
_exptl_crystal_grow.pdbx_pH_range 
1 'modified microbatch' 7.7 293 'Magnesium Acetate and PEG 3350, pH 7.7, modified microbatch, temperature 293K'            ? . 
2 'modified microbatch' 7.7 293 'Magnesium Acetate, Methanol, and PEG 3350, pH 7.7, modified microbatch, temperature 293K' ? . 
3 'modified microbatch' 7.7 293 'Magnesium Acetate, Methanol, and PEG 3350, pH 7.7, modified microbatch, temperature 293K' ? . 
# 
loop_
_diffrn.id 
_diffrn.ambient_temp 
_diffrn.ambient_temp_details 
_diffrn.crystal_id 
1 100 ? 1 
2 100 ? 1 
3 100 ? 1 
# 
loop_
_diffrn_detector.diffrn_id 
_diffrn_detector.detector 
_diffrn_detector.type 
_diffrn_detector.pdbx_collection_date 
_diffrn_detector.details 
1 CCD           MARRESEARCH       2004-12-17 ? 
2 'IMAGE PLATE' 'RIGAKU RAXIS IV' 2005-01-05 ? 
3 'IMAGE PLATE' 'RIGAKU RAXIS IV' 2005-03-04 ? 
# 
loop_
_diffrn_radiation.diffrn_id 
_diffrn_radiation.pdbx_diffrn_protocol 
_diffrn_radiation.wavelength_id 
_diffrn_radiation.monochromator 
_diffrn_radiation.pdbx_monochromatic_or_laue_m_l 
_diffrn_radiation.pdbx_scattering_type 
1 'SINGLE WAVELENGTH' 1 ? ? x-ray 
2 'SINGLE WAVELENGTH' 1 ? ? x-ray 
3 'SINGLE WAVELENGTH' 1 ? ? x-ray 
# 
loop_
_diffrn_radiation_wavelength.id 
_diffrn_radiation_wavelength.wavelength 
_diffrn_radiation_wavelength.wt 
1 0.97 1.0 
2 2.29 1.0 
# 
loop_
_diffrn_source.diffrn_id 
_diffrn_source.source 
_diffrn_source.type 
_diffrn_source.pdbx_wavelength_list 
_diffrn_source.pdbx_wavelength 
_diffrn_source.pdbx_synchrotron_site 
_diffrn_source.pdbx_synchrotron_beamline 
1 SYNCHROTRON      'APS BEAMLINE 22-ID'  0.97 ? APS 22-ID 
2 'ROTATING ANODE' 'RIGAKU MICROMAX-007' 2.29 ? ?   ?     
3 'ROTATING ANODE' 'RIGAKU FR-D'         2.29 ? ?   ?     
# 
_reflns.d_resolution_low             50.00 
_reflns.d_resolution_high            1.70 
_reflns.number_obs                   15870 
_reflns.percent_possible_obs         98.1 
_reflns.pdbx_Rmerge_I_obs            0.045 
_reflns.pdbx_redundancy              9.50 
_reflns.pdbx_chi_squared             1.235 
_reflns.entry_id                     1ZD0 
_reflns.observed_criterion_sigma_F   ? 
_reflns.observed_criterion_sigma_I   ? 
_reflns.number_all                   ? 
_reflns.pdbx_Rsym_value              ? 
_reflns.pdbx_netI_over_sigmaI        ? 
_reflns.B_iso_Wilson_estimate        ? 
_reflns.R_free_details               ? 
_reflns.limit_h_max                  ? 
_reflns.limit_h_min                  ? 
_reflns.limit_k_max                  ? 
_reflns.limit_k_min                  ? 
_reflns.limit_l_max                  ? 
_reflns.limit_l_min                  ? 
_reflns.observed_criterion_F_max     ? 
_reflns.observed_criterion_F_min     ? 
_reflns.pdbx_scaling_rejects         ? 
_reflns.pdbx_diffrn_id               1,2,3 
_reflns.pdbx_ordinal                 1 
# 
loop_
_reflns_shell.d_res_low 
_reflns_shell.d_res_high 
_reflns_shell.number_unique_all 
_reflns_shell.percent_possible_all 
_reflns_shell.Rmerge_I_obs 
_reflns_shell.pdbx_redundancy 
_reflns_shell.pdbx_chi_squared 
_reflns_shell.number_unique_obs 
_reflns_shell.meanI_over_sigI_obs 
_reflns_shell.pdbx_Rsym_value 
_reflns_shell.percent_possible_obs 
_reflns_shell.number_measured_all 
_reflns_shell.number_measured_obs 
_reflns_shell.pdbx_diffrn_id 
_reflns_shell.pdbx_ordinal 
1.76  1.70 1344 85.1  0.21  4.3  1.161 ? ? ? ? ? ? ? 1  
1.83  1.76 1531 96.6  0.191 6.8  1.020 ? ? ? ? ? ? ? 2  
1.91  1.83 1599 99.9  0.141 9.4  1.074 ? ? ? ? ? ? ? 3  
2.02  1.91 1588 100.0 0.101 10.6 1.074 ? ? ? ? ? ? ? 4  
2.14  2.02 1613 100.0 0.077 10.8 1.183 ? ? ? ? ? ? ? 5  
2.31  2.14 1573 99.9  0.06  10.8 1.218 ? ? ? ? ? ? ? 6  
2.54  2.31 1618 100.0 0.051 10.8 1.252 ? ? ? ? ? ? ? 7  
2.91  2.54 1616 100.0 0.046 10.7 1.411 ? ? ? ? ? ? ? 8  
3.66  2.91 1643 100.0 0.04  10.6 1.533 ? ? ? ? ? ? ? 9  
50.00 3.66 1745 99.2  0.036 9.8  1.249 ? ? ? ? ? ? ? 10 
# 
_refine.ls_d_res_high                            1.700 
_refine.ls_d_res_low                             46.270 
_refine.pdbx_ls_sigma_F                          ? 
_refine.ls_percent_reflns_obs                    98.150 
_refine.ls_number_reflns_obs                     15838 
_refine.pdbx_ls_cross_valid_method               THROUGHOUT 
_refine.pdbx_R_Free_selection_details            RANDOM 
_refine.ls_R_factor_all                          0.205 
_refine.ls_R_factor_R_work                       0.202 
_refine.ls_R_factor_R_free                       0.252 
_refine.ls_percent_reflns_R_free                 5.000 
_refine.ls_number_reflns_R_free                  797 
_refine.B_iso_mean                               30.738 
_refine.aniso_B[1][1]                            -0.130 
_refine.aniso_B[2][2]                            -0.130 
_refine.aniso_B[3][3]                            0.200 
_refine.aniso_B[1][2]                            -0.070 
_refine.aniso_B[1][3]                            0.000 
_refine.aniso_B[2][3]                            0.000 
_refine.correlation_coeff_Fo_to_Fc               0.955 
_refine.correlation_coeff_Fo_to_Fc_free          0.924 
_refine.overall_SU_R_Cruickshank_DPI             0.124 
_refine.pdbx_overall_ESU_R_Free                  0.127 
_refine.overall_SU_ML                            0.086 
_refine.overall_SU_B                             4.790 
_refine.solvent_model_details                    MASK 
_refine.pdbx_solvent_vdw_probe_radii             1.200 
_refine.pdbx_solvent_ion_probe_radii             0.800 
_refine.pdbx_solvent_shrinkage_radii             0.800 
_refine.entry_id                                 1ZD0 
_refine.pdbx_ls_sigma_I                          ? 
_refine.ls_number_reflns_all                     ? 
_refine.ls_R_factor_obs                          ? 
_refine.ls_redundancy_reflns_obs                 ? 
_refine.pdbx_data_cutoff_high_absF               ? 
_refine.pdbx_data_cutoff_low_absF                ? 
_refine.ls_number_parameters                     ? 
_refine.ls_number_restraints                     ? 
_refine.ls_R_factor_R_free_error                 ? 
_refine.ls_R_factor_R_free_error_details         ? 
_refine.pdbx_method_to_determine_struct          SAS 
_refine.pdbx_starting_model                      ? 
_refine.pdbx_stereochem_target_val_spec_case     ? 
_refine.pdbx_stereochemistry_target_values       'Engh & Huber' 
_refine.solvent_model_param_bsol                 ? 
_refine.solvent_model_param_ksol                 ? 
_refine.occupancy_max                            ? 
_refine.occupancy_min                            ? 
_refine.pdbx_isotropic_thermal_model             ? 
_refine.details                                  'ARP/WARP and MOLPROBITY were also used in the refinement' 
_refine.B_iso_min                                ? 
_refine.B_iso_max                                ? 
_refine.overall_SU_R_free                        ? 
_refine.pdbx_data_cutoff_high_rms_absF           ? 
_refine.pdbx_overall_ESU_R                       ? 
_refine.ls_wR_factor_R_free                      ? 
_refine.ls_wR_factor_R_work                      ? 
_refine.overall_FOM_free_R_set                   ? 
_refine.overall_FOM_work_R_set                   ? 
_refine.pdbx_refine_id                           'X-RAY DIFFRACTION' 
_refine.pdbx_diffrn_id                           1 
_refine.pdbx_TLS_residual_ADP_flag               ? 
_refine.pdbx_overall_phase_error                 ? 
_refine.pdbx_overall_SU_R_free_Cruickshank_DPI   ? 
_refine.pdbx_overall_SU_R_Blow_DPI               ? 
_refine.pdbx_overall_SU_R_free_Blow_DPI          ? 
# 
_refine_hist.pdbx_refine_id                   'X-RAY DIFFRACTION' 
_refine_hist.cycle_id                         LAST 
_refine_hist.pdbx_number_atoms_protein        1074 
_refine_hist.pdbx_number_atoms_nucleic_acid   0 
_refine_hist.pdbx_number_atoms_ligand         20 
_refine_hist.number_atoms_solvent             93 
_refine_hist.number_atoms_total               1187 
_refine_hist.d_res_high                       1.700 
_refine_hist.d_res_low                        46.270 
# 
loop_
_refine_ls_restr.type 
_refine_ls_restr.number 
_refine_ls_restr.dev_ideal 
_refine_ls_restr.weight 
_refine_ls_restr.dev_ideal_target 
_refine_ls_restr.pdbx_refine_id 
_refine_ls_restr.pdbx_restraint_function 
r_bond_refined_d         1156 0.016  0.022  ? 'X-RAY DIFFRACTION' ? 
r_angle_refined_deg      1557 1.422  1.966  ? 'X-RAY DIFFRACTION' ? 
r_dihedral_angle_1_deg   140  6.240  5.000  ? 'X-RAY DIFFRACTION' ? 
r_dihedral_angle_2_deg   52   46.929 26.154 ? 'X-RAY DIFFRACTION' ? 
r_dihedral_angle_3_deg   234  14.450 15.000 ? 'X-RAY DIFFRACTION' ? 
r_dihedral_angle_4_deg   4    20.471 15.000 ? 'X-RAY DIFFRACTION' ? 
r_chiral_restr           192  0.100  0.200  ? 'X-RAY DIFFRACTION' ? 
r_gen_planes_refined     815  0.006  0.020  ? 'X-RAY DIFFRACTION' ? 
r_nbd_refined            587  0.233  0.200  ? 'X-RAY DIFFRACTION' ? 
r_nbtor_refined          821  0.304  0.200  ? 'X-RAY DIFFRACTION' ? 
r_xyhbond_nbd_refined    88   0.151  0.200  ? 'X-RAY DIFFRACTION' ? 
r_metal_ion_refined      1    0.027  0.200  ? 'X-RAY DIFFRACTION' ? 
r_symmetry_vdw_refined   62   0.276  0.200  ? 'X-RAY DIFFRACTION' ? 
r_symmetry_hbond_refined 15   0.114  0.200  ? 'X-RAY DIFFRACTION' ? 
r_mcbond_it              738  0.981  1.500  ? 'X-RAY DIFFRACTION' ? 
r_mcangle_it             1160 1.470  2.000  ? 'X-RAY DIFFRACTION' ? 
r_scbond_it              470  2.129  3.000  ? 'X-RAY DIFFRACTION' ? 
r_scangle_it             397  3.010  4.500  ? 'X-RAY DIFFRACTION' ? 
# 
_refine_ls_shell.d_res_high                       1.700 
_refine_ls_shell.d_res_low                        1.744 
_refine_ls_shell.pdbx_total_number_of_bins_used   20 
_refine_ls_shell.percent_reflns_obs               82.880 
_refine_ls_shell.number_reflns_R_work             918 
_refine_ls_shell.R_factor_R_work                  0.29 
_refine_ls_shell.R_factor_R_free                  0.292 
_refine_ls_shell.percent_reflns_R_free            ? 
_refine_ls_shell.number_reflns_R_free             50 
_refine_ls_shell.R_factor_R_free_error            ? 
_refine_ls_shell.number_reflns_obs                ? 
_refine_ls_shell.redundancy_reflns_obs            ? 
_refine_ls_shell.number_reflns_all                ? 
_refine_ls_shell.pdbx_refine_id                   'X-RAY DIFFRACTION' 
_refine_ls_shell.R_factor_all                     ? 
# 
_struct.entry_id                  1ZD0 
_struct.title                     'Crystal structure of Pfu-542154 conserved hypothetical protein' 
_struct.pdbx_model_details        ? 
_struct.pdbx_CASP_flag            ? 
_struct.pdbx_model_type_details   ? 
# 
_struct_keywords.entry_id        1ZD0 
_struct_keywords.pdbx_keywords   'STRUCTURAL GENOMICS, UNKNOWN FUNCTION' 
_struct_keywords.text            
'Structural Genomics, PSI, Protein Structure Initiative, Southeast Collaboratory for Structural Genomics, SECSG, UNKNOWN FUNCTION' 
# 
loop_
_struct_asym.id 
_struct_asym.pdbx_blank_PDB_chainid_flag 
_struct_asym.pdbx_modified 
_struct_asym.entity_id 
_struct_asym.details 
A N N 1 ? 
B N N 2 ? 
C N N 3 ? 
D N N 3 ? 
E N N 3 ? 
F N N 3 ? 
G N N 3 ? 
H N N 3 ? 
I N N 3 ? 
J N N 3 ? 
K N N 3 ? 
L N N 3 ? 
M N N 3 ? 
N N N 3 ? 
O N N 3 ? 
P N N 4 ? 
Q N N 4 ? 
R N N 4 ? 
S N N 5 ? 
# 
_struct_ref.id                         1 
_struct_ref.db_name                    GB 
_struct_ref.db_code                    NP_578252 
_struct_ref.pdbx_db_accession          18976895 
_struct_ref.entity_id                  1 
_struct_ref.pdbx_seq_one_letter_code   
;LEIRTKVGEICISKVWLTDEQINKLFDRFKGDYQVVNAECADKVIFATIIAIKAVKEGRSIAKTVPGEILVRLSGNRQIK
EAIKKVGAKEGENYIVTFGENASALLQKILSTLEIKELELERCDLEYAKKAFEDIAIIEAL
;
_struct_ref.pdbx_align_begin           2 
_struct_ref.pdbx_db_isoform            ? 
# 
_struct_ref_seq.align_id                      1 
_struct_ref_seq.ref_id                        1 
_struct_ref_seq.pdbx_PDB_id_code              1ZD0 
_struct_ref_seq.pdbx_strand_id                A 
_struct_ref_seq.seq_align_beg                 10 
_struct_ref_seq.pdbx_seq_align_beg_ins_code   ? 
_struct_ref_seq.seq_align_end                 150 
_struct_ref_seq.pdbx_seq_align_end_ins_code   ? 
_struct_ref_seq.pdbx_db_accession             18976895 
_struct_ref_seq.db_align_beg                  2 
_struct_ref_seq.pdbx_db_align_beg_ins_code    ? 
_struct_ref_seq.db_align_end                  142 
_struct_ref_seq.pdbx_db_align_end_ins_code    ? 
_struct_ref_seq.pdbx_auth_seq_align_beg       9 
_struct_ref_seq.pdbx_auth_seq_align_end       149 
# 
loop_
_struct_ref_seq_dif.align_id 
_struct_ref_seq_dif.pdbx_pdb_id_code 
_struct_ref_seq_dif.mon_id 
_struct_ref_seq_dif.pdbx_pdb_strand_id 
_struct_ref_seq_dif.seq_num 
_struct_ref_seq_dif.pdbx_pdb_ins_code 
_struct_ref_seq_dif.pdbx_seq_db_name 
_struct_ref_seq_dif.pdbx_seq_db_accession_code 
_struct_ref_seq_dif.db_mon_id 
_struct_ref_seq_dif.pdbx_seq_db_seq_num 
_struct_ref_seq_dif.details 
_struct_ref_seq_dif.pdbx_auth_seq_num 
_struct_ref_seq_dif.pdbx_ordinal 
1 1ZD0 ALA A 1 ? GB 18976895 ? ? 'cloning artifact' 0 1 
1 1ZD0 HIS A 2 ? GB 18976895 ? ? 'expression tag'   1 2 
1 1ZD0 HIS A 3 ? GB 18976895 ? ? 'expression tag'   2 3 
1 1ZD0 HIS A 4 ? GB 18976895 ? ? 'expression tag'   3 4 
1 1ZD0 HIS A 5 ? GB 18976895 ? ? 'expression tag'   4 5 
1 1ZD0 HIS A 6 ? GB 18976895 ? ? 'expression tag'   5 6 
1 1ZD0 HIS A 7 ? GB 18976895 ? ? 'expression tag'   6 7 
1 1ZD0 GLY A 8 ? GB 18976895 ? ? 'cloning artifact' 7 8 
1 1ZD0 SER A 9 ? GB 18976895 ? ? 'cloning artifact' 8 9 
# 
_pdbx_struct_assembly.id                   1 
_pdbx_struct_assembly.details              author_defined_assembly 
_pdbx_struct_assembly.method_details       ? 
_pdbx_struct_assembly.oligomeric_details   monomeric 
_pdbx_struct_assembly.oligomeric_count     1 
# 
_pdbx_struct_assembly_gen.assembly_id       1 
_pdbx_struct_assembly_gen.oper_expression   1 
_pdbx_struct_assembly_gen.asym_id_list      A,B,C,D,E,F,G,H,I,J,K,L,M,N,O,P,Q,R,S 
# 
_pdbx_struct_oper_list.id                   1 
_pdbx_struct_oper_list.type                 'identity operation' 
_pdbx_struct_oper_list.name                 1_555 
_pdbx_struct_oper_list.symmetry_operation   x,y,z 
_pdbx_struct_oper_list.matrix[1][1]         1.0000000000 
_pdbx_struct_oper_list.matrix[1][2]         0.0000000000 
_pdbx_struct_oper_list.matrix[1][3]         0.0000000000 
_pdbx_struct_oper_list.vector[1]            0.0000000000 
_pdbx_struct_oper_list.matrix[2][1]         0.0000000000 
_pdbx_struct_oper_list.matrix[2][2]         1.0000000000 
_pdbx_struct_oper_list.matrix[2][3]         0.0000000000 
_pdbx_struct_oper_list.vector[2]            0.0000000000 
_pdbx_struct_oper_list.matrix[3][1]         0.0000000000 
_pdbx_struct_oper_list.matrix[3][2]         0.0000000000 
_pdbx_struct_oper_list.matrix[3][3]         1.0000000000 
_pdbx_struct_oper_list.vector[3]            0.0000000000 
# 
_struct_biol.id                    1 
_struct_biol.pdbx_parent_biol_id   ? 
_struct_biol.details               ? 
# 
loop_
_struct_conf.conf_type_id 
_struct_conf.id 
_struct_conf.pdbx_PDB_helix_id 
_struct_conf.beg_label_comp_id 
_struct_conf.beg_label_asym_id 
_struct_conf.beg_label_seq_id 
_struct_conf.pdbx_beg_PDB_ins_code 
_struct_conf.end_label_comp_id 
_struct_conf.end_label_asym_id 
_struct_conf.end_label_seq_id 
_struct_conf.pdbx_end_PDB_ins_code 
_struct_conf.beg_auth_comp_id 
_struct_conf.beg_auth_asym_id 
_struct_conf.beg_auth_seq_id 
_struct_conf.end_auth_comp_id 
_struct_conf.end_auth_asym_id 
_struct_conf.end_auth_seq_id 
_struct_conf.pdbx_PDB_helix_class 
_struct_conf.details 
_struct_conf.pdbx_PDB_helix_length 
HELX_P HELX_P1 1 THR A 27  ? PHE A 38  ? THR A 26  PHE A 37  1 ? 12 
HELX_P HELX_P2 2 CYS A 49  ? GLU A 66  ? CYS A 48  GLU A 65  1 ? 18 
HELX_P HELX_P3 3 THR A 73  ? GLY A 84  ? THR A 72  GLY A 83  1 ? 12 
HELX_P HELX_P4 4 GLN A 87  ? GLY A 96  ? GLN A 86  GLY A 95  1 ? 10 
HELX_P HELX_P5 5 ASN A 110 ? LEU A 122 ? ASN A 109 LEU A 121 1 ? 13 
HELX_P HELX_P6 6 ASP A 133 ? ALA A 145 ? ASP A 132 ALA A 144 1 ? 13 
# 
_struct_conf_type.id          HELX_P 
_struct_conf_type.criteria    ? 
_struct_conf_type.reference   ? 
# 
loop_
_struct_conn.id 
_struct_conn.conn_type_id 
_struct_conn.pdbx_leaving_atom_flag 
_struct_conn.pdbx_PDB_id 
_struct_conn.ptnr1_label_asym_id 
_struct_conn.ptnr1_label_comp_id 
_struct_conn.ptnr1_label_seq_id 
_struct_conn.ptnr1_label_atom_id 
_struct_conn.pdbx_ptnr1_label_alt_id 
_struct_conn.pdbx_ptnr1_PDB_ins_code 
_struct_conn.pdbx_ptnr1_standard_comp_id 
_struct_conn.ptnr1_symmetry 
_struct_conn.ptnr2_label_asym_id 
_struct_conn.ptnr2_label_comp_id 
_struct_conn.ptnr2_label_seq_id 
_struct_conn.ptnr2_label_atom_id 
_struct_conn.pdbx_ptnr2_label_alt_id 
_struct_conn.pdbx_ptnr2_PDB_ins_code 
_struct_conn.ptnr1_auth_asym_id 
_struct_conn.ptnr1_auth_comp_id 
_struct_conn.ptnr1_auth_seq_id 
_struct_conn.ptnr2_auth_asym_id 
_struct_conn.ptnr2_auth_comp_id 
_struct_conn.ptnr2_auth_seq_id 
_struct_conn.ptnr2_symmetry 
_struct_conn.pdbx_ptnr3_label_atom_id 
_struct_conn.pdbx_ptnr3_label_seq_id 
_struct_conn.pdbx_ptnr3_label_comp_id 
_struct_conn.pdbx_ptnr3_label_asym_id 
_struct_conn.pdbx_ptnr3_label_alt_id 
_struct_conn.pdbx_ptnr3_PDB_ins_code 
_struct_conn.details 
_struct_conn.pdbx_dist_value 
_struct_conn.pdbx_value_order 
_struct_conn.pdbx_role 
disulf1 disulf ? ? A CYS 49 SG  ? ? ? 1_555 A CYS 132 SG ? ? A CYS 48  A CYS 131 1_555 ? ? ? ? ? ? ? 2.080 ? ? 
metalc1 metalc ? ? A ASN 46 OD1 ? ? ? 1_555 B MG  .   MG ? ? A ASN 45  A MG  200 1_555 ? ? ? ? ? ? ? 2.033 ? ? 
metalc2 metalc ? ? B MG  .  MG  ? ? ? 1_555 S HOH .   O  ? ? A MG  200 A HOH 427 1_555 ? ? ? ? ? ? ? 2.217 ? ? 
metalc3 metalc ? ? B MG  .  MG  ? ? ? 1_555 S HOH .   O  ? ? A MG  200 A HOH 428 1_555 ? ? ? ? ? ? ? 1.995 ? ? 
metalc4 metalc ? ? B MG  .  MG  ? ? ? 1_555 S HOH .   O  ? ? A MG  200 A HOH 467 1_555 ? ? ? ? ? ? ? 1.963 ? ? 
metalc5 metalc ? ? B MG  .  MG  ? ? ? 1_555 S HOH .   O  ? ? A MG  200 A HOH 468 1_555 ? ? ? ? ? ? ? 2.035 ? ? 
metalc6 metalc ? ? B MG  .  MG  ? ? ? 1_555 S HOH .   O  ? ? A MG  200 A HOH 487 1_555 ? ? ? ? ? ? ? 2.145 ? ? 
# 
loop_
_struct_conn_type.id 
_struct_conn_type.criteria 
_struct_conn_type.reference 
disulf ? ? 
metalc ? ? 
# 
loop_
_pdbx_struct_conn_angle.id 
_pdbx_struct_conn_angle.ptnr1_label_atom_id 
_pdbx_struct_conn_angle.ptnr1_label_alt_id 
_pdbx_struct_conn_angle.ptnr1_label_asym_id 
_pdbx_struct_conn_angle.ptnr1_label_comp_id 
_pdbx_struct_conn_angle.ptnr1_label_seq_id 
_pdbx_struct_conn_angle.ptnr1_auth_atom_id 
_pdbx_struct_conn_angle.ptnr1_auth_asym_id 
_pdbx_struct_conn_angle.ptnr1_auth_comp_id 
_pdbx_struct_conn_angle.ptnr1_auth_seq_id 
_pdbx_struct_conn_angle.ptnr1_PDB_ins_code 
_pdbx_struct_conn_angle.ptnr1_symmetry 
_pdbx_struct_conn_angle.ptnr2_label_atom_id 
_pdbx_struct_conn_angle.ptnr2_label_alt_id 
_pdbx_struct_conn_angle.ptnr2_label_asym_id 
_pdbx_struct_conn_angle.ptnr2_label_comp_id 
_pdbx_struct_conn_angle.ptnr2_label_seq_id 
_pdbx_struct_conn_angle.ptnr2_auth_atom_id 
_pdbx_struct_conn_angle.ptnr2_auth_asym_id 
_pdbx_struct_conn_angle.ptnr2_auth_comp_id 
_pdbx_struct_conn_angle.ptnr2_auth_seq_id 
_pdbx_struct_conn_angle.ptnr2_PDB_ins_code 
_pdbx_struct_conn_angle.ptnr2_symmetry 
_pdbx_struct_conn_angle.ptnr3_label_atom_id 
_pdbx_struct_conn_angle.ptnr3_label_alt_id 
_pdbx_struct_conn_angle.ptnr3_label_asym_id 
_pdbx_struct_conn_angle.ptnr3_label_comp_id 
_pdbx_struct_conn_angle.ptnr3_label_seq_id 
_pdbx_struct_conn_angle.ptnr3_auth_atom_id 
_pdbx_struct_conn_angle.ptnr3_auth_asym_id 
_pdbx_struct_conn_angle.ptnr3_auth_comp_id 
_pdbx_struct_conn_angle.ptnr3_auth_seq_id 
_pdbx_struct_conn_angle.ptnr3_PDB_ins_code 
_pdbx_struct_conn_angle.ptnr3_symmetry 
_pdbx_struct_conn_angle.value 
_pdbx_struct_conn_angle.value_esd 
1  OD1 ? A ASN 46 ? A ASN 45  ? 1_555 MG ? B MG . ? A MG 200 ? 1_555 O ? S HOH . ? A HOH 427 ? 1_555 93.4  ? 
2  OD1 ? A ASN 46 ? A ASN 45  ? 1_555 MG ? B MG . ? A MG 200 ? 1_555 O ? S HOH . ? A HOH 428 ? 1_555 87.0  ? 
3  O   ? S HOH .  ? A HOH 427 ? 1_555 MG ? B MG . ? A MG 200 ? 1_555 O ? S HOH . ? A HOH 428 ? 1_555 93.9  ? 
4  OD1 ? A ASN 46 ? A ASN 45  ? 1_555 MG ? B MG . ? A MG 200 ? 1_555 O ? S HOH . ? A HOH 467 ? 1_555 90.9  ? 
5  O   ? S HOH .  ? A HOH 427 ? 1_555 MG ? B MG . ? A MG 200 ? 1_555 O ? S HOH . ? A HOH 467 ? 1_555 174.6 ? 
6  O   ? S HOH .  ? A HOH 428 ? 1_555 MG ? B MG . ? A MG 200 ? 1_555 O ? S HOH . ? A HOH 467 ? 1_555 89.7  ? 
7  OD1 ? A ASN 46 ? A ASN 45  ? 1_555 MG ? B MG . ? A MG 200 ? 1_555 O ? S HOH . ? A HOH 468 ? 1_555 175.9 ? 
8  O   ? S HOH .  ? A HOH 427 ? 1_555 MG ? B MG . ? A MG 200 ? 1_555 O ? S HOH . ? A HOH 468 ? 1_555 88.7  ? 
9  O   ? S HOH .  ? A HOH 428 ? 1_555 MG ? B MG . ? A MG 200 ? 1_555 O ? S HOH . ? A HOH 468 ? 1_555 96.4  ? 
10 O   ? S HOH .  ? A HOH 467 ? 1_555 MG ? B MG . ? A MG 200 ? 1_555 O ? S HOH . ? A HOH 468 ? 1_555 86.8  ? 
11 OD1 ? A ASN 46 ? A ASN 45  ? 1_555 MG ? B MG . ? A MG 200 ? 1_555 O ? S HOH . ? A HOH 487 ? 1_555 96.0  ? 
12 O   ? S HOH .  ? A HOH 427 ? 1_555 MG ? B MG . ? A MG 200 ? 1_555 O ? S HOH . ? A HOH 487 ? 1_555 85.2  ? 
13 O   ? S HOH .  ? A HOH 428 ? 1_555 MG ? B MG . ? A MG 200 ? 1_555 O ? S HOH . ? A HOH 487 ? 1_555 176.9 ? 
14 O   ? S HOH .  ? A HOH 467 ? 1_555 MG ? B MG . ? A MG 200 ? 1_555 O ? S HOH . ? A HOH 487 ? 1_555 91.0  ? 
15 O   ? S HOH .  ? A HOH 468 ? 1_555 MG ? B MG . ? A MG 200 ? 1_555 O ? S HOH . ? A HOH 487 ? 1_555 80.7  ? 
# 
_pdbx_modification_feature.ordinal                            1 
_pdbx_modification_feature.label_comp_id                      CYS 
_pdbx_modification_feature.label_asym_id                      A 
_pdbx_modification_feature.label_seq_id                       49 
_pdbx_modification_feature.label_alt_id                       ? 
_pdbx_modification_feature.modified_residue_label_comp_id     CYS 
_pdbx_modification_feature.modified_residue_label_asym_id     A 
_pdbx_modification_feature.modified_residue_label_seq_id      132 
_pdbx_modification_feature.modified_residue_label_alt_id      ? 
_pdbx_modification_feature.auth_comp_id                       CYS 
_pdbx_modification_feature.auth_asym_id                       A 
_pdbx_modification_feature.auth_seq_id                        48 
_pdbx_modification_feature.PDB_ins_code                       ? 
_pdbx_modification_feature.symmetry                           1_555 
_pdbx_modification_feature.modified_residue_auth_comp_id      CYS 
_pdbx_modification_feature.modified_residue_auth_asym_id      A 
_pdbx_modification_feature.modified_residue_auth_seq_id       131 
_pdbx_modification_feature.modified_residue_PDB_ins_code      ? 
_pdbx_modification_feature.modified_residue_symmetry          1_555 
_pdbx_modification_feature.comp_id_linking_atom               SG 
_pdbx_modification_feature.modified_residue_id_linking_atom   SG 
_pdbx_modification_feature.modified_residue_id                . 
_pdbx_modification_feature.ref_pcm_id                         . 
_pdbx_modification_feature.ref_comp_id                        . 
_pdbx_modification_feature.type                               None 
_pdbx_modification_feature.category                           'Disulfide bridge' 
# 
_struct_mon_prot_cis.pdbx_id                1 
_struct_mon_prot_cis.label_comp_id          LEU 
_struct_mon_prot_cis.label_seq_id           10 
_struct_mon_prot_cis.label_asym_id          A 
_struct_mon_prot_cis.label_alt_id           . 
_struct_mon_prot_cis.pdbx_PDB_ins_code      ? 
_struct_mon_prot_cis.auth_comp_id           LEU 
_struct_mon_prot_cis.auth_seq_id            9 
_struct_mon_prot_cis.auth_asym_id           A 
_struct_mon_prot_cis.pdbx_label_comp_id_2   GLU 
_struct_mon_prot_cis.pdbx_label_seq_id_2    11 
_struct_mon_prot_cis.pdbx_label_asym_id_2   A 
_struct_mon_prot_cis.pdbx_PDB_ins_code_2    ? 
_struct_mon_prot_cis.pdbx_auth_comp_id_2    GLU 
_struct_mon_prot_cis.pdbx_auth_seq_id_2     10 
_struct_mon_prot_cis.pdbx_auth_asym_id_2    A 
_struct_mon_prot_cis.pdbx_PDB_model_num     1 
_struct_mon_prot_cis.pdbx_omega_angle       26.04 
# 
_struct_sheet.id               A 
_struct_sheet.type             ? 
_struct_sheet.number_strands   4 
_struct_sheet.details          ? 
# 
loop_
_struct_sheet_order.sheet_id 
_struct_sheet_order.range_id_1 
_struct_sheet_order.range_id_2 
_struct_sheet_order.offset 
_struct_sheet_order.sense 
A 1 2 ? anti-parallel 
A 2 3 ? anti-parallel 
A 3 4 ? anti-parallel 
# 
loop_
_struct_sheet_range.sheet_id 
_struct_sheet_range.id 
_struct_sheet_range.beg_label_comp_id 
_struct_sheet_range.beg_label_asym_id 
_struct_sheet_range.beg_label_seq_id 
_struct_sheet_range.pdbx_beg_PDB_ins_code 
_struct_sheet_range.end_label_comp_id 
_struct_sheet_range.end_label_asym_id 
_struct_sheet_range.end_label_seq_id 
_struct_sheet_range.pdbx_end_PDB_ins_code 
_struct_sheet_range.beg_auth_comp_id 
_struct_sheet_range.beg_auth_asym_id 
_struct_sheet_range.beg_auth_seq_id 
_struct_sheet_range.end_auth_comp_id 
_struct_sheet_range.end_auth_asym_id 
_struct_sheet_range.end_auth_seq_id 
A 1 TYR A 42  ? VAL A 45  ? TYR A 41  VAL A 44  
A 2 GLY A 100 ? PHE A 107 ? GLY A 99  PHE A 106 
A 3 ILE A 19  ? LEU A 26  ? ILE A 18  LEU A 25  
A 4 LYS A 125 ? LEU A 127 ? LYS A 124 LEU A 126 
# 
loop_
_pdbx_struct_sheet_hbond.sheet_id 
_pdbx_struct_sheet_hbond.range_id_1 
_pdbx_struct_sheet_hbond.range_id_2 
_pdbx_struct_sheet_hbond.range_1_label_atom_id 
_pdbx_struct_sheet_hbond.range_1_label_comp_id 
_pdbx_struct_sheet_hbond.range_1_label_asym_id 
_pdbx_struct_sheet_hbond.range_1_label_seq_id 
_pdbx_struct_sheet_hbond.range_1_PDB_ins_code 
_pdbx_struct_sheet_hbond.range_1_auth_atom_id 
_pdbx_struct_sheet_hbond.range_1_auth_comp_id 
_pdbx_struct_sheet_hbond.range_1_auth_asym_id 
_pdbx_struct_sheet_hbond.range_1_auth_seq_id 
_pdbx_struct_sheet_hbond.range_2_label_atom_id 
_pdbx_struct_sheet_hbond.range_2_label_comp_id 
_pdbx_struct_sheet_hbond.range_2_label_asym_id 
_pdbx_struct_sheet_hbond.range_2_label_seq_id 
_pdbx_struct_sheet_hbond.range_2_PDB_ins_code 
_pdbx_struct_sheet_hbond.range_2_auth_atom_id 
_pdbx_struct_sheet_hbond.range_2_auth_comp_id 
_pdbx_struct_sheet_hbond.range_2_auth_asym_id 
_pdbx_struct_sheet_hbond.range_2_auth_seq_id 
A 1 2 N VAL A 45  ? N VAL A 44  O TYR A 103 ? O TYR A 102 
A 2 3 O ASN A 102 ? O ASN A 101 N VAL A 24  ? N VAL A 23  
A 3 4 N LYS A 23  ? N LYS A 22  O LEU A 127 ? O LEU A 126 
# 
loop_
_struct_site.id 
_struct_site.pdbx_evidence_code 
_struct_site.pdbx_auth_asym_id 
_struct_site.pdbx_auth_comp_id 
_struct_site.pdbx_auth_seq_id 
_struct_site.pdbx_auth_ins_code 
_struct_site.pdbx_num_residues 
_struct_site.details 
AC1 Software A MG  200 ? 6 'BINDING SITE FOR RESIDUE MG A 200'  
AC2 Software A UNX 401 ? 3 'BINDING SITE FOR RESIDUE UNX A 401' 
AC3 Software A UNX 402 ? 3 'BINDING SITE FOR RESIDUE UNX A 402' 
AC4 Software A UNX 403 ? 2 'BINDING SITE FOR RESIDUE UNX A 403' 
AC5 Software A UNX 404 ? 2 'BINDING SITE FOR RESIDUE UNX A 404' 
AC6 Software A UNX 405 ? 3 'BINDING SITE FOR RESIDUE UNX A 405' 
AC7 Software A UNX 407 ? 2 'BINDING SITE FOR RESIDUE UNX A 407' 
AC8 Software A UNX 409 ? 3 'BINDING SITE FOR RESIDUE UNX A 409' 
AC9 Software A UNX 410 ? 3 'BINDING SITE FOR RESIDUE UNX A 410' 
BC1 Software A UNX 411 ? 2 'BINDING SITE FOR RESIDUE UNX A 411' 
BC2 Software A UNX 412 ? 2 'BINDING SITE FOR RESIDUE UNX A 412' 
BC3 Software A UNX 413 ? 6 'BINDING SITE FOR RESIDUE UNX A 413' 
BC4 Software A MOH 301 ? 4 'BINDING SITE FOR RESIDUE MOH A 301' 
BC5 Software A MOH 302 ? 2 'BINDING SITE FOR RESIDUE MOH A 302' 
BC6 Software A MOH 303 ? 5 'BINDING SITE FOR RESIDUE MOH A 303' 
# 
loop_
_struct_site_gen.id 
_struct_site_gen.site_id 
_struct_site_gen.pdbx_num_res 
_struct_site_gen.label_comp_id 
_struct_site_gen.label_asym_id 
_struct_site_gen.label_seq_id 
_struct_site_gen.pdbx_auth_ins_code 
_struct_site_gen.auth_comp_id 
_struct_site_gen.auth_asym_id 
_struct_site_gen.auth_seq_id 
_struct_site_gen.label_atom_id 
_struct_site_gen.label_alt_id 
_struct_site_gen.symmetry 
_struct_site_gen.details 
1  AC1 6 ASN A 46  ? ASN A 45  . ? 1_555 ? 
2  AC1 6 HOH S .   ? HOH A 427 . ? 1_555 ? 
3  AC1 6 HOH S .   ? HOH A 428 . ? 1_555 ? 
4  AC1 6 HOH S .   ? HOH A 467 . ? 1_555 ? 
5  AC1 6 HOH S .   ? HOH A 468 . ? 1_555 ? 
6  AC1 6 HOH S .   ? HOH A 487 . ? 1_555 ? 
7  AC2 3 HIS A 5   ? HIS A 4   . ? 1_555 ? 
8  AC2 3 HIS A 6   ? HIS A 5   . ? 1_555 ? 
9  AC2 3 ARG A 86  ? ARG A 85  . ? 4_555 ? 
10 AC3 3 GLU A 29  ? GLU A 28  . ? 1_555 ? 
11 AC3 3 ASN A 32  ? ASN A 31  . ? 1_555 ? 
12 AC3 3 UNX K .   ? UNX A 409 . ? 1_555 ? 
13 AC4 2 GLU A 66  ? GLU A 65  . ? 4_555 ? 
14 AC4 2 UNX G .   ? UNX A 405 . ? 1_555 ? 
15 AC5 2 GLU A 66  ? GLU A 65  . ? 4_555 ? 
16 AC5 2 UNX G .   ? UNX A 405 . ? 1_555 ? 
17 AC6 3 LYS A 62  ? LYS A 61  . ? 4_555 ? 
18 AC6 3 UNX E .   ? UNX A 403 . ? 1_555 ? 
19 AC6 3 UNX F .   ? UNX A 404 . ? 1_555 ? 
20 AC7 2 LYS A 62  ? LYS A 61  . ? 4_555 ? 
21 AC7 2 ALA A 145 ? ALA A 144 . ? 1_555 ? 
22 AC8 3 GLU A 29  ? GLU A 28  . ? 1_555 ? 
23 AC8 3 LYS A 33  ? LYS A 32  . ? 1_555 ? 
24 AC8 3 UNX D .   ? UNX A 402 . ? 1_555 ? 
25 AC9 3 LYS A 139 ? LYS A 138 . ? 1_555 ? 
26 AC9 3 LYS A 139 ? LYS A 138 . ? 6_555 ? 
27 AC9 3 HOH S .   ? HOH A 497 . ? 1_555 ? 
28 BC1 2 ARG A 68  ? ARG A 67  . ? 1_555 ? 
29 BC1 2 ILE A 70  ? ILE A 69  . ? 1_555 ? 
30 BC2 2 GLU A 135 ? GLU A 134 . ? 1_555 ? 
31 BC2 2 HOH S .   ? HOH A 500 . ? 1_555 ? 
32 BC3 6 ASN A 46  ? ASN A 45  . ? 1_555 ? 
33 BC3 6 LYS A 94  ? LYS A 93  . ? 1_555 ? 
34 BC3 6 VAL A 95  ? VAL A 94  . ? 1_555 ? 
35 BC3 6 GLY A 96  ? GLY A 95  . ? 1_555 ? 
36 BC3 6 MOH P .   ? MOH A 301 . ? 1_555 ? 
37 BC3 6 HOH S .   ? HOH A 493 . ? 1_555 ? 
38 BC4 4 ASN A 46  ? ASN A 45  . ? 1_555 ? 
39 BC4 4 GLU A 48  ? GLU A 47  . ? 1_555 ? 
40 BC4 4 LYS A 94  ? LYS A 93  . ? 1_555 ? 
41 BC4 4 UNX O .   ? UNX A 413 . ? 1_555 ? 
42 BC5 2 GLY A 108 ? GLY A 107 . ? 4_545 ? 
43 BC5 2 GLU A 123 ? GLU A 122 . ? 1_555 ? 
44 BC6 5 THR A 14  ? THR A 13  . ? 4_555 ? 
45 BC6 5 LYS A 15  ? LYS A 14  . ? 4_555 ? 
46 BC6 5 LYS A 139 ? LYS A 138 . ? 1_555 ? 
47 BC6 5 GLU A 142 ? GLU A 141 . ? 1_555 ? 
48 BC6 5 ASP A 143 ? ASP A 142 . ? 1_555 ? 
# 
_pdbx_entry_details.entry_id                   1ZD0 
_pdbx_entry_details.compound_details           ? 
_pdbx_entry_details.source_details             ? 
_pdbx_entry_details.nonpolymer_details         ? 
_pdbx_entry_details.sequence_details           ? 
_pdbx_entry_details.has_ligand_of_interest     ? 
_pdbx_entry_details.has_protein_modification   Y 
# 
loop_
_pdbx_validate_close_contact.id 
_pdbx_validate_close_contact.PDB_model_num 
_pdbx_validate_close_contact.auth_atom_id_1 
_pdbx_validate_close_contact.auth_asym_id_1 
_pdbx_validate_close_contact.auth_comp_id_1 
_pdbx_validate_close_contact.auth_seq_id_1 
_pdbx_validate_close_contact.PDB_ins_code_1 
_pdbx_validate_close_contact.label_alt_id_1 
_pdbx_validate_close_contact.auth_atom_id_2 
_pdbx_validate_close_contact.auth_asym_id_2 
_pdbx_validate_close_contact.auth_comp_id_2 
_pdbx_validate_close_contact.auth_seq_id_2 
_pdbx_validate_close_contact.PDB_ins_code_2 
_pdbx_validate_close_contact.label_alt_id_2 
_pdbx_validate_close_contact.dist 
1 1 C   A ALA 144 ? ? UNK A UNX 407 ? ? 1.53 
2 1 CA  A HIS 4   ? ? UNK A UNX 401 ? ? 1.69 
3 1 NZ  A LYS 138 ? B UNK A UNX 410 ? ? 1.97 
4 1 ND2 A ASN 45  ? ? UNK A UNX 413 ? ? 2.02 
# 
_pdbx_validate_rmsd_bond.id                        1 
_pdbx_validate_rmsd_bond.PDB_model_num             1 
_pdbx_validate_rmsd_bond.auth_atom_id_1            CB 
_pdbx_validate_rmsd_bond.auth_asym_id_1            A 
_pdbx_validate_rmsd_bond.auth_comp_id_1            SER 
_pdbx_validate_rmsd_bond.auth_seq_id_1             119 
_pdbx_validate_rmsd_bond.PDB_ins_code_1            ? 
_pdbx_validate_rmsd_bond.label_alt_id_1            B 
_pdbx_validate_rmsd_bond.auth_atom_id_2            OG 
_pdbx_validate_rmsd_bond.auth_asym_id_2            A 
_pdbx_validate_rmsd_bond.auth_comp_id_2            SER 
_pdbx_validate_rmsd_bond.auth_seq_id_2             119 
_pdbx_validate_rmsd_bond.PDB_ins_code_2            ? 
_pdbx_validate_rmsd_bond.label_alt_id_2            B 
_pdbx_validate_rmsd_bond.bond_value                1.600 
_pdbx_validate_rmsd_bond.bond_target_value         1.418 
_pdbx_validate_rmsd_bond.bond_deviation            0.182 
_pdbx_validate_rmsd_bond.bond_standard_deviation   0.013 
_pdbx_validate_rmsd_bond.linker_flag               N 
# 
_pdbx_validate_torsion.id              1 
_pdbx_validate_torsion.PDB_model_num   1 
_pdbx_validate_torsion.auth_comp_id    GLU 
_pdbx_validate_torsion.auth_asym_id    A 
_pdbx_validate_torsion.auth_seq_id     10 
_pdbx_validate_torsion.PDB_ins_code    ? 
_pdbx_validate_torsion.label_alt_id    ? 
_pdbx_validate_torsion.phi             94.10 
_pdbx_validate_torsion.psi             20.48 
# 
_pdbx_SG_project.id                    1 
_pdbx_SG_project.project_name          'PSI, Protein Structure Initiative' 
_pdbx_SG_project.full_name_of_center   'Southeast Collaboratory for Structural Genomics' 
_pdbx_SG_project.initial_of_center     SECSG 
# 
_pdbx_struct_special_symmetry.id              1 
_pdbx_struct_special_symmetry.PDB_model_num   1 
_pdbx_struct_special_symmetry.auth_asym_id    A 
_pdbx_struct_special_symmetry.auth_comp_id    HOH 
_pdbx_struct_special_symmetry.auth_seq_id     414 
_pdbx_struct_special_symmetry.PDB_ins_code    ? 
_pdbx_struct_special_symmetry.label_asym_id   S 
_pdbx_struct_special_symmetry.label_comp_id   HOH 
_pdbx_struct_special_symmetry.label_seq_id    . 
# 
loop_
_pdbx_phasing_MAD_shell.d_res_low 
_pdbx_phasing_MAD_shell.d_res_high 
_pdbx_phasing_MAD_shell.reflns 
_pdbx_phasing_MAD_shell.fom 
20.000 8.52 297 0.28 
8.52   5.54 456 0.33 
5.54   4.38 575 0.35 
4.38   3.74 642 0.32 
3.74   3.31 727 0.29 
3.31   3.00 800 0.32 
3.00   2.77 855 0.30 
2.77   2.58 910 0.26 
# 
_pdbx_phasing_dm.entry_id          1ZD0 
_pdbx_phasing_dm.fom_acentric      0.56 
_pdbx_phasing_dm.fom_centric       0.46 
_pdbx_phasing_dm.fom               0.54 
_pdbx_phasing_dm.reflns_acentric   4908 
_pdbx_phasing_dm.reflns_centric    998 
_pdbx_phasing_dm.reflns            5906 
# 
loop_
_pdbx_phasing_dm_shell.d_res_low 
_pdbx_phasing_dm_shell.d_res_high 
_pdbx_phasing_dm_shell.fom_acentric 
_pdbx_phasing_dm_shell.fom_centric 
_pdbx_phasing_dm_shell.fom 
_pdbx_phasing_dm_shell.reflns_acentric 
_pdbx_phasing_dm_shell.reflns_centric 
_pdbx_phasing_dm_shell.reflns 
19.658 6.9 0.88 0.76 0.88 169  113 282  
6.9    4.3 0.84 0.67 0.80 631  197 828  
4.3    3.4 0.79 0.61 0.75 812  188 1000 
3.4    3.0 0.65 0.39 0.61 829  156 985  
3.0    2.6 0.46 0.24 0.43 1517 226 1743 
2.6    2.4 0.19 0.11 0.18 950  118 1068 
# 
_phasing.method   SAD 
# 
_phasing_MAD.entry_id          1ZD0 
_phasing_MAD.pdbx_d_res_high   2.500 
_phasing_MAD.pdbx_d_res_low    20.000 
_phasing_MAD.pdbx_reflns       5262 
_phasing_MAD.pdbx_fom          0.30 
# 
loop_
_pdbx_unobs_or_zero_occ_residues.id 
_pdbx_unobs_or_zero_occ_residues.PDB_model_num 
_pdbx_unobs_or_zero_occ_residues.polymer_flag 
_pdbx_unobs_or_zero_occ_residues.occupancy_flag 
_pdbx_unobs_or_zero_occ_residues.auth_asym_id 
_pdbx_unobs_or_zero_occ_residues.auth_comp_id 
_pdbx_unobs_or_zero_occ_residues.auth_seq_id 
_pdbx_unobs_or_zero_occ_residues.PDB_ins_code 
_pdbx_unobs_or_zero_occ_residues.label_asym_id 
_pdbx_unobs_or_zero_occ_residues.label_comp_id 
_pdbx_unobs_or_zero_occ_residues.label_seq_id 
1 1 Y 1 A ALA 0   ? A ALA 1   
2 1 Y 1 A HIS 1   ? A HIS 2   
3 1 Y 1 A HIS 2   ? A HIS 3   
4 1 Y 1 A HIS 3   ? A HIS 4   
5 1 Y 1 A ILE 145 ? A ILE 146 
6 1 Y 1 A ILE 146 ? A ILE 147 
7 1 Y 1 A GLU 147 ? A GLU 148 
8 1 Y 1 A ALA 148 ? A ALA 149 
9 1 Y 1 A LEU 149 ? A LEU 150 
# 
loop_
_chem_comp_atom.comp_id 
_chem_comp_atom.atom_id 
_chem_comp_atom.type_symbol 
_chem_comp_atom.pdbx_aromatic_flag 
_chem_comp_atom.pdbx_stereo_config 
_chem_comp_atom.pdbx_ordinal 
ALA N    N  N N 1   
ALA CA   C  N S 2   
ALA C    C  N N 3   
ALA O    O  N N 4   
ALA CB   C  N N 5   
ALA OXT  O  N N 6   
ALA H    H  N N 7   
ALA H2   H  N N 8   
ALA HA   H  N N 9   
ALA HB1  H  N N 10  
ALA HB2  H  N N 11  
ALA HB3  H  N N 12  
ALA HXT  H  N N 13  
ARG N    N  N N 14  
ARG CA   C  N S 15  
ARG C    C  N N 16  
ARG O    O  N N 17  
ARG CB   C  N N 18  
ARG CG   C  N N 19  
ARG CD   C  N N 20  
ARG NE   N  N N 21  
ARG CZ   C  N N 22  
ARG NH1  N  N N 23  
ARG NH2  N  N N 24  
ARG OXT  O  N N 25  
ARG H    H  N N 26  
ARG H2   H  N N 27  
ARG HA   H  N N 28  
ARG HB2  H  N N 29  
ARG HB3  H  N N 30  
ARG HG2  H  N N 31  
ARG HG3  H  N N 32  
ARG HD2  H  N N 33  
ARG HD3  H  N N 34  
ARG HE   H  N N 35  
ARG HH11 H  N N 36  
ARG HH12 H  N N 37  
ARG HH21 H  N N 38  
ARG HH22 H  N N 39  
ARG HXT  H  N N 40  
ASN N    N  N N 41  
ASN CA   C  N S 42  
ASN C    C  N N 43  
ASN O    O  N N 44  
ASN CB   C  N N 45  
ASN CG   C  N N 46  
ASN OD1  O  N N 47  
ASN ND2  N  N N 48  
ASN OXT  O  N N 49  
ASN H    H  N N 50  
ASN H2   H  N N 51  
ASN HA   H  N N 52  
ASN HB2  H  N N 53  
ASN HB3  H  N N 54  
ASN HD21 H  N N 55  
ASN HD22 H  N N 56  
ASN HXT  H  N N 57  
ASP N    N  N N 58  
ASP CA   C  N S 59  
ASP C    C  N N 60  
ASP O    O  N N 61  
ASP CB   C  N N 62  
ASP CG   C  N N 63  
ASP OD1  O  N N 64  
ASP OD2  O  N N 65  
ASP OXT  O  N N 66  
ASP H    H  N N 67  
ASP H2   H  N N 68  
ASP HA   H  N N 69  
ASP HB2  H  N N 70  
ASP HB3  H  N N 71  
ASP HD2  H  N N 72  
ASP HXT  H  N N 73  
CYS N    N  N N 74  
CYS CA   C  N R 75  
CYS C    C  N N 76  
CYS O    O  N N 77  
CYS CB   C  N N 78  
CYS SG   S  N N 79  
CYS OXT  O  N N 80  
CYS H    H  N N 81  
CYS H2   H  N N 82  
CYS HA   H  N N 83  
CYS HB2  H  N N 84  
CYS HB3  H  N N 85  
CYS HG   H  N N 86  
CYS HXT  H  N N 87  
GLN N    N  N N 88  
GLN CA   C  N S 89  
GLN C    C  N N 90  
GLN O    O  N N 91  
GLN CB   C  N N 92  
GLN CG   C  N N 93  
GLN CD   C  N N 94  
GLN OE1  O  N N 95  
GLN NE2  N  N N 96  
GLN OXT  O  N N 97  
GLN H    H  N N 98  
GLN H2   H  N N 99  
GLN HA   H  N N 100 
GLN HB2  H  N N 101 
GLN HB3  H  N N 102 
GLN HG2  H  N N 103 
GLN HG3  H  N N 104 
GLN HE21 H  N N 105 
GLN HE22 H  N N 106 
GLN HXT  H  N N 107 
GLU N    N  N N 108 
GLU CA   C  N S 109 
GLU C    C  N N 110 
GLU O    O  N N 111 
GLU CB   C  N N 112 
GLU CG   C  N N 113 
GLU CD   C  N N 114 
GLU OE1  O  N N 115 
GLU OE2  O  N N 116 
GLU OXT  O  N N 117 
GLU H    H  N N 118 
GLU H2   H  N N 119 
GLU HA   H  N N 120 
GLU HB2  H  N N 121 
GLU HB3  H  N N 122 
GLU HG2  H  N N 123 
GLU HG3  H  N N 124 
GLU HE2  H  N N 125 
GLU HXT  H  N N 126 
GLY N    N  N N 127 
GLY CA   C  N N 128 
GLY C    C  N N 129 
GLY O    O  N N 130 
GLY OXT  O  N N 131 
GLY H    H  N N 132 
GLY H2   H  N N 133 
GLY HA2  H  N N 134 
GLY HA3  H  N N 135 
GLY HXT  H  N N 136 
HIS N    N  N N 137 
HIS CA   C  N S 138 
HIS C    C  N N 139 
HIS O    O  N N 140 
HIS CB   C  N N 141 
HIS CG   C  Y N 142 
HIS ND1  N  Y N 143 
HIS CD2  C  Y N 144 
HIS CE1  C  Y N 145 
HIS NE2  N  Y N 146 
HIS OXT  O  N N 147 
HIS H    H  N N 148 
HIS H2   H  N N 149 
HIS HA   H  N N 150 
HIS HB2  H  N N 151 
HIS HB3  H  N N 152 
HIS HD1  H  N N 153 
HIS HD2  H  N N 154 
HIS HE1  H  N N 155 
HIS HE2  H  N N 156 
HIS HXT  H  N N 157 
HOH O    O  N N 158 
HOH H1   H  N N 159 
HOH H2   H  N N 160 
ILE N    N  N N 161 
ILE CA   C  N S 162 
ILE C    C  N N 163 
ILE O    O  N N 164 
ILE CB   C  N S 165 
ILE CG1  C  N N 166 
ILE CG2  C  N N 167 
ILE CD1  C  N N 168 
ILE OXT  O  N N 169 
ILE H    H  N N 170 
ILE H2   H  N N 171 
ILE HA   H  N N 172 
ILE HB   H  N N 173 
ILE HG12 H  N N 174 
ILE HG13 H  N N 175 
ILE HG21 H  N N 176 
ILE HG22 H  N N 177 
ILE HG23 H  N N 178 
ILE HD11 H  N N 179 
ILE HD12 H  N N 180 
ILE HD13 H  N N 181 
ILE HXT  H  N N 182 
LEU N    N  N N 183 
LEU CA   C  N S 184 
LEU C    C  N N 185 
LEU O    O  N N 186 
LEU CB   C  N N 187 
LEU CG   C  N N 188 
LEU CD1  C  N N 189 
LEU CD2  C  N N 190 
LEU OXT  O  N N 191 
LEU H    H  N N 192 
LEU H2   H  N N 193 
LEU HA   H  N N 194 
LEU HB2  H  N N 195 
LEU HB3  H  N N 196 
LEU HG   H  N N 197 
LEU HD11 H  N N 198 
LEU HD12 H  N N 199 
LEU HD13 H  N N 200 
LEU HD21 H  N N 201 
LEU HD22 H  N N 202 
LEU HD23 H  N N 203 
LEU HXT  H  N N 204 
LYS N    N  N N 205 
LYS CA   C  N S 206 
LYS C    C  N N 207 
LYS O    O  N N 208 
LYS CB   C  N N 209 
LYS CG   C  N N 210 
LYS CD   C  N N 211 
LYS CE   C  N N 212 
LYS NZ   N  N N 213 
LYS OXT  O  N N 214 
LYS H    H  N N 215 
LYS H2   H  N N 216 
LYS HA   H  N N 217 
LYS HB2  H  N N 218 
LYS HB3  H  N N 219 
LYS HG2  H  N N 220 
LYS HG3  H  N N 221 
LYS HD2  H  N N 222 
LYS HD3  H  N N 223 
LYS HE2  H  N N 224 
LYS HE3  H  N N 225 
LYS HZ1  H  N N 226 
LYS HZ2  H  N N 227 
LYS HZ3  H  N N 228 
LYS HXT  H  N N 229 
MG  MG   MG N N 230 
MOH C    C  N N 231 
MOH O    O  N N 232 
MOH H1   H  N N 233 
MOH H2   H  N N 234 
MOH H3   H  N N 235 
MOH HO   H  N N 236 
PHE N    N  N N 237 
PHE CA   C  N S 238 
PHE C    C  N N 239 
PHE O    O  N N 240 
PHE CB   C  N N 241 
PHE CG   C  Y N 242 
PHE CD1  C  Y N 243 
PHE CD2  C  Y N 244 
PHE CE1  C  Y N 245 
PHE CE2  C  Y N 246 
PHE CZ   C  Y N 247 
PHE OXT  O  N N 248 
PHE H    H  N N 249 
PHE H2   H  N N 250 
PHE HA   H  N N 251 
PHE HB2  H  N N 252 
PHE HB3  H  N N 253 
PHE HD1  H  N N 254 
PHE HD2  H  N N 255 
PHE HE1  H  N N 256 
PHE HE2  H  N N 257 
PHE HZ   H  N N 258 
PHE HXT  H  N N 259 
PRO N    N  N N 260 
PRO CA   C  N S 261 
PRO C    C  N N 262 
PRO O    O  N N 263 
PRO CB   C  N N 264 
PRO CG   C  N N 265 
PRO CD   C  N N 266 
PRO OXT  O  N N 267 
PRO H    H  N N 268 
PRO HA   H  N N 269 
PRO HB2  H  N N 270 
PRO HB3  H  N N 271 
PRO HG2  H  N N 272 
PRO HG3  H  N N 273 
PRO HD2  H  N N 274 
PRO HD3  H  N N 275 
PRO HXT  H  N N 276 
SER N    N  N N 277 
SER CA   C  N S 278 
SER C    C  N N 279 
SER O    O  N N 280 
SER CB   C  N N 281 
SER OG   O  N N 282 
SER OXT  O  N N 283 
SER H    H  N N 284 
SER H2   H  N N 285 
SER HA   H  N N 286 
SER HB2  H  N N 287 
SER HB3  H  N N 288 
SER HG   H  N N 289 
SER HXT  H  N N 290 
THR N    N  N N 291 
THR CA   C  N S 292 
THR C    C  N N 293 
THR O    O  N N 294 
THR CB   C  N R 295 
THR OG1  O  N N 296 
THR CG2  C  N N 297 
THR OXT  O  N N 298 
THR H    H  N N 299 
THR H2   H  N N 300 
THR HA   H  N N 301 
THR HB   H  N N 302 
THR HG1  H  N N 303 
THR HG21 H  N N 304 
THR HG22 H  N N 305 
THR HG23 H  N N 306 
THR HXT  H  N N 307 
TRP N    N  N N 308 
TRP CA   C  N S 309 
TRP C    C  N N 310 
TRP O    O  N N 311 
TRP CB   C  N N 312 
TRP CG   C  Y N 313 
TRP CD1  C  Y N 314 
TRP CD2  C  Y N 315 
TRP NE1  N  Y N 316 
TRP CE2  C  Y N 317 
TRP CE3  C  Y N 318 
TRP CZ2  C  Y N 319 
TRP CZ3  C  Y N 320 
TRP CH2  C  Y N 321 
TRP OXT  O  N N 322 
TRP H    H  N N 323 
TRP H2   H  N N 324 
TRP HA   H  N N 325 
TRP HB2  H  N N 326 
TRP HB3  H  N N 327 
TRP HD1  H  N N 328 
TRP HE1  H  N N 329 
TRP HE3  H  N N 330 
TRP HZ2  H  N N 331 
TRP HZ3  H  N N 332 
TRP HH2  H  N N 333 
TRP HXT  H  N N 334 
TYR N    N  N N 335 
TYR CA   C  N S 336 
TYR C    C  N N 337 
TYR O    O  N N 338 
TYR CB   C  N N 339 
TYR CG   C  Y N 340 
TYR CD1  C  Y N 341 
TYR CD2  C  Y N 342 
TYR CE1  C  Y N 343 
TYR CE2  C  Y N 344 
TYR CZ   C  Y N 345 
TYR OH   O  N N 346 
TYR OXT  O  N N 347 
TYR H    H  N N 348 
TYR H2   H  N N 349 
TYR HA   H  N N 350 
TYR HB2  H  N N 351 
TYR HB3  H  N N 352 
TYR HD1  H  N N 353 
TYR HD2  H  N N 354 
TYR HE1  H  N N 355 
TYR HE2  H  N N 356 
TYR HH   H  N N 357 
TYR HXT  H  N N 358 
VAL N    N  N N 359 
VAL CA   C  N S 360 
VAL C    C  N N 361 
VAL O    O  N N 362 
VAL CB   C  N N 363 
VAL CG1  C  N N 364 
VAL CG2  C  N N 365 
VAL OXT  O  N N 366 
VAL H    H  N N 367 
VAL H2   H  N N 368 
VAL HA   H  N N 369 
VAL HB   H  N N 370 
VAL HG11 H  N N 371 
VAL HG12 H  N N 372 
VAL HG13 H  N N 373 
VAL HG21 H  N N 374 
VAL HG22 H  N N 375 
VAL HG23 H  N N 376 
VAL HXT  H  N N 377 
# 
loop_
_chem_comp_bond.comp_id 
_chem_comp_bond.atom_id_1 
_chem_comp_bond.atom_id_2 
_chem_comp_bond.value_order 
_chem_comp_bond.pdbx_aromatic_flag 
_chem_comp_bond.pdbx_stereo_config 
_chem_comp_bond.pdbx_ordinal 
ALA N   CA   sing N N 1   
ALA N   H    sing N N 2   
ALA N   H2   sing N N 3   
ALA CA  C    sing N N 4   
ALA CA  CB   sing N N 5   
ALA CA  HA   sing N N 6   
ALA C   O    doub N N 7   
ALA C   OXT  sing N N 8   
ALA CB  HB1  sing N N 9   
ALA CB  HB2  sing N N 10  
ALA CB  HB3  sing N N 11  
ALA OXT HXT  sing N N 12  
ARG N   CA   sing N N 13  
ARG N   H    sing N N 14  
ARG N   H2   sing N N 15  
ARG CA  C    sing N N 16  
ARG CA  CB   sing N N 17  
ARG CA  HA   sing N N 18  
ARG C   O    doub N N 19  
ARG C   OXT  sing N N 20  
ARG CB  CG   sing N N 21  
ARG CB  HB2  sing N N 22  
ARG CB  HB3  sing N N 23  
ARG CG  CD   sing N N 24  
ARG CG  HG2  sing N N 25  
ARG CG  HG3  sing N N 26  
ARG CD  NE   sing N N 27  
ARG CD  HD2  sing N N 28  
ARG CD  HD3  sing N N 29  
ARG NE  CZ   sing N N 30  
ARG NE  HE   sing N N 31  
ARG CZ  NH1  sing N N 32  
ARG CZ  NH2  doub N N 33  
ARG NH1 HH11 sing N N 34  
ARG NH1 HH12 sing N N 35  
ARG NH2 HH21 sing N N 36  
ARG NH2 HH22 sing N N 37  
ARG OXT HXT  sing N N 38  
ASN N   CA   sing N N 39  
ASN N   H    sing N N 40  
ASN N   H2   sing N N 41  
ASN CA  C    sing N N 42  
ASN CA  CB   sing N N 43  
ASN CA  HA   sing N N 44  
ASN C   O    doub N N 45  
ASN C   OXT  sing N N 46  
ASN CB  CG   sing N N 47  
ASN CB  HB2  sing N N 48  
ASN CB  HB3  sing N N 49  
ASN CG  OD1  doub N N 50  
ASN CG  ND2  sing N N 51  
ASN ND2 HD21 sing N N 52  
ASN ND2 HD22 sing N N 53  
ASN OXT HXT  sing N N 54  
ASP N   CA   sing N N 55  
ASP N   H    sing N N 56  
ASP N   H2   sing N N 57  
ASP CA  C    sing N N 58  
ASP CA  CB   sing N N 59  
ASP CA  HA   sing N N 60  
ASP C   O    doub N N 61  
ASP C   OXT  sing N N 62  
ASP CB  CG   sing N N 63  
ASP CB  HB2  sing N N 64  
ASP CB  HB3  sing N N 65  
ASP CG  OD1  doub N N 66  
ASP CG  OD2  sing N N 67  
ASP OD2 HD2  sing N N 68  
ASP OXT HXT  sing N N 69  
CYS N   CA   sing N N 70  
CYS N   H    sing N N 71  
CYS N   H2   sing N N 72  
CYS CA  C    sing N N 73  
CYS CA  CB   sing N N 74  
CYS CA  HA   sing N N 75  
CYS C   O    doub N N 76  
CYS C   OXT  sing N N 77  
CYS CB  SG   sing N N 78  
CYS CB  HB2  sing N N 79  
CYS CB  HB3  sing N N 80  
CYS SG  HG   sing N N 81  
CYS OXT HXT  sing N N 82  
GLN N   CA   sing N N 83  
GLN N   H    sing N N 84  
GLN N   H2   sing N N 85  
GLN CA  C    sing N N 86  
GLN CA  CB   sing N N 87  
GLN CA  HA   sing N N 88  
GLN C   O    doub N N 89  
GLN C   OXT  sing N N 90  
GLN CB  CG   sing N N 91  
GLN CB  HB2  sing N N 92  
GLN CB  HB3  sing N N 93  
GLN CG  CD   sing N N 94  
GLN CG  HG2  sing N N 95  
GLN CG  HG3  sing N N 96  
GLN CD  OE1  doub N N 97  
GLN CD  NE2  sing N N 98  
GLN NE2 HE21 sing N N 99  
GLN NE2 HE22 sing N N 100 
GLN OXT HXT  sing N N 101 
GLU N   CA   sing N N 102 
GLU N   H    sing N N 103 
GLU N   H2   sing N N 104 
GLU CA  C    sing N N 105 
GLU CA  CB   sing N N 106 
GLU CA  HA   sing N N 107 
GLU C   O    doub N N 108 
GLU C   OXT  sing N N 109 
GLU CB  CG   sing N N 110 
GLU CB  HB2  sing N N 111 
GLU CB  HB3  sing N N 112 
GLU CG  CD   sing N N 113 
GLU CG  HG2  sing N N 114 
GLU CG  HG3  sing N N 115 
GLU CD  OE1  doub N N 116 
GLU CD  OE2  sing N N 117 
GLU OE2 HE2  sing N N 118 
GLU OXT HXT  sing N N 119 
GLY N   CA   sing N N 120 
GLY N   H    sing N N 121 
GLY N   H2   sing N N 122 
GLY CA  C    sing N N 123 
GLY CA  HA2  sing N N 124 
GLY CA  HA3  sing N N 125 
GLY C   O    doub N N 126 
GLY C   OXT  sing N N 127 
GLY OXT HXT  sing N N 128 
HIS N   CA   sing N N 129 
HIS N   H    sing N N 130 
HIS N   H2   sing N N 131 
HIS CA  C    sing N N 132 
HIS CA  CB   sing N N 133 
HIS CA  HA   sing N N 134 
HIS C   O    doub N N 135 
HIS C   OXT  sing N N 136 
HIS CB  CG   sing N N 137 
HIS CB  HB2  sing N N 138 
HIS CB  HB3  sing N N 139 
HIS CG  ND1  sing Y N 140 
HIS CG  CD2  doub Y N 141 
HIS ND1 CE1  doub Y N 142 
HIS ND1 HD1  sing N N 143 
HIS CD2 NE2  sing Y N 144 
HIS CD2 HD2  sing N N 145 
HIS CE1 NE2  sing Y N 146 
HIS CE1 HE1  sing N N 147 
HIS NE2 HE2  sing N N 148 
HIS OXT HXT  sing N N 149 
HOH O   H1   sing N N 150 
HOH O   H2   sing N N 151 
ILE N   CA   sing N N 152 
ILE N   H    sing N N 153 
ILE N   H2   sing N N 154 
ILE CA  C    sing N N 155 
ILE CA  CB   sing N N 156 
ILE CA  HA   sing N N 157 
ILE C   O    doub N N 158 
ILE C   OXT  sing N N 159 
ILE CB  CG1  sing N N 160 
ILE CB  CG2  sing N N 161 
ILE CB  HB   sing N N 162 
ILE CG1 CD1  sing N N 163 
ILE CG1 HG12 sing N N 164 
ILE CG1 HG13 sing N N 165 
ILE CG2 HG21 sing N N 166 
ILE CG2 HG22 sing N N 167 
ILE CG2 HG23 sing N N 168 
ILE CD1 HD11 sing N N 169 
ILE CD1 HD12 sing N N 170 
ILE CD1 HD13 sing N N 171 
ILE OXT HXT  sing N N 172 
LEU N   CA   sing N N 173 
LEU N   H    sing N N 174 
LEU N   H2   sing N N 175 
LEU CA  C    sing N N 176 
LEU CA  CB   sing N N 177 
LEU CA  HA   sing N N 178 
LEU C   O    doub N N 179 
LEU C   OXT  sing N N 180 
LEU CB  CG   sing N N 181 
LEU CB  HB2  sing N N 182 
LEU CB  HB3  sing N N 183 
LEU CG  CD1  sing N N 184 
LEU CG  CD2  sing N N 185 
LEU CG  HG   sing N N 186 
LEU CD1 HD11 sing N N 187 
LEU CD1 HD12 sing N N 188 
LEU CD1 HD13 sing N N 189 
LEU CD2 HD21 sing N N 190 
LEU CD2 HD22 sing N N 191 
LEU CD2 HD23 sing N N 192 
LEU OXT HXT  sing N N 193 
LYS N   CA   sing N N 194 
LYS N   H    sing N N 195 
LYS N   H2   sing N N 196 
LYS CA  C    sing N N 197 
LYS CA  CB   sing N N 198 
LYS CA  HA   sing N N 199 
LYS C   O    doub N N 200 
LYS C   OXT  sing N N 201 
LYS CB  CG   sing N N 202 
LYS CB  HB2  sing N N 203 
LYS CB  HB3  sing N N 204 
LYS CG  CD   sing N N 205 
LYS CG  HG2  sing N N 206 
LYS CG  HG3  sing N N 207 
LYS CD  CE   sing N N 208 
LYS CD  HD2  sing N N 209 
LYS CD  HD3  sing N N 210 
LYS CE  NZ   sing N N 211 
LYS CE  HE2  sing N N 212 
LYS CE  HE3  sing N N 213 
LYS NZ  HZ1  sing N N 214 
LYS NZ  HZ2  sing N N 215 
LYS NZ  HZ3  sing N N 216 
LYS OXT HXT  sing N N 217 
MOH C   O    sing N N 218 
MOH C   H1   sing N N 219 
MOH C   H2   sing N N 220 
MOH C   H3   sing N N 221 
MOH O   HO   sing N N 222 
PHE N   CA   sing N N 223 
PHE N   H    sing N N 224 
PHE N   H2   sing N N 225 
PHE CA  C    sing N N 226 
PHE CA  CB   sing N N 227 
PHE CA  HA   sing N N 228 
PHE C   O    doub N N 229 
PHE C   OXT  sing N N 230 
PHE CB  CG   sing N N 231 
PHE CB  HB2  sing N N 232 
PHE CB  HB3  sing N N 233 
PHE CG  CD1  doub Y N 234 
PHE CG  CD2  sing Y N 235 
PHE CD1 CE1  sing Y N 236 
PHE CD1 HD1  sing N N 237 
PHE CD2 CE2  doub Y N 238 
PHE CD2 HD2  sing N N 239 
PHE CE1 CZ   doub Y N 240 
PHE CE1 HE1  sing N N 241 
PHE CE2 CZ   sing Y N 242 
PHE CE2 HE2  sing N N 243 
PHE CZ  HZ   sing N N 244 
PHE OXT HXT  sing N N 245 
PRO N   CA   sing N N 246 
PRO N   CD   sing N N 247 
PRO N   H    sing N N 248 
PRO CA  C    sing N N 249 
PRO CA  CB   sing N N 250 
PRO CA  HA   sing N N 251 
PRO C   O    doub N N 252 
PRO C   OXT  sing N N 253 
PRO CB  CG   sing N N 254 
PRO CB  HB2  sing N N 255 
PRO CB  HB3  sing N N 256 
PRO CG  CD   sing N N 257 
PRO CG  HG2  sing N N 258 
PRO CG  HG3  sing N N 259 
PRO CD  HD2  sing N N 260 
PRO CD  HD3  sing N N 261 
PRO OXT HXT  sing N N 262 
SER N   CA   sing N N 263 
SER N   H    sing N N 264 
SER N   H2   sing N N 265 
SER CA  C    sing N N 266 
SER CA  CB   sing N N 267 
SER CA  HA   sing N N 268 
SER C   O    doub N N 269 
SER C   OXT  sing N N 270 
SER CB  OG   sing N N 271 
SER CB  HB2  sing N N 272 
SER CB  HB3  sing N N 273 
SER OG  HG   sing N N 274 
SER OXT HXT  sing N N 275 
THR N   CA   sing N N 276 
THR N   H    sing N N 277 
THR N   H2   sing N N 278 
THR CA  C    sing N N 279 
THR CA  CB   sing N N 280 
THR CA  HA   sing N N 281 
THR C   O    doub N N 282 
THR C   OXT  sing N N 283 
THR CB  OG1  sing N N 284 
THR CB  CG2  sing N N 285 
THR CB  HB   sing N N 286 
THR OG1 HG1  sing N N 287 
THR CG2 HG21 sing N N 288 
THR CG2 HG22 sing N N 289 
THR CG2 HG23 sing N N 290 
THR OXT HXT  sing N N 291 
TRP N   CA   sing N N 292 
TRP N   H    sing N N 293 
TRP N   H2   sing N N 294 
TRP CA  C    sing N N 295 
TRP CA  CB   sing N N 296 
TRP CA  HA   sing N N 297 
TRP C   O    doub N N 298 
TRP C   OXT  sing N N 299 
TRP CB  CG   sing N N 300 
TRP CB  HB2  sing N N 301 
TRP CB  HB3  sing N N 302 
TRP CG  CD1  doub Y N 303 
TRP CG  CD2  sing Y N 304 
TRP CD1 NE1  sing Y N 305 
TRP CD1 HD1  sing N N 306 
TRP CD2 CE2  doub Y N 307 
TRP CD2 CE3  sing Y N 308 
TRP NE1 CE2  sing Y N 309 
TRP NE1 HE1  sing N N 310 
TRP CE2 CZ2  sing Y N 311 
TRP CE3 CZ3  doub Y N 312 
TRP CE3 HE3  sing N N 313 
TRP CZ2 CH2  doub Y N 314 
TRP CZ2 HZ2  sing N N 315 
TRP CZ3 CH2  sing Y N 316 
TRP CZ3 HZ3  sing N N 317 
TRP CH2 HH2  sing N N 318 
TRP OXT HXT  sing N N 319 
TYR N   CA   sing N N 320 
TYR N   H    sing N N 321 
TYR N   H2   sing N N 322 
TYR CA  C    sing N N 323 
TYR CA  CB   sing N N 324 
TYR CA  HA   sing N N 325 
TYR C   O    doub N N 326 
TYR C   OXT  sing N N 327 
TYR CB  CG   sing N N 328 
TYR CB  HB2  sing N N 329 
TYR CB  HB3  sing N N 330 
TYR CG  CD1  doub Y N 331 
TYR CG  CD2  sing Y N 332 
TYR CD1 CE1  sing Y N 333 
TYR CD1 HD1  sing N N 334 
TYR CD2 CE2  doub Y N 335 
TYR CD2 HD2  sing N N 336 
TYR CE1 CZ   doub Y N 337 
TYR CE1 HE1  sing N N 338 
TYR CE2 CZ   sing Y N 339 
TYR CE2 HE2  sing N N 340 
TYR CZ  OH   sing N N 341 
TYR OH  HH   sing N N 342 
TYR OXT HXT  sing N N 343 
VAL N   CA   sing N N 344 
VAL N   H    sing N N 345 
VAL N   H2   sing N N 346 
VAL CA  C    sing N N 347 
VAL CA  CB   sing N N 348 
VAL CA  HA   sing N N 349 
VAL C   O    doub N N 350 
VAL C   OXT  sing N N 351 
VAL CB  CG1  sing N N 352 
VAL CB  CG2  sing N N 353 
VAL CB  HB   sing N N 354 
VAL CG1 HG11 sing N N 355 
VAL CG1 HG12 sing N N 356 
VAL CG1 HG13 sing N N 357 
VAL CG2 HG21 sing N N 358 
VAL CG2 HG22 sing N N 359 
VAL CG2 HG23 sing N N 360 
VAL OXT HXT  sing N N 361 
# 
_atom_sites.entry_id                    1ZD0 
_atom_sites.fract_transf_matrix[1][1]   -0.01636816 
_atom_sites.fract_transf_matrix[1][2]   -0.01400618 
_atom_sites.fract_transf_matrix[1][3]   0.00149673 
_atom_sites.fract_transf_matrix[2][1]   -0.00297024 
_atom_sites.fract_transf_matrix[2][2]   -0.01123893 
_atom_sites.fract_transf_matrix[2][3]   0.01820506 
_atom_sites.fract_transf_matrix[3][1]   -0.00689862 
_atom_sites.fract_transf_matrix[3][2]   0.00850265 
_atom_sites.fract_transf_matrix[3][3]   0.00412359 
_atom_sites.fract_transf_vector[1]      0.271866 
_atom_sites.fract_transf_vector[2]      -0.008987 
_atom_sites.fract_transf_vector[3]      0.051335 
# 
loop_
_atom_type.symbol 
C  
MG 
N  
O  
S  
X  
# 
loop_
_atom_site.group_PDB 
_atom_site.id 
_atom_site.type_symbol 
_atom_site.label_atom_id 
_atom_site.label_alt_id 
_atom_site.label_comp_id 
_atom_site.label_asym_id 
_atom_site.label_entity_id 
_atom_site.label_seq_id 
_atom_site.pdbx_PDB_ins_code 
_atom_site.Cartn_x 
_atom_site.Cartn_y 
_atom_site.Cartn_z 
_atom_site.occupancy 
_atom_site.B_iso_or_equiv 
_atom_site.pdbx_formal_charge 
_atom_site.auth_seq_id 
_atom_site.auth_comp_id 
_atom_site.auth_asym_id 
_atom_site.auth_atom_id 
_atom_site.pdbx_PDB_model_num 
ATOM   1    N  N   . HIS A 1 5   ? 10.528  -22.813 15.981  1.00 46.76 ? 4   HIS A N   1 
ATOM   2    C  CA  . HIS A 1 5   ? 9.903   -23.374 17.213  1.00 46.44 ? 4   HIS A CA  1 
ATOM   3    C  C   . HIS A 1 5   ? 10.121  -24.897 17.310  1.00 45.24 ? 4   HIS A C   1 
ATOM   4    O  O   . HIS A 1 5   ? 11.273  -25.348 17.272  1.00 45.72 ? 4   HIS A O   1 
ATOM   5    C  CB  . HIS A 1 5   ? 8.423   -22.995 17.304  1.00 47.14 ? 4   HIS A CB  1 
ATOM   6    C  CG  . HIS A 1 5   ? 7.919   -22.851 18.712  1.00 49.86 ? 4   HIS A CG  1 
ATOM   7    N  ND1 . HIS A 1 5   ? 8.381   -23.628 19.759  1.00 52.31 ? 4   HIS A ND1 1 
ATOM   8    C  CD2 . HIS A 1 5   ? 6.976   -22.034 19.241  1.00 51.75 ? 4   HIS A CD2 1 
ATOM   9    C  CE1 . HIS A 1 5   ? 7.755   -23.283 20.871  1.00 52.92 ? 4   HIS A CE1 1 
ATOM   10   N  NE2 . HIS A 1 5   ? 6.899   -22.316 20.584  1.00 53.36 ? 4   HIS A NE2 1 
ATOM   11   N  N   . HIS A 1 6   ? 9.039   -25.675 17.446  1.00 43.65 ? 5   HIS A N   1 
ATOM   12   C  CA  . HIS A 1 6   ? 9.127   -27.134 17.628  1.00 41.82 ? 5   HIS A CA  1 
ATOM   13   C  C   . HIS A 1 6   ? 9.728   -27.805 16.399  1.00 41.00 ? 5   HIS A C   1 
ATOM   14   O  O   . HIS A 1 6   ? 9.358   -27.486 15.273  1.00 40.48 ? 5   HIS A O   1 
ATOM   15   C  CB  . HIS A 1 6   ? 7.742   -27.733 17.925  1.00 41.66 ? 5   HIS A CB  1 
ATOM   16   C  CG  . HIS A 1 6   ? 7.783   -29.088 18.574  1.00 40.07 ? 5   HIS A CG  1 
ATOM   17   N  ND1 . HIS A 1 6   ? 8.208   -30.224 17.916  1.00 38.37 ? 5   HIS A ND1 1 
ATOM   18   C  CD2 . HIS A 1 6   ? 7.445   -29.488 19.824  1.00 38.94 ? 5   HIS A CD2 1 
ATOM   19   C  CE1 . HIS A 1 6   ? 8.134   -31.260 18.731  1.00 38.57 ? 5   HIS A CE1 1 
ATOM   20   N  NE2 . HIS A 1 6   ? 7.674   -30.841 19.896  1.00 37.88 ? 5   HIS A NE2 1 
ATOM   21   N  N   . HIS A 1 7   ? 10.667  -28.719 16.626  1.00 40.51 ? 6   HIS A N   1 
ATOM   22   C  CA  . HIS A 1 7   ? 11.245  -29.521 15.550  1.00 40.26 ? 6   HIS A CA  1 
ATOM   23   C  C   . HIS A 1 7   ? 10.133  -30.209 14.756  1.00 40.20 ? 6   HIS A C   1 
ATOM   24   O  O   . HIS A 1 7   ? 9.265   -30.864 15.339  1.00 39.44 ? 6   HIS A O   1 
ATOM   25   C  CB  . HIS A 1 7   ? 12.221  -30.549 16.127  1.00 40.42 ? 6   HIS A CB  1 
ATOM   26   C  CG  . HIS A 1 7   ? 13.031  -31.273 15.098  1.00 40.22 ? 6   HIS A CG  1 
ATOM   27   N  ND1 . HIS A 1 7   ? 13.682  -30.626 14.067  1.00 39.88 ? 6   HIS A ND1 1 
ATOM   28   C  CD2 . HIS A 1 7   ? 13.304  -32.590 14.951  1.00 39.53 ? 6   HIS A CD2 1 
ATOM   29   C  CE1 . HIS A 1 7   ? 14.320  -31.517 13.330  1.00 39.31 ? 6   HIS A CE1 1 
ATOM   30   N  NE2 . HIS A 1 7   ? 14.105  -32.715 13.844  1.00 39.94 ? 6   HIS A NE2 1 
ATOM   31   N  N   . GLY A 1 8   ? 10.154  -30.028 13.439  1.00 40.10 ? 7   GLY A N   1 
ATOM   32   C  CA  . GLY A 1 8   ? 9.176   -30.648 12.546  1.00 40.96 ? 7   GLY A CA  1 
ATOM   33   C  C   . GLY A 1 8   ? 8.143   -29.712 11.956  1.00 41.85 ? 7   GLY A C   1 
ATOM   34   O  O   . GLY A 1 8   ? 7.429   -30.080 11.023  1.00 42.09 ? 7   GLY A O   1 
ATOM   35   N  N   . SER A 1 9   ? 8.064   -28.497 12.494  1.00 42.45 ? 8   SER A N   1 
ATOM   36   C  CA  . SER A 1 9   ? 7.139   -27.487 11.989  1.00 43.52 ? 8   SER A CA  1 
ATOM   37   C  C   . SER A 1 9   ? 7.693   -26.800 10.737  1.00 44.26 ? 8   SER A C   1 
ATOM   38   O  O   . SER A 1 9   ? 8.910   -26.715 10.553  1.00 44.10 ? 8   SER A O   1 
ATOM   39   C  CB  . SER A 1 9   ? 6.845   -26.446 13.075  1.00 43.41 ? 8   SER A CB  1 
ATOM   40   O  OG  . SER A 1 9   ? 8.027   -25.777 13.484  1.00 42.70 ? 8   SER A OG  1 
ATOM   41   N  N   . LEU A 1 10  ? 6.800   -26.315 9.880   1.00 45.55 ? 9   LEU A N   1 
ATOM   42   C  CA  . LEU A 1 10  ? 7.197   -25.430 8.781   1.00 46.92 ? 9   LEU A CA  1 
ATOM   43   C  C   . LEU A 1 10  ? 7.972   -24.240 9.377   1.00 47.58 ? 9   LEU A C   1 
ATOM   44   O  O   . LEU A 1 10  ? 7.651   -23.783 10.481  1.00 47.78 ? 9   LEU A O   1 
ATOM   45   C  CB  . LEU A 1 10  ? 5.964   -24.956 8.004   1.00 47.03 ? 9   LEU A CB  1 
ATOM   46   C  CG  . LEU A 1 10  ? 5.105   -26.073 7.411   1.00 47.86 ? 9   LEU A CG  1 
ATOM   47   C  CD1 . LEU A 1 10  ? 3.716   -25.568 7.036   1.00 47.97 ? 9   LEU A CD1 1 
ATOM   48   C  CD2 . LEU A 1 10  ? 5.805   -26.713 6.210   1.00 49.23 ? 9   LEU A CD2 1 
ATOM   49   N  N   . GLU A 1 11  ? 8.942   -23.680 8.656   1.00 48.52 ? 10  GLU A N   1 
ATOM   50   C  CA  . GLU A 1 11  ? 9.019   -23.694 7.208   1.00 49.18 ? 10  GLU A CA  1 
ATOM   51   C  C   . GLU A 1 11  ? 8.354   -22.369 6.822   1.00 49.36 ? 10  GLU A C   1 
ATOM   52   O  O   . GLU A 1 11  ? 7.910   -22.196 5.684   1.00 50.57 ? 10  GLU A O   1 
ATOM   53   N  N   . ILE A 1 12  ? 8.305   -21.443 7.786   1.00 49.24 ? 11  ILE A N   1 
ATOM   54   C  CA  . ILE A 1 12  ? 7.506   -20.202 7.695   1.00 48.57 ? 11  ILE A CA  1 
ATOM   55   C  C   . ILE A 1 12  ? 8.071   -19.101 6.778   1.00 48.08 ? 11  ILE A C   1 
ATOM   56   O  O   . ILE A 1 12  ? 9.132   -18.527 7.050   1.00 48.47 ? 11  ILE A O   1 
ATOM   57   N  N   . ARG A 1 13  ? 7.320   -18.800 5.719   1.00 47.08 ? 12  ARG A N   1 
ATOM   58   C  CA  . ARG A 1 13  ? 7.759   -17.935 4.620   1.00 45.42 ? 12  ARG A CA  1 
ATOM   59   C  C   . ARG A 1 13  ? 7.780   -16.450 5.000   1.00 44.32 ? 12  ARG A C   1 
ATOM   60   O  O   . ARG A 1 13  ? 6.759   -15.897 5.438   1.00 44.11 ? 12  ARG A O   1 
ATOM   61   C  CB  . ARG A 1 13  ? 6.872   -18.190 3.383   1.00 45.56 ? 12  ARG A CB  1 
ATOM   62   C  CG  . ARG A 1 13  ? 6.801   -17.045 2.361   1.00 46.81 ? 12  ARG A CG  1 
ATOM   63   N  N   . THR A 1 14  ? 8.934   -15.804 4.816   1.00 42.72 ? 13  THR A N   1 
ATOM   64   C  CA  . THR A 1 14  ? 9.061   -14.346 5.061   1.00 41.87 ? 13  THR A CA  1 
ATOM   65   C  C   . THR A 1 14  ? 8.678   -13.490 3.848   1.00 41.43 ? 13  THR A C   1 
ATOM   66   O  O   . THR A 1 14  ? 8.268   -12.332 4.010   1.00 41.57 ? 13  THR A O   1 
ATOM   67   C  CB  . THR A 1 14  ? 10.482  -13.930 5.539   1.00 41.57 ? 13  THR A CB  1 
ATOM   68   O  OG1 . THR A 1 14  ? 11.464  -14.344 4.572   1.00 43.37 ? 13  THR A OG1 1 
ATOM   69   C  CG2 . THR A 1 14  ? 10.799  -14.572 6.894   1.00 41.43 ? 13  THR A CG2 1 
ATOM   70   N  N   . LYS A 1 15  ? 8.798   -14.072 2.652   1.00 40.67 ? 14  LYS A N   1 
ATOM   71   C  CA  . LYS A 1 15  ? 8.615   -13.341 1.382   1.00 39.79 ? 14  LYS A CA  1 
ATOM   72   C  C   . LYS A 1 15  ? 7.136   -13.131 1.036   1.00 39.64 ? 14  LYS A C   1 
ATOM   73   O  O   . LYS A 1 15  ? 6.311   -14.026 1.216   1.00 39.69 ? 14  LYS A O   1 
ATOM   74   C  CB  . LYS A 1 15  ? 9.269   -14.112 0.226   1.00 40.77 ? 14  LYS A CB  1 
ATOM   75   C  CG  . LYS A 1 15  ? 10.733  -14.483 0.407   1.00 40.77 ? 14  LYS A CG  1 
ATOM   76   C  CD  . LYS A 1 15  ? 11.145  -15.473 -0.679  1.00 42.53 ? 14  LYS A CD  1 
ATOM   77   N  N   . VAL A 1 16  ? 6.821   -11.960 0.493   1.00 37.32 ? 15  VAL A N   1 
ATOM   78   C  CA  . VAL A 1 16  ? 5.434   -11.602 0.160   1.00 35.40 ? 15  VAL A CA  1 
ATOM   79   C  C   . VAL A 1 16  ? 5.318   -11.381 -1.344  1.00 34.17 ? 15  VAL A C   1 
ATOM   80   O  O   . VAL A 1 16  ? 4.254   -10.984 -1.849  1.00 35.84 ? 15  VAL A O   1 
ATOM   81   C  CB  . VAL A 1 16  ? 4.955   -10.333 0.917   1.00 35.76 ? 15  VAL A CB  1 
ATOM   82   C  CG1 . VAL A 1 16  ? 5.011   -10.565 2.414   1.00 34.83 ? 15  VAL A CG1 1 
ATOM   83   C  CG2 . VAL A 1 16  ? 5.748   -9.085  0.502   1.00 33.48 ? 15  VAL A CG2 1 
ATOM   84   N  N   . GLY A 1 17  ? 6.429   -11.584 -2.040  1.00 32.75 ? 16  GLY A N   1 
ATOM   85   C  CA  . GLY A 1 17  ? 6.492   -11.390 -3.495  1.00 31.78 ? 16  GLY A CA  1 
ATOM   86   C  C   . GLY A 1 17  ? 6.753   -9.939  -3.867  1.00 31.37 ? 16  GLY A C   1 
ATOM   87   O  O   . GLY A 1 17  ? 6.905   -9.067  -3.011  1.00 31.07 ? 16  GLY A O   1 
ATOM   88   N  N   . GLU A 1 18  ? 6.787   -9.667  -5.163  1.00 31.36 ? 17  GLU A N   1 
ATOM   89   C  CA  . GLU A 1 18  ? 7.133   -8.328  -5.627  1.00 31.63 ? 17  GLU A CA  1 
ATOM   90   C  C   . GLU A 1 18  ? 6.142   -7.247  -5.164  1.00 30.67 ? 17  GLU A C   1 
ATOM   91   O  O   . GLU A 1 18  ? 4.924   -7.441  -5.156  1.00 30.45 ? 17  GLU A O   1 
ATOM   92   C  CB  A GLU A 1 18  ? 7.281   -8.279  -7.163  0.50 31.79 ? 17  GLU A CB  1 
ATOM   93   C  CB  B GLU A 1 18  ? 7.272   -8.330  -7.162  0.50 31.84 ? 17  GLU A CB  1 
ATOM   94   C  CG  A GLU A 1 18  ? 7.822   -6.929  -7.640  0.50 33.33 ? 17  GLU A CG  1 
ATOM   95   C  CG  B GLU A 1 18  ? 8.498   -9.093  -7.646  0.50 33.20 ? 17  GLU A CG  1 
ATOM   96   C  CD  A GLU A 1 18  ? 7.978   -6.817  -9.149  0.50 32.08 ? 17  GLU A CD  1 
ATOM   97   C  CD  B GLU A 1 18  ? 8.646   -9.081  -9.151  0.50 33.76 ? 17  GLU A CD  1 
ATOM   98   O  OE1 A GLU A 1 18  ? 7.189   -7.429  -9.906  0.50 35.26 ? 17  GLU A OE1 1 
ATOM   99   O  OE1 B GLU A 1 18  ? 8.553   -7.981  -9.745  0.50 35.30 ? 17  GLU A OE1 1 
ATOM   100  O  OE2 A GLU A 1 18  ? 8.898   -6.088  -9.571  0.50 32.71 ? 17  GLU A OE2 1 
ATOM   101  O  OE2 B GLU A 1 18  ? 8.860   -10.173 -9.737  0.50 36.27 ? 17  GLU A OE2 1 
ATOM   102  N  N   . ILE A 1 19  ? 6.676   -6.102  -4.770  1.00 29.14 ? 18  ILE A N   1 
ATOM   103  C  CA  . ILE A 1 19  ? 5.823   -4.925  -4.503  1.00 27.80 ? 18  ILE A CA  1 
ATOM   104  C  C   . ILE A 1 19  ? 6.397   -3.776  -5.345  1.00 29.34 ? 18  ILE A C   1 
ATOM   105  O  O   . ILE A 1 19  ? 7.627   -3.587  -5.354  1.00 31.09 ? 18  ILE A O   1 
ATOM   106  C  CB  . ILE A 1 19  ? 5.828   -4.501  -2.995  1.00 28.24 ? 18  ILE A CB  1 
ATOM   107  C  CG1 . ILE A 1 19  ? 5.207   -5.580  -2.120  1.00 28.30 ? 18  ILE A CG1 1 
ATOM   108  C  CG2 . ILE A 1 19  ? 5.066   -3.193  -2.778  1.00 28.94 ? 18  ILE A CG2 1 
ATOM   109  C  CD1 . ILE A 1 19  ? 5.425   -5.300  -0.607  1.00 28.56 ? 18  ILE A CD1 1 
ATOM   110  N  N   . CYS A 1 20  ? 5.533   -3.090  -6.097  1.00 27.17 ? 19  CYS A N   1 
ATOM   111  C  CA  . CYS A 1 20  ? 5.970   -1.965  -6.921  1.00 27.18 ? 19  CYS A CA  1 
ATOM   112  C  C   . CYS A 1 20  ? 5.311   -0.712  -6.394  1.00 27.39 ? 19  CYS A C   1 
ATOM   113  O  O   . CYS A 1 20  ? 4.226   -0.777  -5.862  1.00 28.04 ? 19  CYS A O   1 
ATOM   114  C  CB  . CYS A 1 20  ? 5.573   -2.224  -8.369  1.00 28.06 ? 19  CYS A CB  1 
ATOM   115  S  SG  . CYS A 1 20  ? 6.352   -3.703  -9.009  1.00 30.84 ? 19  CYS A SG  1 
ATOM   116  N  N   . ILE A 1 21  ? 5.985   0.426   -6.496  1.00 26.68 ? 20  ILE A N   1 
ATOM   117  C  CA  . ILE A 1 21  ? 5.418   1.665   -5.946  1.00 25.91 ? 20  ILE A CA  1 
ATOM   118  C  C   . ILE A 1 21  ? 5.859   2.842   -6.767  1.00 26.38 ? 20  ILE A C   1 
ATOM   119  O  O   . ILE A 1 21  ? 6.964   2.847   -7.310  1.00 27.21 ? 20  ILE A O   1 
ATOM   120  C  CB  . ILE A 1 21  ? 5.862   1.826   -4.437  1.00 27.14 ? 20  ILE A CB  1 
ATOM   121  C  CG1 . ILE A 1 21  ? 5.176   3.002   -3.769  1.00 25.49 ? 20  ILE A CG1 1 
ATOM   122  C  CG2 . ILE A 1 21  ? 7.380   1.910   -4.319  1.00 28.80 ? 20  ILE A CG2 1 
ATOM   123  C  CD1 . ILE A 1 21  ? 5.337   2.985   -2.230  1.00 28.64 ? 20  ILE A CD1 1 
ATOM   124  N  N   . SER A 1 22  ? 4.985   3.845   -6.892  1.00 26.48 ? 21  SER A N   1 
ATOM   125  C  CA  . SER A 1 22  ? 5.366   5.085   -7.530  1.00 26.40 ? 21  SER A CA  1 
ATOM   126  C  C   . SER A 1 22  ? 4.691   6.220   -6.778  1.00 26.78 ? 21  SER A C   1 
ATOM   127  O  O   . SER A 1 22  ? 3.548   6.080   -6.372  1.00 28.27 ? 21  SER A O   1 
ATOM   128  C  CB  . SER A 1 22  ? 4.868   5.102   -8.974  1.00 25.09 ? 21  SER A CB  1 
ATOM   129  O  OG  . SER A 1 22  ? 5.363   6.253   -9.658  1.00 29.48 ? 21  SER A OG  1 
ATOM   130  N  N   . LYS A 1 23  ? 5.399   7.343   -6.609  1.00 26.11 ? 22  LYS A N   1 
ATOM   131  C  CA  . LYS A 1 23  ? 4.786   8.557   -6.085  1.00 25.93 ? 22  LYS A CA  1 
ATOM   132  C  C   . LYS A 1 23  ? 4.237   9.262   -7.305  1.00 25.81 ? 22  LYS A C   1 
ATOM   133  O  O   . LYS A 1 23  ? 4.918   9.350   -8.359  1.00 26.27 ? 22  LYS A O   1 
ATOM   134  C  CB  . LYS A 1 23  ? 5.824   9.415   -5.377  1.00 25.48 ? 22  LYS A CB  1 
ATOM   135  C  CG  . LYS A 1 23  ? 5.225   10.618  -4.697  1.00 25.90 ? 22  LYS A CG  1 
ATOM   136  C  CD  . LYS A 1 23  ? 6.314   11.470  -4.121  1.00 28.44 ? 22  LYS A CD  1 
ATOM   137  C  CE  . LYS A 1 23  ? 5.678   12.587  -3.302  1.00 29.46 ? 22  LYS A CE  1 
ATOM   138  N  NZ  . LYS A 1 23  ? 6.662   13.590  -2.732  1.00 29.11 ? 22  LYS A NZ  1 
ATOM   139  N  N   . VAL A 1 24  ? 2.997   9.719   -7.195  1.00 25.88 ? 23  VAL A N   1 
ATOM   140  C  CA  . VAL A 1 24  ? 2.260   10.308  -8.340  1.00 26.10 ? 23  VAL A CA  1 
ATOM   141  C  C   . VAL A 1 24  ? 1.474   11.570  -7.968  1.00 27.21 ? 23  VAL A C   1 
ATOM   142  O  O   . VAL A 1 24  ? 1.183   11.804  -6.790  1.00 26.90 ? 23  VAL A O   1 
ATOM   143  C  CB  . VAL A 1 24  ? 1.258   9.277   -8.906  1.00 25.72 ? 23  VAL A CB  1 
ATOM   144  C  CG1 . VAL A 1 24  ? 1.971   7.996   -9.436  1.00 27.83 ? 23  VAL A CG1 1 
ATOM   145  C  CG2 . VAL A 1 24  ? 0.211   8.889   -7.823  1.00 25.54 ? 23  VAL A CG2 1 
ATOM   146  N  N   . TRP A 1 25  ? 1.150   12.376  -8.982  1.00 27.46 ? 24  TRP A N   1 
ATOM   147  C  CA  . TRP A 1 25  ? 0.157   13.442  -8.861  1.00 28.93 ? 24  TRP A CA  1 
ATOM   148  C  C   . TRP A 1 25  ? -1.170  12.931  -9.381  1.00 29.04 ? 24  TRP A C   1 
ATOM   149  O  O   . TRP A 1 25  ? -1.255  12.401  -10.509 1.00 29.16 ? 24  TRP A O   1 
ATOM   150  C  CB  . TRP A 1 25  ? 0.541   14.665  -9.676  1.00 31.05 ? 24  TRP A CB  1 
ATOM   151  C  CG  . TRP A 1 25  ? -0.454  15.827  -9.467  1.00 31.93 ? 24  TRP A CG  1 
ATOM   152  C  CD1 . TRP A 1 25  ? -1.377  16.288  -10.349 1.00 35.43 ? 24  TRP A CD1 1 
ATOM   153  C  CD2 . TRP A 1 25  ? -0.620  16.597  -8.272  1.00 34.03 ? 24  TRP A CD2 1 
ATOM   154  N  NE1 . TRP A 1 25  ? -2.084  17.334  -9.799  1.00 36.87 ? 24  TRP A NE1 1 
ATOM   155  C  CE2 . TRP A 1 25  ? -1.649  17.525  -8.512  1.00 35.10 ? 24  TRP A CE2 1 
ATOM   156  C  CE3 . TRP A 1 25  ? -0.004  16.580  -7.013  1.00 35.87 ? 24  TRP A CE3 1 
ATOM   157  C  CZ2 . TRP A 1 25  ? -2.059  18.461  -7.558  1.00 36.21 ? 24  TRP A CZ2 1 
ATOM   158  C  CZ3 . TRP A 1 25  ? -0.415  17.538  -6.051  1.00 34.89 ? 24  TRP A CZ3 1 
ATOM   159  C  CH2 . TRP A 1 25  ? -1.432  18.456  -6.346  1.00 35.10 ? 24  TRP A CH2 1 
ATOM   160  N  N   . LEU A 1 26  ? -2.194  13.058  -8.551  1.00 28.31 ? 25  LEU A N   1 
ATOM   161  C  CA  . LEU A 1 26  ? -3.548  12.726  -8.950  1.00 28.11 ? 25  LEU A CA  1 
ATOM   162  C  C   . LEU A 1 26  ? -4.508  13.873  -8.656  1.00 28.46 ? 25  LEU A C   1 
ATOM   163  O  O   . LEU A 1 26  ? -4.508  14.422  -7.554  1.00 26.89 ? 25  LEU A O   1 
ATOM   164  C  CB  . LEU A 1 26  ? -4.024  11.470  -8.237  1.00 27.01 ? 25  LEU A CB  1 
ATOM   165  C  CG  . LEU A 1 26  ? -3.266  10.163  -8.543  1.00 28.35 ? 25  LEU A CG  1 
ATOM   166  C  CD1 . LEU A 1 26  ? -3.782  9.149   -7.600  1.00 26.37 ? 25  LEU A CD1 1 
ATOM   167  C  CD2 . LEU A 1 26  ? -3.537  9.747   -10.004 1.00 28.69 ? 25  LEU A CD2 1 
ATOM   168  N  N   . THR A 1 27  ? -5.300  14.224  -9.664  1.00 29.22 ? 26  THR A N   1 
ATOM   169  C  CA  . THR A 1 27  ? -6.456  15.087  -9.485  1.00 30.73 ? 26  THR A CA  1 
ATOM   170  C  C   . THR A 1 27  ? -7.586  14.247  -8.904  1.00 31.67 ? 26  THR A C   1 
ATOM   171  O  O   . THR A 1 27  ? -7.566  13.017  -8.988  1.00 31.12 ? 26  THR A O   1 
ATOM   172  C  CB  . THR A 1 27  ? -6.932  15.694  -10.834 1.00 30.68 ? 26  THR A CB  1 
ATOM   173  O  OG1 . THR A 1 27  ? -7.195  14.646  -11.777 1.00 29.94 ? 26  THR A OG1 1 
ATOM   174  C  CG2 . THR A 1 27  ? -5.874  16.619  -11.393 1.00 32.84 ? 26  THR A CG2 1 
ATOM   175  N  N   . ASP A 1 28  ? -8.582  14.914  -8.331  1.00 32.92 ? 27  ASP A N   1 
ATOM   176  C  CA  . ASP A 1 28  ? -9.815  14.238  -7.939  1.00 35.11 ? 27  ASP A CA  1 
ATOM   177  C  C   . ASP A 1 28  ? -10.380 13.428  -9.100  1.00 35.15 ? 27  ASP A C   1 
ATOM   178  O  O   . ASP A 1 28  ? -10.916 12.337  -8.909  1.00 35.50 ? 27  ASP A O   1 
ATOM   179  C  CB  . ASP A 1 28  ? -10.841 15.257  -7.446  1.00 35.70 ? 27  ASP A CB  1 
ATOM   180  C  CG  . ASP A 1 28  ? -10.581 15.676  -6.018  1.00 37.80 ? 27  ASP A CG  1 
ATOM   181  O  OD1 . ASP A 1 28  ? -10.904 16.830  -5.659  1.00 41.67 ? 27  ASP A OD1 1 
ATOM   182  O  OD2 . ASP A 1 28  ? -10.043 14.846  -5.261  1.00 39.45 ? 27  ASP A OD2 1 
ATOM   183  N  N   . GLU A 1 29  ? -10.214 13.977  -10.298 1.00 35.72 ? 28  GLU A N   1 
ATOM   184  C  CA  . GLU A 1 29  ? -10.687 13.389  -11.541 1.00 35.70 ? 28  GLU A CA  1 
ATOM   185  C  C   . GLU A 1 29  ? -9.992  12.060  -11.823 1.00 35.42 ? 28  GLU A C   1 
ATOM   186  O  O   . GLU A 1 29  ? -10.637 11.074  -12.167 1.00 35.52 ? 28  GLU A O   1 
ATOM   187  C  CB  . GLU A 1 29  ? -10.454 14.373  -12.696 1.00 35.86 ? 28  GLU A CB  1 
ATOM   188  C  CG  . GLU A 1 29  ? -11.297 15.648  -12.627 1.00 36.07 ? 28  GLU A CG  1 
ATOM   189  C  CD  . GLU A 1 29  ? -10.693 16.759  -11.762 1.00 37.54 ? 28  GLU A CD  1 
ATOM   190  O  OE1 . GLU A 1 29  ? -10.677 16.633  -10.522 1.00 36.37 ? 28  GLU A OE1 1 
ATOM   191  O  OE2 . GLU A 1 29  ? -10.293 17.805  -12.323 1.00 41.03 ? 28  GLU A OE2 1 
ATOM   192  N  N   . GLN A 1 30  ? -8.672  12.044  -11.678 1.00 35.10 ? 29  GLN A N   1 
ATOM   193  C  CA  . GLN A 1 30  ? -7.888  10.831  -11.881 1.00 34.42 ? 29  GLN A CA  1 
ATOM   194  C  C   . GLN A 1 30  ? -8.211  9.749   -10.846 1.00 33.52 ? 29  GLN A C   1 
ATOM   195  O  O   . GLN A 1 30  ? -8.271  8.567   -11.190 1.00 33.13 ? 29  GLN A O   1 
ATOM   196  C  CB  . GLN A 1 30  ? -6.385  11.156  -11.880 1.00 35.01 ? 29  GLN A CB  1 
ATOM   197  C  CG  . GLN A 1 30  ? -5.919  11.760  -13.200 1.00 34.21 ? 29  GLN A CG  1 
ATOM   198  C  CD  . GLN A 1 30  ? -4.485  12.243  -13.178 1.00 34.91 ? 29  GLN A CD  1 
ATOM   199  O  OE1 . GLN A 1 30  ? -4.056  12.946  -12.256 1.00 36.15 ? 29  GLN A OE1 1 
ATOM   200  N  NE2 . GLN A 1 30  ? -3.731  11.873  -14.201 1.00 33.13 ? 29  GLN A NE2 1 
ATOM   201  N  N   . ILE A 1 31  ? -8.433  10.175  -9.594  1.00 32.74 ? 30  ILE A N   1 
ATOM   202  C  CA  . ILE A 1 31  ? -8.748  9.276   -8.464  1.00 32.32 ? 30  ILE A CA  1 
ATOM   203  C  C   . ILE A 1 31  ? -10.085 8.563   -8.722  1.00 32.74 ? 30  ILE A C   1 
ATOM   204  O  O   . ILE A 1 31  ? -10.194 7.361   -8.539  1.00 31.50 ? 30  ILE A O   1 
ATOM   205  C  CB  . ILE A 1 31  ? -8.742  10.048  -7.088  1.00 32.13 ? 30  ILE A CB  1 
ATOM   206  C  CG1 . ILE A 1 31  ? -7.338  10.590  -6.773  1.00 30.61 ? 30  ILE A CG1 1 
ATOM   207  C  CG2 . ILE A 1 31  ? -9.270  9.178   -5.947  1.00 32.75 ? 30  ILE A CG2 1 
ATOM   208  C  CD1 . ILE A 1 31  ? -7.275  11.594  -5.600  1.00 31.59 ? 30  ILE A CD1 1 
ATOM   209  N  N   . ASN A 1 32  ? -11.090 9.312   -9.172  1.00 33.50 ? 31  ASN A N   1 
ATOM   210  C  CA  . ASN A 1 32  ? -12.369 8.719   -9.599  1.00 34.27 ? 31  ASN A CA  1 
ATOM   211  C  C   . ASN A 1 32  ? -12.228 7.627   -10.668 1.00 34.40 ? 31  ASN A C   1 
ATOM   212  O  O   . ASN A 1 32  ? -12.703 6.511   -10.477 1.00 34.80 ? 31  ASN A O   1 
ATOM   213  C  CB  . ASN A 1 32  ? -13.366 9.804   -10.079 1.00 34.94 ? 31  ASN A CB  1 
ATOM   214  C  CG  . ASN A 1 32  ? -14.293 10.288  -8.963  1.00 36.64 ? 31  ASN A CG  1 
ATOM   215  O  OD1 . ASN A 1 32  ? -14.425 9.641   -7.921  1.00 41.84 ? 31  ASN A OD1 1 
ATOM   216  N  ND2 . ASN A 1 32  ? -14.936 11.426  -9.178  1.00 41.03 ? 31  ASN A ND2 1 
ATOM   217  N  N   . LYS A 1 33  ? -11.568 7.955   -11.776 1.00 34.47 ? 32  LYS A N   1 
ATOM   218  C  CA  . LYS A 1 33  ? -11.341 7.017   -12.876 1.00 34.39 ? 32  LYS A CA  1 
ATOM   219  C  C   . LYS A 1 33  ? -10.535 5.812   -12.442 1.00 34.43 ? 32  LYS A C   1 
ATOM   220  O  O   . LYS A 1 33  ? -10.764 4.692   -12.897 1.00 34.44 ? 32  LYS A O   1 
ATOM   221  C  CB  . LYS A 1 33  ? -10.610 7.697   -14.031 1.00 35.19 ? 32  LYS A CB  1 
ATOM   222  C  CG  . LYS A 1 33  ? -11.391 8.780   -14.724 1.00 34.63 ? 32  LYS A CG  1 
ATOM   223  C  CD  . LYS A 1 33  ? -10.945 8.923   -16.169 1.00 38.68 ? 32  LYS A CD  1 
ATOM   224  N  N   . LEU A 1 34  ? -9.576  6.050   -11.552 1.00 33.07 ? 33  LEU A N   1 
ATOM   225  C  CA  . LEU A 1 34  ? -8.754  4.976   -11.072 1.00 32.93 ? 33  LEU A CA  1 
ATOM   226  C  C   . LEU A 1 34  ? -9.620  3.937   -10.337 1.00 32.56 ? 33  LEU A C   1 
ATOM   227  O  O   . LEU A 1 34  ? -9.590  2.768   -10.694 1.00 31.89 ? 33  LEU A O   1 
ATOM   228  C  CB  . LEU A 1 34  ? -7.619  5.541   -10.190 1.00 31.83 ? 33  LEU A CB  1 
ATOM   229  C  CG  . LEU A 1 34  ? -6.363  4.663   -10.073 1.00 34.84 ? 33  LEU A CG  1 
ATOM   230  C  CD1 . LEU A 1 34  ? -5.278  5.389   -9.269  1.00 35.07 ? 33  LEU A CD1 1 
ATOM   231  C  CD2 . LEU A 1 34  ? -6.682  3.377   -9.411  1.00 34.49 ? 33  LEU A CD2 1 
ATOM   232  N  N   . PHE A 1 35  ? -10.402 4.368   -9.338  1.00 32.75 ? 34  PHE A N   1 
ATOM   233  C  CA  . PHE A 1 35  ? -11.219 3.446   -8.536  1.00 33.77 ? 34  PHE A CA  1 
ATOM   234  C  C   . PHE A 1 35  ? -12.315 2.730   -9.365  1.00 34.22 ? 34  PHE A C   1 
ATOM   235  O  O   . PHE A 1 35  ? -12.658 1.559   -9.108  1.00 33.59 ? 34  PHE A O   1 
ATOM   236  C  CB  . PHE A 1 35  ? -11.869 4.180   -7.362  1.00 34.56 ? 34  PHE A CB  1 
ATOM   237  C  CG  . PHE A 1 35  ? -10.892 4.649   -6.300  1.00 35.33 ? 34  PHE A CG  1 
ATOM   238  C  CD1 . PHE A 1 35  ? -9.763  3.900   -5.975  1.00 36.52 ? 34  PHE A CD1 1 
ATOM   239  C  CD2 . PHE A 1 35  ? -11.116 5.838   -5.611  1.00 37.35 ? 34  PHE A CD2 1 
ATOM   240  C  CE1 . PHE A 1 35  ? -8.860  4.330   -4.984  1.00 37.14 ? 34  PHE A CE1 1 
ATOM   241  C  CE2 . PHE A 1 35  ? -10.212 6.266   -4.610  1.00 35.81 ? 34  PHE A CE2 1 
ATOM   242  C  CZ  . PHE A 1 35  ? -9.096  5.521   -4.307  1.00 36.82 ? 34  PHE A CZ  1 
ATOM   243  N  N   . ASP A 1 36  ? -12.847 3.445   -10.350 1.00 35.11 ? 35  ASP A N   1 
ATOM   244  C  CA  . ASP A 1 36  ? -13.892 2.905   -11.248 1.00 36.23 ? 35  ASP A CA  1 
ATOM   245  C  C   . ASP A 1 36  ? -13.382 1.842   -12.230 1.00 36.31 ? 35  ASP A C   1 
ATOM   246  O  O   . ASP A 1 36  ? -14.106 0.898   -12.591 1.00 37.96 ? 35  ASP A O   1 
ATOM   247  C  CB  . ASP A 1 36  ? -14.535 4.043   -12.046 1.00 36.71 ? 35  ASP A CB  1 
ATOM   248  C  CG  . ASP A 1 36  ? -15.878 4.508   -11.470 1.00 37.87 ? 35  ASP A CG  1 
ATOM   249  O  OD1 . ASP A 1 36  ? -16.756 4.857   -12.283 1.00 40.13 ? 35  ASP A OD1 1 
ATOM   250  O  OD2 . ASP A 1 36  ? -16.054 4.537   -10.227 1.00 40.24 ? 35  ASP A OD2 1 
ATOM   251  N  N   . ARG A 1 37  ? -12.160 2.037   -12.705 1.00 36.02 ? 36  ARG A N   1 
ATOM   252  C  CA  . ARG A 1 37  ? -11.570 1.232   -13.764 1.00 36.08 ? 36  ARG A CA  1 
ATOM   253  C  C   . ARG A 1 37  ? -10.797 0.032   -13.216 1.00 35.79 ? 36  ARG A C   1 
ATOM   254  O  O   . ARG A 1 37  ? -10.782 -1.033  -13.832 1.00 35.79 ? 36  ARG A O   1 
ATOM   255  C  CB  . ARG A 1 37  ? -10.659 2.132   -14.605 1.00 36.19 ? 36  ARG A CB  1 
ATOM   256  C  CG  . ARG A 1 37  ? -10.021 1.514   -15.834 1.00 38.47 ? 36  ARG A CG  1 
ATOM   257  C  CD  . ARG A 1 37  ? -9.378  2.582   -16.738 1.00 37.95 ? 36  ARG A CD  1 
ATOM   258  N  NE  . ARG A 1 37  ? -10.155 2.853   -17.948 1.00 40.17 ? 36  ARG A NE  1 
ATOM   259  C  CZ  . ARG A 1 37  ? -10.595 4.054   -18.325 1.00 40.27 ? 36  ARG A CZ  1 
ATOM   260  N  NH1 . ARG A 1 37  ? -10.330 5.126   -17.594 1.00 41.09 ? 36  ARG A NH1 1 
ATOM   261  N  NH2 . ARG A 1 37  ? -11.299 4.182   -19.457 1.00 43.25 ? 36  ARG A NH2 1 
ATOM   262  N  N   . PHE A 1 38  ? -10.167 0.202   -12.051 1.00 34.52 ? 37  PHE A N   1 
ATOM   263  C  CA  . PHE A 1 38  ? -9.291  -0.827  -11.491 1.00 34.48 ? 37  PHE A CA  1 
ATOM   264  C  C   . PHE A 1 38  ? -9.799  -1.359  -10.152 1.00 34.24 ? 37  PHE A C   1 
ATOM   265  O  O   . PHE A 1 38  ? -10.152 -0.589  -9.248  1.00 34.48 ? 37  PHE A O   1 
ATOM   266  C  CB  . PHE A 1 38  ? -7.851  -0.312  -11.375 1.00 34.65 ? 37  PHE A CB  1 
ATOM   267  C  CG  . PHE A 1 38  ? -7.231  0.060   -12.695 1.00 35.25 ? 37  PHE A CG  1 
ATOM   268  C  CD1 . PHE A 1 38  ? -6.530  -0.889  -13.446 1.00 35.92 ? 37  PHE A CD1 1 
ATOM   269  C  CD2 . PHE A 1 38  ? -7.346  1.361   -13.195 1.00 36.79 ? 37  PHE A CD2 1 
ATOM   270  C  CE1 . PHE A 1 38  ? -5.962  -0.543  -14.682 1.00 36.39 ? 37  PHE A CE1 1 
ATOM   271  C  CE2 . PHE A 1 38  ? -6.785  1.726   -14.426 1.00 36.53 ? 37  PHE A CE2 1 
ATOM   272  C  CZ  . PHE A 1 38  ? -6.093  0.772   -15.181 1.00 36.55 ? 37  PHE A CZ  1 
ATOM   273  N  N   . LYS A 1 39  ? -9.837  -2.686  -10.044 1.00 33.71 ? 38  LYS A N   1 
ATOM   274  C  CA  . LYS A 1 39  ? -10.398 -3.357  -8.874  1.00 33.41 ? 38  LYS A CA  1 
ATOM   275  C  C   . LYS A 1 39  ? -9.443  -4.368  -8.236  1.00 32.20 ? 38  LYS A C   1 
ATOM   276  O  O   . LYS A 1 39  ? -9.806  -5.050  -7.265  1.00 33.24 ? 38  LYS A O   1 
ATOM   277  C  CB  . LYS A 1 39  ? -11.711 -4.062  -9.240  1.00 33.58 ? 38  LYS A CB  1 
ATOM   278  C  CG  . LYS A 1 39  ? -12.905 -3.126  -9.605  1.00 33.71 ? 38  LYS A CG  1 
ATOM   279  C  CD  . LYS A 1 39  ? -13.174 -2.098  -8.482  1.00 35.90 ? 38  LYS A CD  1 
ATOM   280  C  CE  . LYS A 1 39  ? -14.666 -1.901  -8.245  1.00 36.50 ? 38  LYS A CE  1 
ATOM   281  N  NZ  . LYS A 1 39  ? -15.224 -0.731  -8.979  1.00 36.82 ? 38  LYS A NZ  1 
ATOM   282  N  N   . GLY A 1 40  ? -8.234  -4.474  -8.773  1.00 30.95 ? 39  GLY A N   1 
ATOM   283  C  CA  . GLY A 1 40  ? -7.316  -5.547  -8.348  1.00 30.12 ? 39  GLY A CA  1 
ATOM   284  C  C   . GLY A 1 40  ? -6.323  -5.316  -7.217  1.00 29.71 ? 39  GLY A C   1 
ATOM   285  O  O   . GLY A 1 40  ? -6.643  -4.720  -6.178  1.00 30.09 ? 39  GLY A O   1 
ATOM   286  N  N   . ASP A 1 41  ? -5.110  -5.823  -7.416  1.00 28.85 ? 40  ASP A N   1 
ATOM   287  C  CA  . ASP A 1 41  ? -4.094  -5.827  -6.347  1.00 28.27 ? 40  ASP A CA  1 
ATOM   288  C  C   . ASP A 1 41  ? -3.272  -4.576  -6.382  1.00 28.20 ? 40  ASP A C   1 
ATOM   289  O  O   . ASP A 1 41  ? -2.099  -4.580  -6.766  1.00 27.43 ? 40  ASP A O   1 
ATOM   290  C  CB  . ASP A 1 41  ? -3.174  -7.041  -6.476  1.00 29.82 ? 40  ASP A CB  1 
ATOM   291  C  CG  . ASP A 1 41  ? -3.915  -8.363  -6.319  1.00 33.73 ? 40  ASP A CG  1 
ATOM   292  O  OD1 . ASP A 1 41  ? -4.996  -8.373  -5.685  1.00 37.67 ? 40  ASP A OD1 1 
ATOM   293  O  OD2 . ASP A 1 41  ? -3.413  -9.397  -6.839  1.00 35.37 ? 40  ASP A OD2 1 
ATOM   294  N  N   . TYR A 1 42  ? -3.912  -3.504  -5.956  1.00 27.65 ? 41  TYR A N   1 
ATOM   295  C  CA  . TYR A 1 42  ? -3.257  -2.223  -5.781  1.00 27.97 ? 41  TYR A CA  1 
ATOM   296  C  C   . TYR A 1 42  ? -3.925  -1.471  -4.651  1.00 27.98 ? 41  TYR A C   1 
ATOM   297  O  O   . TYR A 1 42  ? -5.028  -1.825  -4.194  1.00 27.07 ? 41  TYR A O   1 
ATOM   298  C  CB  . TYR A 1 42  ? -3.400  -1.416  -7.061  1.00 28.23 ? 41  TYR A CB  1 
ATOM   299  C  CG  . TYR A 1 42  ? -4.767  -0.794  -7.231  1.00 28.64 ? 41  TYR A CG  1 
ATOM   300  C  CD1 . TYR A 1 42  ? -4.990  0.547   -6.917  1.00 30.75 ? 41  TYR A CD1 1 
ATOM   301  C  CD2 . TYR A 1 42  ? -5.848  -1.554  -7.681  1.00 28.91 ? 41  TYR A CD2 1 
ATOM   302  C  CE1 . TYR A 1 42  ? -6.262  1.131   -7.086  1.00 30.00 ? 41  TYR A CE1 1 
ATOM   303  C  CE2 . TYR A 1 42  ? -7.119  -0.974  -7.861  1.00 29.98 ? 41  TYR A CE2 1 
ATOM   304  C  CZ  . TYR A 1 42  ? -7.318  0.357   -7.529  1.00 30.20 ? 41  TYR A CZ  1 
ATOM   305  O  OH  . TYR A 1 42  ? -8.576  0.940   -7.734  1.00 29.96 ? 41  TYR A OH  1 
ATOM   306  N  N   . GLN A 1 43  ? -3.258  -0.406  -4.220  1.00 26.25 ? 42  GLN A N   1 
ATOM   307  C  CA  . GLN A 1 43  ? -3.923  0.581   -3.396  1.00 27.34 ? 42  GLN A CA  1 
ATOM   308  C  C   . GLN A 1 43  ? -3.300  1.931   -3.715  1.00 26.78 ? 42  GLN A C   1 
ATOM   309  O  O   . GLN A 1 43  ? -2.160  1.991   -4.203  1.00 27.49 ? 42  GLN A O   1 
ATOM   310  C  CB  . GLN A 1 43  ? -3.800  0.234   -1.890  1.00 27.30 ? 42  GLN A CB  1 
ATOM   311  C  CG  . GLN A 1 43  ? -4.599  1.159   -0.932  1.00 26.36 ? 42  GLN A CG  1 
ATOM   312  C  CD  . GLN A 1 43  ? -6.098  1.289   -1.326  1.00 28.89 ? 42  GLN A CD  1 
ATOM   313  O  OE1 . GLN A 1 43  ? -6.454  1.975   -2.278  1.00 27.54 ? 42  GLN A OE1 1 
ATOM   314  N  NE2 . GLN A 1 43  ? -6.959  0.619   -0.578  1.00 28.01 ? 42  GLN A NE2 1 
ATOM   315  N  N   . VAL A 1 44  ? -4.077  2.982   -3.500  1.00 25.31 ? 43  VAL A N   1 
ATOM   316  C  CA  . VAL A 1 44  ? -3.532  4.359   -3.584  1.00 26.25 ? 43  VAL A CA  1 
ATOM   317  C  C   . VAL A 1 44  ? -3.696  4.981   -2.219  1.00 26.56 ? 43  VAL A C   1 
ATOM   318  O  O   . VAL A 1 44  ? -4.769  4.909   -1.621  1.00 28.06 ? 43  VAL A O   1 
ATOM   319  C  CB  A VAL A 1 44  ? -4.250  5.173   -4.658  0.65 27.17 ? 43  VAL A CB  1 
ATOM   320  C  CB  B VAL A 1 44  ? -4.275  5.219   -4.624  0.35 26.57 ? 43  VAL A CB  1 
ATOM   321  C  CG1 A VAL A 1 44  ? -5.733  5.121   -4.428  0.65 26.70 ? 43  VAL A CG1 1 
ATOM   322  C  CG1 B VAL A 1 44  ? -3.560  6.563   -4.836  0.35 26.93 ? 43  VAL A CG1 1 
ATOM   323  C  CG2 A VAL A 1 44  ? -3.724  6.627   -4.717  0.65 27.85 ? 43  VAL A CG2 1 
ATOM   324  C  CG2 B VAL A 1 44  ? -4.386  4.478   -5.938  0.35 25.46 ? 43  VAL A CG2 1 
ATOM   325  N  N   . VAL A 1 45  ? -2.637  5.606   -1.751  1.00 25.70 ? 44  VAL A N   1 
ATOM   326  C  CA  . VAL A 1 45  ? -2.643  6.194   -0.403  1.00 26.34 ? 44  VAL A CA  1 
ATOM   327  C  C   . VAL A 1 45  ? -1.975  7.572   -0.429  1.00 27.98 ? 44  VAL A C   1 
ATOM   328  O  O   . VAL A 1 45  ? -1.144  7.857   -1.330  1.00 27.93 ? 44  VAL A O   1 
ATOM   329  C  CB  . VAL A 1 45  ? -1.911  5.310   0.588   1.00 27.17 ? 44  VAL A CB  1 
ATOM   330  C  CG1 . VAL A 1 45  ? -2.547  3.872   0.646   1.00 27.11 ? 44  VAL A CG1 1 
ATOM   331  C  CG2 . VAL A 1 45  ? -0.454  5.154   0.250   1.00 28.76 ? 44  VAL A CG2 1 
ATOM   332  N  N   . ASN A 1 46  ? -2.341  8.379   0.564   1.00 28.38 ? 45  ASN A N   1 
ATOM   333  C  CA  . ASN A 1 46  ? -1.770  9.724   0.797   1.00 29.01 ? 45  ASN A CA  1 
ATOM   334  C  C   . ASN A 1 46  ? -0.861  9.509   2.028   1.00 30.93 ? 45  ASN A C   1 
ATOM   335  O  O   . ASN A 1 46  ? -1.363  9.339   3.145   1.00 30.92 ? 45  ASN A O   1 
ATOM   336  C  CB  . ASN A 1 46  ? -2.929  10.678  1.120   1.00 29.77 ? 45  ASN A CB  1 
ATOM   337  C  CG  . ASN A 1 46  ? -2.458  12.008  1.697   1.00 34.00 ? 45  ASN A CG  1 
ATOM   338  O  OD1 . ASN A 1 46  ? -1.334  12.392  1.472   1.00 32.57 ? 45  ASN A OD1 1 
ATOM   339  N  ND2 . ASN A 1 46  ? -3.321  12.696  2.460   1.00 36.83 ? 45  ASN A ND2 1 
ATOM   340  N  N   . ALA A 1 47  ? 0.456   9.521   1.822   1.00 31.36 ? 46  ALA A N   1 
ATOM   341  C  CA  . ALA A 1 47  ? 1.446   9.139   2.852   1.00 32.22 ? 46  ALA A CA  1 
ATOM   342  C  C   . ALA A 1 47  ? 2.604   10.100  2.842   1.00 33.18 ? 46  ALA A C   1 
ATOM   343  O  O   . ALA A 1 47  ? 2.819   10.791  1.843   1.00 35.17 ? 46  ALA A O   1 
ATOM   344  C  CB  . ALA A 1 47  ? 1.957   7.710   2.577   1.00 32.61 ? 46  ALA A CB  1 
ATOM   345  N  N   . GLU A 1 48  ? 3.400   10.100  3.911   1.00 32.86 ? 47  GLU A N   1 
ATOM   346  C  CA  . GLU A 1 48  ? 4.474   11.092  3.996   1.00 33.06 ? 47  GLU A CA  1 
ATOM   347  C  C   . GLU A 1 48  ? 5.678   10.753  3.143   1.00 31.74 ? 47  GLU A C   1 
ATOM   348  O  O   . GLU A 1 48  ? 6.413   11.646  2.704   1.00 31.60 ? 47  GLU A O   1 
ATOM   349  C  CB  . GLU A 1 48  ? 4.914   11.262  5.461   1.00 34.43 ? 47  GLU A CB  1 
ATOM   350  C  CG  A GLU A 1 48  ? 3.707   11.623  6.335   0.65 37.37 ? 47  GLU A CG  1 
ATOM   351  C  CG  B GLU A 1 48  ? 4.025   12.146  6.303   0.35 35.08 ? 47  GLU A CG  1 
ATOM   352  C  CD  A GLU A 1 48  ? 2.986   12.875  5.823   0.65 41.91 ? 47  GLU A CD  1 
ATOM   353  C  CD  B GLU A 1 48  ? 3.228   11.347  7.301   0.35 36.03 ? 47  GLU A CD  1 
ATOM   354  O  OE1 A GLU A 1 48  ? 3.503   13.980  6.069   0.65 43.66 ? 47  GLU A OE1 1 
ATOM   355  O  OE1 B GLU A 1 48  ? 2.773   10.238  6.935   0.35 37.12 ? 47  GLU A OE1 1 
ATOM   356  O  OE2 A GLU A 1 48  ? 1.914   12.764  5.175   0.65 42.04 ? 47  GLU A OE2 1 
ATOM   357  O  OE2 B GLU A 1 48  ? 3.080   11.820  8.448   0.35 34.13 ? 47  GLU A OE2 1 
ATOM   358  N  N   . CYS A 1 49  ? 5.908   9.456   2.968   1.00 30.89 ? 48  CYS A N   1 
ATOM   359  C  CA  . CYS A 1 49  ? 7.098   8.965   2.275   1.00 30.92 ? 48  CYS A CA  1 
ATOM   360  C  C   . CYS A 1 49  ? 6.959   7.449   1.984   1.00 29.82 ? 48  CYS A C   1 
ATOM   361  O  O   . CYS A 1 49  ? 6.083   6.756   2.535   1.00 30.38 ? 48  CYS A O   1 
ATOM   362  C  CB  . CYS A 1 49  ? 8.347   9.284   3.093   1.00 30.46 ? 48  CYS A CB  1 
ATOM   363  S  SG  . CYS A 1 49  ? 8.162   8.850   4.885   1.00 35.20 ? 48  CYS A SG  1 
ATOM   364  N  N   . ALA A 1 50  ? 7.798   6.942   1.079   1.00 27.85 ? 49  ALA A N   1 
ATOM   365  C  CA  . ALA A 1 50  ? 7.595   5.630   0.498   1.00 27.91 ? 49  ALA A CA  1 
ATOM   366  C  C   . ALA A 1 50  ? 7.747   4.474   1.499   1.00 26.89 ? 49  ALA A C   1 
ATOM   367  O  O   . ALA A 1 50  ? 7.024   3.478   1.436   1.00 27.35 ? 49  ALA A O   1 
ATOM   368  C  CB  . ALA A 1 50  ? 8.550   5.378   -0.644  1.00 27.28 ? 49  ALA A CB  1 
ATOM   369  N  N   . ASP A 1 51  ? 8.748   4.575   2.345   1.00 27.12 ? 50  ASP A N   1 
ATOM   370  C  CA  . ASP A 1 51  ? 9.076   3.417   3.231   1.00 26.72 ? 50  ASP A CA  1 
ATOM   371  C  C   . ASP A 1 51  ? 7.862   2.958   4.010   1.00 26.13 ? 50  ASP A C   1 
ATOM   372  O  O   . ASP A 1 51  ? 7.565   1.744   4.059   1.00 28.68 ? 50  ASP A O   1 
ATOM   373  C  CB  . ASP A 1 51  ? 10.196  3.794   4.212   1.00 27.50 ? 50  ASP A CB  1 
ATOM   374  C  CG  . ASP A 1 51  ? 11.465  4.264   3.502   1.00 30.29 ? 50  ASP A CG  1 
ATOM   375  O  OD1 . ASP A 1 51  ? 11.388  5.156   2.635   1.00 28.11 ? 50  ASP A OD1 1 
ATOM   376  O  OD2 . ASP A 1 51  ? 12.561  3.765   3.868   1.00 30.48 ? 50  ASP A OD2 1 
ATOM   377  N  N   . LYS A 1 52  ? 7.141   3.905   4.605   1.00 26.84 ? 51  LYS A N   1 
ATOM   378  C  CA  . LYS A 1 52  ? 5.974   3.548   5.440   1.00 28.61 ? 51  LYS A CA  1 
ATOM   379  C  C   . LYS A 1 52  ? 4.891   2.837   4.601   1.00 28.39 ? 51  LYS A C   1 
ATOM   380  O  O   . LYS A 1 52  ? 4.202   1.951   5.098   1.00 27.81 ? 51  LYS A O   1 
ATOM   381  C  CB  . LYS A 1 52  ? 5.388   4.779   6.166   1.00 29.87 ? 51  LYS A CB  1 
ATOM   382  C  CG  . LYS A 1 52  ? 4.387   4.359   7.284   1.00 30.32 ? 51  LYS A CG  1 
ATOM   383  C  CD  . LYS A 1 52  ? 3.883   5.504   8.105   1.00 34.42 ? 51  LYS A CD  1 
ATOM   384  C  CE  . LYS A 1 52  ? 3.079   4.911   9.249   1.00 40.18 ? 51  LYS A CE  1 
ATOM   385  N  NZ  . LYS A 1 52  ? 2.645   5.904   10.251  1.00 39.96 ? 51  LYS A NZ  1 
ATOM   386  N  N   . VAL A 1 53  ? 4.733   3.236   3.345   1.00 27.92 ? 52  VAL A N   1 
ATOM   387  C  CA  . VAL A 1 53  ? 3.763   2.545   2.465   1.00 27.92 ? 52  VAL A CA  1 
ATOM   388  C  C   . VAL A 1 53  ? 4.196   1.098   2.209   1.00 27.54 ? 52  VAL A C   1 
ATOM   389  O  O   . VAL A 1 53  ? 3.390   0.154   2.275   1.00 27.29 ? 52  VAL A O   1 
ATOM   390  C  CB  . VAL A 1 53  ? 3.574   3.321   1.138   1.00 28.16 ? 52  VAL A CB  1 
ATOM   391  C  CG1 . VAL A 1 53  ? 2.493   2.566   0.339   1.00 29.48 ? 52  VAL A CG1 1 
ATOM   392  C  CG2 . VAL A 1 53  ? 3.166   4.731   1.443   1.00 28.13 ? 52  VAL A CG2 1 
ATOM   393  N  N   . ILE A 1 54  ? 5.496   0.887   2.015   1.00 27.11 ? 53  ILE A N   1 
ATOM   394  C  CA  . ILE A 1 54  ? 6.017   -0.445  1.802   1.00 27.42 ? 53  ILE A CA  1 
ATOM   395  C  C   . ILE A 1 54  ? 5.821   -1.297  3.091   1.00 27.34 ? 53  ILE A C   1 
ATOM   396  O  O   . ILE A 1 54  ? 5.370   -2.462  3.004   1.00 26.84 ? 53  ILE A O   1 
ATOM   397  C  CB  . ILE A 1 54  ? 7.475   -0.384  1.402   1.00 27.87 ? 53  ILE A CB  1 
ATOM   398  C  CG1 . ILE A 1 54  ? 7.617   0.240   -0.010  1.00 29.58 ? 53  ILE A CG1 1 
ATOM   399  C  CG2 . ILE A 1 54  ? 8.083   -1.812  1.387   1.00 29.43 ? 53  ILE A CG2 1 
ATOM   400  C  CD1 . ILE A 1 54  ? 6.916   -0.629  -1.047  1.00 32.93 ? 53  ILE A CD1 1 
ATOM   401  N  N   . PHE A 1 55  ? 6.089   -0.703  4.258   1.00 27.20 ? 54  PHE A N   1 
ATOM   402  C  CA  . PHE A 1 55  ? 5.945   -1.441  5.545   1.00 26.68 ? 54  PHE A CA  1 
ATOM   403  C  C   . PHE A 1 55  ? 4.476   -1.865  5.677   1.00 26.39 ? 54  PHE A C   1 
ATOM   404  O  O   . PHE A 1 55  ? 4.179   -3.040  6.003   1.00 27.08 ? 54  PHE A O   1 
ATOM   405  C  CB  . PHE A 1 55  ? 6.279   -0.587  6.793   1.00 26.42 ? 54  PHE A CB  1 
ATOM   406  C  CG  . PHE A 1 55  ? 7.701   -0.051  6.843   1.00 28.72 ? 54  PHE A CG  1 
ATOM   407  C  CD1 . PHE A 1 55  ? 8.704   -0.467  5.972   1.00 25.89 ? 54  PHE A CD1 1 
ATOM   408  C  CD2 . PHE A 1 55  ? 8.018   0.873   7.842   1.00 28.61 ? 54  PHE A CD2 1 
ATOM   409  C  CE1 . PHE A 1 55  ? 10.032  0.080   6.068   1.00 28.14 ? 54  PHE A CE1 1 
ATOM   410  C  CE2 . PHE A 1 55  ? 9.313   1.403   7.945   1.00 29.32 ? 54  PHE A CE2 1 
ATOM   411  C  CZ  . PHE A 1 55  ? 10.314  1.004   7.038   1.00 27.75 ? 54  PHE A CZ  1 
ATOM   412  N  N   . ALA A 1 56  ? 3.577   -0.929  5.407   1.00 27.74 ? 55  ALA A N   1 
ATOM   413  C  CA  . ALA A 1 56  ? 2.116   -1.206  5.562   1.00 28.38 ? 55  ALA A CA  1 
ATOM   414  C  C   . ALA A 1 56  ? 1.662   -2.279  4.600   1.00 27.71 ? 55  ALA A C   1 
ATOM   415  O  O   . ALA A 1 56  ? 0.829   -3.125  4.955   1.00 28.20 ? 55  ALA A O   1 
ATOM   416  C  CB  . ALA A 1 56  ? 1.316   0.067   5.378   1.00 28.50 ? 55  ALA A CB  1 
ATOM   417  N  N   . THR A 1 57  ? 2.213   -2.262  3.391   1.00 26.64 ? 56  THR A N   1 
ATOM   418  C  CA  . THR A 1 57  ? 1.827   -3.251  2.374   1.00 27.33 ? 56  THR A CA  1 
ATOM   419  C  C   . THR A 1 57  ? 2.334   -4.646  2.764   1.00 26.77 ? 56  THR A C   1 
ATOM   420  O  O   . THR A 1 57  ? 1.609   -5.639  2.667   1.00 26.13 ? 56  THR A O   1 
ATOM   421  C  CB  . THR A 1 57  ? 2.343   -2.758  1.000   1.00 26.82 ? 56  THR A CB  1 
ATOM   422  O  OG1 . THR A 1 57  ? 1.755   -1.472  0.712   1.00 28.64 ? 56  THR A OG1 1 
ATOM   423  C  CG2 . THR A 1 57  ? 1.982   -3.760  -0.132  1.00 27.67 ? 56  THR A CG2 1 
ATOM   424  N  N   . ILE A 1 58  ? 3.598   -4.725  3.206   1.00 27.07 ? 57  ILE A N   1 
ATOM   425  C  CA  . ILE A 1 58  ? 4.107   -6.017  3.630   1.00 26.45 ? 57  ILE A CA  1 
ATOM   426  C  C   . ILE A 1 58  ? 3.272   -6.612  4.761   1.00 26.22 ? 57  ILE A C   1 
ATOM   427  O  O   . ILE A 1 58  ? 2.888   -7.789  4.725   1.00 25.93 ? 57  ILE A O   1 
ATOM   428  C  CB  . ILE A 1 58  ? 5.597   -5.932  4.030   1.00 26.24 ? 57  ILE A CB  1 
ATOM   429  C  CG1 . ILE A 1 58  ? 6.436   -5.586  2.788   1.00 24.56 ? 57  ILE A CG1 1 
ATOM   430  C  CG2 . ILE A 1 58  ? 6.082   -7.273  4.688   1.00 24.86 ? 57  ILE A CG2 1 
ATOM   431  C  CD1 . ILE A 1 58  ? 7.812   -5.074  3.192   1.00 28.35 ? 57  ILE A CD1 1 
ATOM   432  N  N   . ILE A 1 59  ? 3.019   -5.821  5.789   1.00 26.04 ? 58  ILE A N   1 
ATOM   433  C  CA  . ILE A 1 59  ? 2.238   -6.316  6.917   1.00 27.44 ? 58  ILE A CA  1 
ATOM   434  C  C   . ILE A 1 59  ? 0.833   -6.709  6.479   1.00 26.60 ? 58  ILE A C   1 
ATOM   435  O  O   . ILE A 1 59  ? 0.306   -7.744  6.951   1.00 26.17 ? 58  ILE A O   1 
ATOM   436  C  CB  . ILE A 1 59  ? 2.199   -5.262  8.103   1.00 27.01 ? 58  ILE A CB  1 
ATOM   437  C  CG1 . ILE A 1 59  ? 3.605   -5.137  8.727   1.00 30.44 ? 58  ILE A CG1 1 
ATOM   438  C  CG2 . ILE A 1 59  ? 1.188   -5.704  9.215   1.00 29.96 ? 58  ILE A CG2 1 
ATOM   439  C  CD1 . ILE A 1 59  ? 4.237   -6.504  9.183   1.00 31.16 ? 58  ILE A CD1 1 
ATOM   440  N  N   . ALA A 1 60  ? 0.223   -5.894  5.621   1.00 26.86 ? 59  ALA A N   1 
ATOM   441  C  CA  . ALA A 1 60  ? -1.150  -6.169  5.134   1.00 25.50 ? 59  ALA A CA  1 
ATOM   442  C  C   . ALA A 1 60  ? -1.196  -7.522  4.398   1.00 26.17 ? 59  ALA A C   1 
ATOM   443  O  O   . ALA A 1 60  ? -2.123  -8.317  4.590   1.00 25.33 ? 59  ALA A O   1 
ATOM   444  C  CB  . ALA A 1 60  ? -1.605  -5.045  4.235   1.00 27.28 ? 59  ALA A CB  1 
ATOM   445  N  N   . ILE A 1 61  ? -0.208  -7.771  3.546   1.00 24.66 ? 60  ILE A N   1 
ATOM   446  C  CA  . ILE A 1 61  ? -0.190  -9.017  2.747   1.00 25.06 ? 60  ILE A CA  1 
ATOM   447  C  C   . ILE A 1 61  ? -0.064  -10.212 3.669   1.00 24.93 ? 60  ILE A C   1 
ATOM   448  O  O   . ILE A 1 61  ? -0.808  -11.199 3.553   1.00 25.63 ? 60  ILE A O   1 
ATOM   449  C  CB  . ILE A 1 61  ? 0.962   -9.000  1.728   1.00 26.06 ? 60  ILE A CB  1 
ATOM   450  C  CG1 . ILE A 1 61  ? 0.680   -7.904  0.659   1.00 23.65 ? 60  ILE A CG1 1 
ATOM   451  C  CG2 . ILE A 1 61  ? 1.205   -10.427 1.122   1.00 26.75 ? 60  ILE A CG2 1 
ATOM   452  C  CD1 . ILE A 1 61  ? 1.884   -7.609  -0.240  1.00 27.36 ? 60  ILE A CD1 1 
ATOM   453  N  N   . LYS A 1 62  ? 0.870   -10.108 4.622   1.00 24.49 ? 61  LYS A N   1 
ATOM   454  C  CA  . LYS A 1 62  ? 1.059   -11.173 5.608   1.00 24.70 ? 61  LYS A CA  1 
ATOM   455  C  C   . LYS A 1 62  ? -0.154  -11.407 6.503   1.00 24.10 ? 61  LYS A C   1 
ATOM   456  O  O   . LYS A 1 62  ? -0.541  -12.567 6.738   1.00 25.32 ? 61  LYS A O   1 
ATOM   457  C  CB  A LYS A 1 62  ? 2.303   -10.894 6.475   0.65 25.78 ? 61  LYS A CB  1 
ATOM   458  C  CB  B LYS A 1 62  ? 2.271   -10.841 6.468   0.35 25.23 ? 61  LYS A CB  1 
ATOM   459  C  CG  A LYS A 1 62  ? 3.635   -10.919 5.720   0.65 23.74 ? 61  LYS A CG  1 
ATOM   460  C  CG  B LYS A 1 62  ? 2.667   -11.970 7.349   0.35 24.38 ? 61  LYS A CG  1 
ATOM   461  C  CD  A LYS A 1 62  ? 4.836   -10.765 6.688   0.65 25.39 ? 61  LYS A CD  1 
ATOM   462  C  CE  A LYS A 1 62  ? 6.146   -11.122 6.001   0.65 29.35 ? 61  LYS A CE  1 
ATOM   463  N  NZ  A LYS A 1 62  ? 7.237   -11.390 6.992   0.65 31.19 ? 61  LYS A NZ  1 
ATOM   464  N  N   . ALA A 1 63  ? -0.752  -10.325 7.002   1.00 25.05 ? 62  ALA A N   1 
ATOM   465  C  CA  . ALA A 1 63  ? -1.896  -10.482 7.905   1.00 24.99 ? 62  ALA A CA  1 
ATOM   466  C  C   . ALA A 1 63  ? -3.088  -11.137 7.194   1.00 24.56 ? 62  ALA A C   1 
ATOM   467  O  O   . ALA A 1 63  ? -3.730  -12.028 7.771   1.00 24.37 ? 62  ALA A O   1 
ATOM   468  C  CB  . ALA A 1 63  ? -2.301  -9.147  8.524   1.00 25.51 ? 62  ALA A CB  1 
ATOM   469  N  N   . VAL A 1 64  ? -3.363  -10.716 5.962   1.00 25.07 ? 63  VAL A N   1 
ATOM   470  C  CA  . VAL A 1 64  ? -4.430  -11.339 5.186   1.00 23.68 ? 63  VAL A CA  1 
ATOM   471  C  C   . VAL A 1 64  ? -4.159  -12.831 4.939   1.00 24.83 ? 63  VAL A C   1 
ATOM   472  O  O   . VAL A 1 64  ? -5.036  -13.668 5.106   1.00 24.31 ? 63  VAL A O   1 
ATOM   473  C  CB  . VAL A 1 64  ? -4.688  -10.560 3.865   1.00 23.81 ? 63  VAL A CB  1 
ATOM   474  C  CG1 . VAL A 1 64  ? -5.636  -11.344 2.923   1.00 22.45 ? 63  VAL A CG1 1 
ATOM   475  C  CG2 . VAL A 1 64  ? -5.265  -9.171  4.184   1.00 24.91 ? 63  VAL A CG2 1 
ATOM   476  N  N   . LYS A 1 65  ? -2.935  -13.154 4.551   1.00 25.51 ? 64  LYS A N   1 
ATOM   477  C  CA  . LYS A 1 65  ? -2.545  -14.533 4.261   1.00 26.74 ? 64  LYS A CA  1 
ATOM   478  C  C   . LYS A 1 65  ? -2.678  -15.415 5.493   1.00 26.91 ? 64  LYS A C   1 
ATOM   479  O  O   . LYS A 1 65  ? -3.069  -16.589 5.415   1.00 26.46 ? 64  LYS A O   1 
ATOM   480  C  CB  A LYS A 1 65  ? -1.094  -14.524 3.780   0.65 27.18 ? 64  LYS A CB  1 
ATOM   481  C  CB  B LYS A 1 65  ? -1.108  -14.586 3.732   0.35 26.63 ? 64  LYS A CB  1 
ATOM   482  C  CG  A LYS A 1 65  ? -0.503  -15.868 3.365   0.65 28.80 ? 64  LYS A CG  1 
ATOM   483  C  CG  B LYS A 1 65  ? -0.983  -14.201 2.276   0.35 25.81 ? 64  LYS A CG  1 
ATOM   484  C  CD  A LYS A 1 65  ? 0.837   -15.663 2.620   0.65 29.50 ? 64  LYS A CD  1 
ATOM   485  C  CD  B LYS A 1 65  ? 0.451   -14.116 1.786   0.35 27.34 ? 64  LYS A CD  1 
ATOM   486  C  CE  A LYS A 1 65  ? 1.011   -14.225 2.121   0.65 37.55 ? 64  LYS A CE  1 
ATOM   487  C  CE  B LYS A 1 65  ? 1.060   -15.473 1.435   0.35 25.31 ? 64  LYS A CE  1 
ATOM   488  N  NZ  A LYS A 1 65  ? 1.755   -14.083 0.811   0.65 39.42 ? 64  LYS A NZ  1 
ATOM   489  N  NZ  B LYS A 1 65  ? 2.518   -15.364 1.126   0.35 25.95 ? 64  LYS A NZ  1 
ATOM   490  N  N   . GLU A 1 66  ? -2.338  -14.838 6.645   1.00 27.30 ? 65  GLU A N   1 
ATOM   491  C  CA  . GLU A 1 66  ? -2.363  -15.580 7.905   1.00 28.07 ? 65  GLU A CA  1 
ATOM   492  C  C   . GLU A 1 66  ? -3.747  -15.581 8.555   1.00 29.05 ? 65  GLU A C   1 
ATOM   493  O  O   . GLU A 1 66  ? -3.955  -16.200 9.622   1.00 29.22 ? 65  GLU A O   1 
ATOM   494  C  CB  . GLU A 1 66  ? -1.347  -14.990 8.874   1.00 29.20 ? 65  GLU A CB  1 
ATOM   495  C  CG  A GLU A 1 66  ? 0.100   -15.196 8.450   0.65 29.94 ? 65  GLU A CG  1 
ATOM   496  C  CG  B GLU A 1 66  ? 0.094   -15.299 8.559   0.35 29.60 ? 65  GLU A CG  1 
ATOM   497  C  CD  A GLU A 1 66  ? 0.481   -16.641 8.143   0.65 31.32 ? 65  GLU A CD  1 
ATOM   498  C  CD  B GLU A 1 66  ? 1.047   -14.607 9.522   0.35 30.36 ? 65  GLU A CD  1 
ATOM   499  O  OE1 A GLU A 1 66  ? 0.043   -17.572 8.850   0.65 35.18 ? 65  GLU A OE1 1 
ATOM   500  O  OE1 B GLU A 1 66  ? 0.799   -14.653 10.750  0.35 33.02 ? 65  GLU A OE1 1 
ATOM   501  O  OE2 A GLU A 1 66  ? 1.228   -16.848 7.171   0.65 33.76 ? 65  GLU A OE2 1 
ATOM   502  O  OE2 B GLU A 1 66  ? 2.044   -14.025 9.056   0.35 33.18 ? 65  GLU A OE2 1 
ATOM   503  N  N   . GLY A 1 67  ? -4.686  -14.888 7.930   1.00 28.66 ? 66  GLY A N   1 
ATOM   504  C  CA  . GLY A 1 67  ? -6.027  -14.754 8.466   1.00 30.96 ? 66  GLY A CA  1 
ATOM   505  C  C   . GLY A 1 67  ? -6.052  -14.018 9.792   1.00 31.94 ? 66  GLY A C   1 
ATOM   506  O  O   . GLY A 1 67  ? -6.821  -14.377 10.684  1.00 33.15 ? 66  GLY A O   1 
ATOM   507  N  N   . ARG A 1 68  ? -5.204  -12.998 9.923   1.00 32.05 ? 67  ARG A N   1 
ATOM   508  C  CA  . ARG A 1 68  ? -5.054  -12.245 11.159  1.00 33.63 ? 67  ARG A CA  1 
ATOM   509  C  C   . ARG A 1 68  ? -5.187  -10.778 10.832  1.00 33.57 ? 67  ARG A C   1 
ATOM   510  O  O   . ARG A 1 68  ? -4.681  -9.928  11.540  1.00 34.69 ? 67  ARG A O   1 
ATOM   511  C  CB  . ARG A 1 68  ? -3.684  -12.509 11.802  1.00 33.97 ? 67  ARG A CB  1 
ATOM   512  C  CG  . ARG A 1 68  ? -3.529  -13.909 12.377  1.00 36.05 ? 67  ARG A CG  1 
ATOM   513  N  N   . SER A 1 69  ? -5.868  -10.497 9.727   1.00 33.66 ? 68  SER A N   1 
ATOM   514  C  CA  . SER A 1 69  ? -6.057  -9.154  9.280   1.00 33.06 ? 68  SER A CA  1 
ATOM   515  C  C   . SER A 1 69  ? -7.310  -8.535  9.864   1.00 32.57 ? 68  SER A C   1 
ATOM   516  O  O   . SER A 1 69  ? -8.296  -9.220  10.178  1.00 31.70 ? 68  SER A O   1 
ATOM   517  C  CB  . SER A 1 69  ? -6.083  -9.078  7.749   1.00 33.45 ? 68  SER A CB  1 
ATOM   518  O  OG  . SER A 1 69  ? -7.168  -9.808  7.217   1.00 34.26 ? 68  SER A OG  1 
ATOM   519  N  N   . ILE A 1 70  ? -7.265  -7.218  9.992   1.00 31.92 ? 69  ILE A N   1 
ATOM   520  C  CA  . ILE A 1 70  ? -8.348  -6.480  10.610  1.00 31.79 ? 69  ILE A CA  1 
ATOM   521  C  C   . ILE A 1 70  ? -9.440  -6.294  9.558   1.00 31.45 ? 69  ILE A C   1 
ATOM   522  O  O   . ILE A 1 70  ? -10.588 -6.741  9.743   1.00 31.81 ? 69  ILE A O   1 
ATOM   523  C  CB  . ILE A 1 70  ? -7.837  -5.140  11.254  1.00 32.01 ? 69  ILE A CB  1 
ATOM   524  C  CG1 A ILE A 1 70  ? -6.745  -5.388  12.322  0.65 32.24 ? 69  ILE A CG1 1 
ATOM   525  C  CG1 B ILE A 1 70  ? -6.864  -5.451  12.405  0.35 31.75 ? 69  ILE A CG1 1 
ATOM   526  C  CG2 . ILE A 1 70  ? -9.006  -4.297  11.741  1.00 32.08 ? 69  ILE A CG2 1 
ATOM   527  C  CD1 A ILE A 1 70  ? -6.926  -6.637  13.207  0.65 34.24 ? 69  ILE A CD1 1 
ATOM   528  C  CD1 B ILE A 1 70  ? -5.983  -4.292  12.859  0.35 31.54 ? 69  ILE A CD1 1 
ATOM   529  N  N   . ALA A 1 71  ? -9.054  -5.677  8.446   1.00 31.93 ? 70  ALA A N   1 
ATOM   530  C  CA  . ALA A 1 71  ? -9.856  -5.619  7.234   1.00 31.64 ? 70  ALA A CA  1 
ATOM   531  C  C   . ALA A 1 71  ? -9.749  -6.981  6.530   1.00 32.48 ? 70  ALA A C   1 
ATOM   532  O  O   . ALA A 1 71  ? -8.870  -7.795  6.859   1.00 33.37 ? 70  ALA A O   1 
ATOM   533  C  CB  . ALA A 1 71  ? -9.366  -4.504  6.331   1.00 31.68 ? 70  ALA A CB  1 
ATOM   534  N  N   . LYS A 1 72  ? -10.616 -7.214  5.556   1.00 31.01 ? 71  LYS A N   1 
ATOM   535  C  CA  . LYS A 1 72  ? -10.727 -8.546  4.971   1.00 30.88 ? 71  LYS A CA  1 
ATOM   536  C  C   . LYS A 1 72  ? -10.039 -8.734  3.616   1.00 29.10 ? 71  LYS A C   1 
ATOM   537  O  O   . LYS A 1 72  ? -9.960  -9.862  3.099   1.00 28.29 ? 71  LYS A O   1 
ATOM   538  C  CB  . LYS A 1 72  ? -12.193 -9.000  4.962   1.00 31.36 ? 71  LYS A CB  1 
ATOM   539  C  CG  . LYS A 1 72  ? -12.787 -9.192  6.365   1.00 33.67 ? 71  LYS A CG  1 
ATOM   540  C  CD  . LYS A 1 72  ? -11.784 -9.917  7.264   1.00 36.70 ? 71  LYS A CD  1 
ATOM   541  C  CE  . LYS A 1 72  ? -12.105 -9.769  8.748   1.00 39.47 ? 71  LYS A CE  1 
ATOM   542  N  NZ  . LYS A 1 72  ? -10.869 -10.018 9.552   1.00 37.64 ? 71  LYS A NZ  1 
ATOM   543  N  N   . THR A 1 73  ? -9.553  -7.630  3.051   1.00 27.30 ? 72  THR A N   1 
ATOM   544  C  CA  . THR A 1 73  ? -8.824  -7.637  1.798   1.00 26.40 ? 72  THR A CA  1 
ATOM   545  C  C   . THR A 1 73  ? -7.473  -6.920  1.970   1.00 27.28 ? 72  THR A C   1 
ATOM   546  O  O   . THR A 1 73  ? -7.293  -6.097  2.883   1.00 26.48 ? 72  THR A O   1 
ATOM   547  C  CB  . THR A 1 73  ? -9.605  -6.887  0.718   1.00 26.24 ? 72  THR A CB  1 
ATOM   548  O  OG1 . THR A 1 73  ? -9.677  -5.491  1.066   1.00 26.28 ? 72  THR A OG1 1 
ATOM   549  C  CG2 . THR A 1 73  ? -11.031 -7.499  0.561   1.00 25.86 ? 72  THR A CG2 1 
ATOM   550  N  N   . VAL A 1 74  ? -6.514  -7.231  1.103   1.00 27.01 ? 73  VAL A N   1 
ATOM   551  C  CA  . VAL A 1 74  ? -5.227  -6.507  1.217   1.00 25.78 ? 73  VAL A CA  1 
ATOM   552  C  C   . VAL A 1 74  ? -5.391  -4.968  1.029   1.00 26.25 ? 73  VAL A C   1 
ATOM   553  O  O   . VAL A 1 74  ? -4.809  -4.232  1.815   1.00 25.97 ? 73  VAL A O   1 
ATOM   554  C  CB  . VAL A 1 74  ? -4.063  -7.120  0.332   1.00 25.81 ? 73  VAL A CB  1 
ATOM   555  C  CG1 . VAL A 1 74  ? -2.791  -6.206  0.342   1.00 29.01 ? 73  VAL A CG1 1 
ATOM   556  C  CG2 . VAL A 1 74  ? -3.751  -8.611  0.719   1.00 26.95 ? 73  VAL A CG2 1 
ATOM   557  N  N   . PRO A 1 75  ? -6.131  -4.502  -0.004  1.00 26.13 ? 74  PRO A N   1 
ATOM   558  C  CA  . PRO A 1 75  ? -6.220  -3.037  -0.122  1.00 27.17 ? 74  PRO A CA  1 
ATOM   559  C  C   . PRO A 1 75  ? -6.801  -2.350  1.110   1.00 26.87 ? 74  PRO A C   1 
ATOM   560  O  O   . PRO A 1 75  ? -6.313  -1.285  1.504   1.00 28.68 ? 74  PRO A O   1 
ATOM   561  C  CB  . PRO A 1 75  ? -7.112  -2.834  -1.364  1.00 27.37 ? 74  PRO A CB  1 
ATOM   562  C  CG  . PRO A 1 75  ? -6.833  -4.086  -2.204  1.00 27.00 ? 74  PRO A CG  1 
ATOM   563  C  CD  . PRO A 1 75  ? -6.776  -5.193  -1.156  1.00 25.95 ? 74  PRO A CD  1 
ATOM   564  N  N   . GLY A 1 76  ? -7.842  -2.946  1.698   1.00 27.63 ? 75  GLY A N   1 
ATOM   565  C  CA  . GLY A 1 76  ? -8.415  -2.439  2.952   1.00 28.45 ? 75  GLY A CA  1 
ATOM   566  C  C   . GLY A 1 76  ? -7.398  -2.504  4.087   1.00 27.26 ? 75  GLY A C   1 
ATOM   567  O  O   . GLY A 1 76  ? -7.243  -1.550  4.875   1.00 26.54 ? 75  GLY A O   1 
ATOM   568  N  N   . GLU A 1 77  ? -6.655  -3.608  4.161   1.00 27.10 ? 76  GLU A N   1 
ATOM   569  C  CA  . GLU A 1 77  ? -5.702  -3.784  5.261   1.00 27.73 ? 76  GLU A CA  1 
ATOM   570  C  C   . GLU A 1 77  ? -4.471  -2.834  5.137   1.00 27.35 ? 76  GLU A C   1 
ATOM   571  O  O   . GLU A 1 77  ? -3.913  -2.400  6.142   1.00 27.72 ? 76  GLU A O   1 
ATOM   572  C  CB  . GLU A 1 77  ? -5.264  -5.257  5.389   1.00 27.71 ? 76  GLU A CB  1 
ATOM   573  C  CG  . GLU A 1 77  ? -4.450  -5.563  6.674   1.00 29.72 ? 76  GLU A CG  1 
ATOM   574  C  CD  . GLU A 1 77  ? -5.275  -5.558  7.954   1.00 31.83 ? 76  GLU A CD  1 
ATOM   575  O  OE1 . GLU A 1 77  ? -6.439  -5.114  7.928   1.00 32.54 ? 76  GLU A OE1 1 
ATOM   576  O  OE2 . GLU A 1 77  ? -4.761  -6.017  8.980   1.00 32.75 ? 76  GLU A OE2 1 
ATOM   577  N  N   . ILE A 1 78  ? -4.096  -2.451  3.916   1.00 26.44 ? 77  ILE A N   1 
ATOM   578  C  CA  . ILE A 1 78  ? -3.059  -1.435  3.716   1.00 27.31 ? 77  ILE A CA  1 
ATOM   579  C  C   . ILE A 1 78  ? -3.494  -0.118  4.365   1.00 27.92 ? 77  ILE A C   1 
ATOM   580  O  O   . ILE A 1 78  ? -2.689  0.527   5.039   1.00 27.12 ? 77  ILE A O   1 
ATOM   581  C  CB  . ILE A 1 78  ? -2.744  -1.239  2.196   1.00 26.68 ? 77  ILE A CB  1 
ATOM   582  C  CG1 . ILE A 1 78  ? -1.930  -2.446  1.678   1.00 26.98 ? 77  ILE A CG1 1 
ATOM   583  C  CG2 . ILE A 1 78  ? -1.875  -0.021  1.967   1.00 28.92 ? 77  ILE A CG2 1 
ATOM   584  C  CD1 . ILE A 1 78  ? -1.782  -2.533  0.126   1.00 28.68 ? 77  ILE A CD1 1 
ATOM   585  N  N   . LEU A 1 79  ? -4.753  0.275   4.137   1.00 27.14 ? 78  LEU A N   1 
ATOM   586  C  CA  . LEU A 1 79  ? -5.294  1.543   4.715   1.00 27.54 ? 78  LEU A CA  1 
ATOM   587  C  C   . LEU A 1 79  ? -5.301  1.485   6.250   1.00 27.39 ? 78  LEU A C   1 
ATOM   588  O  O   . LEU A 1 79  ? -4.832  2.409   6.907   1.00 29.00 ? 78  LEU A O   1 
ATOM   589  C  CB  . LEU A 1 79  ? -6.712  1.816   4.192   1.00 28.24 ? 78  LEU A CB  1 
ATOM   590  C  CG  . LEU A 1 79  ? -6.844  2.019   2.684   1.00 27.58 ? 78  LEU A CG  1 
ATOM   591  C  CD1 . LEU A 1 79  ? -8.343  2.037   2.300   1.00 28.59 ? 78  LEU A CD1 1 
ATOM   592  C  CD2 . LEU A 1 79  ? -6.192  3.320   2.281   1.00 33.12 ? 78  LEU A CD2 1 
ATOM   593  N  N   . VAL A 1 80  ? -5.714  0.338   6.797   1.00 25.70 ? 79  VAL A N   1 
ATOM   594  C  CA  . VAL A 1 80  ? -5.756  0.111   8.245   1.00 26.81 ? 79  VAL A CA  1 
ATOM   595  C  C   . VAL A 1 80  ? -4.348  0.155   8.847   1.00 27.50 ? 79  VAL A C   1 
ATOM   596  O  O   . VAL A 1 80  ? -4.120  0.830   9.871   1.00 27.81 ? 79  VAL A O   1 
ATOM   597  C  CB  . VAL A 1 80  ? -6.454  -1.245  8.568   1.00 26.00 ? 79  VAL A CB  1 
ATOM   598  C  CG1 . VAL A 1 80  ? -6.203  -1.646  10.019  1.00 27.32 ? 79  VAL A CG1 1 
ATOM   599  C  CG2 . VAL A 1 80  ? -7.993  -1.164  8.210   1.00 25.27 ? 79  VAL A CG2 1 
ATOM   600  N  N   . ARG A 1 81  ? -3.418  -0.575  8.236   1.00 28.01 ? 80  ARG A N   1 
ATOM   601  C  CA  . ARG A 1 81  ? -2.048  -0.640  8.759   1.00 28.23 ? 80  ARG A CA  1 
ATOM   602  C  C   . ARG A 1 81  ? -1.269  0.667   8.591   1.00 27.86 ? 80  ARG A C   1 
ATOM   603  O  O   . ARG A 1 81  ? -0.551  1.094   9.529   1.00 29.96 ? 80  ARG A O   1 
ATOM   604  C  CB  . ARG A 1 81  ? -1.276  -1.792  8.121   1.00 29.23 ? 80  ARG A CB  1 
ATOM   605  C  CG  . ARG A 1 81  ? -1.877  -3.161  8.386   1.00 28.75 ? 80  ARG A CG  1 
ATOM   606  C  CD  . ARG A 1 81  ? -1.683  -3.573  9.825   1.00 26.63 ? 80  ARG A CD  1 
ATOM   607  N  NE  . ARG A 1 81  ? -2.422  -4.818  10.063  1.00 28.84 ? 80  ARG A NE  1 
ATOM   608  C  CZ  . ARG A 1 81  ? -2.213  -5.625  11.107  1.00 30.98 ? 80  ARG A CZ  1 
ATOM   609  N  NH1 . ARG A 1 81  ? -1.242  -5.348  12.004  1.00 28.47 ? 80  ARG A NH1 1 
ATOM   610  N  NH2 . ARG A 1 81  ? -2.946  -6.741  11.242  1.00 30.24 ? 80  ARG A NH2 1 
ATOM   611  N  N   . LEU A 1 82  ? -1.502  1.354   7.474   1.00 28.03 ? 81  LEU A N   1 
ATOM   612  C  CA  . LEU A 1 82  ? -0.775  2.609   7.209   1.00 29.15 ? 81  LEU A CA  1 
ATOM   613  C  C   . LEU A 1 82  ? -1.268  3.723   8.153   1.00 29.56 ? 81  LEU A C   1 
ATOM   614  O  O   . LEU A 1 82  ? -0.477  4.496   8.703   1.00 30.40 ? 81  LEU A O   1 
ATOM   615  C  CB  . LEU A 1 82  ? -0.966  3.029   5.732   1.00 29.23 ? 81  LEU A CB  1 
ATOM   616  C  CG  . LEU A 1 82  ? -0.342  4.362   5.339   1.00 27.59 ? 81  LEU A CG  1 
ATOM   617  C  CD1 . LEU A 1 82  ? 1.169   4.340   5.596   1.00 28.66 ? 81  LEU A CD1 1 
ATOM   618  C  CD2 . LEU A 1 82  ? -0.615  4.645   3.853   1.00 29.62 ? 81  LEU A CD2 1 
ATOM   619  N  N   . SER A 1 83  ? -2.579  3.778   8.384   1.00 29.60 ? 82  SER A N   1 
ATOM   620  C  CA  . SER A 1 83  ? -3.174  4.781   9.290   1.00 30.09 ? 82  SER A CA  1 
ATOM   621  C  C   . SER A 1 83  ? -3.058  4.445   10.769  1.00 31.72 ? 82  SER A C   1 
ATOM   622  O  O   . SER A 1 83  ? -2.969  5.349   11.612  1.00 33.60 ? 82  SER A O   1 
ATOM   623  C  CB  . SER A 1 83  ? -4.637  4.953   8.962   1.00 29.57 ? 82  SER A CB  1 
ATOM   624  O  OG  . SER A 1 83  ? -5.363  3.777   9.271   1.00 30.11 ? 82  SER A OG  1 
ATOM   625  N  N   . GLY A 1 84  ? -3.088  3.150   11.093  1.00 31.89 ? 83  GLY A N   1 
ATOM   626  C  CA  . GLY A 1 84  ? -3.149  2.733   12.493  1.00 32.32 ? 83  GLY A CA  1 
ATOM   627  C  C   . GLY A 1 84  ? -4.557  2.830   13.063  1.00 33.05 ? 83  GLY A C   1 
ATOM   628  O  O   . GLY A 1 84  ? -4.739  2.806   14.287  1.00 34.68 ? 83  GLY A O   1 
ATOM   629  N  N   . ASN A 1 85  ? -5.558  2.949   12.182  1.00 32.54 ? 84  ASN A N   1 
ATOM   630  C  CA  . ASN A 1 85  ? -6.953  3.025   12.564  1.00 33.30 ? 84  ASN A CA  1 
ATOM   631  C  C   . ASN A 1 85  ? -7.689  1.758   12.121  1.00 32.67 ? 84  ASN A C   1 
ATOM   632  O  O   . ASN A 1 85  ? -7.678  1.423   10.936  1.00 32.43 ? 84  ASN A O   1 
ATOM   633  C  CB  A ASN A 1 85  ? -7.611  4.281   11.975  0.65 33.58 ? 84  ASN A CB  1 
ATOM   634  C  CB  B ASN A 1 85  ? -7.628  4.259   11.930  0.35 33.27 ? 84  ASN A CB  1 
ATOM   635  C  CG  A ASN A 1 85  ? -8.734  4.805   12.841  0.65 35.32 ? 84  ASN A CG  1 
ATOM   636  C  CG  B ASN A 1 85  ? -6.981  5.580   12.348  0.35 34.08 ? 84  ASN A CG  1 
ATOM   637  O  OD1 A ASN A 1 85  ? -9.812  4.212   12.905  0.65 37.58 ? 84  ASN A OD1 1 
ATOM   638  O  OD1 B ASN A 1 85  ? -6.786  5.848   13.532  0.35 35.80 ? 84  ASN A OD1 1 
ATOM   639  N  ND2 A ASN A 1 85  ? -8.494  5.930   13.513  0.65 35.72 ? 84  ASN A ND2 1 
ATOM   640  N  ND2 B ASN A 1 85  ? -6.671  6.420   11.365  0.35 34.33 ? 84  ASN A ND2 1 
ATOM   641  N  N   . ARG A 1 86  ? -8.314  1.056   13.073  1.00 33.47 ? 85  ARG A N   1 
ATOM   642  C  CA  . ARG A 1 86  ? -8.965  -0.223  12.784  1.00 33.63 ? 85  ARG A CA  1 
ATOM   643  C  C   . ARG A 1 86  ? -10.244 -0.080  11.969  1.00 33.21 ? 85  ARG A C   1 
ATOM   644  O  O   . ARG A 1 86  ? -10.699 -1.035  11.332  1.00 32.94 ? 85  ARG A O   1 
ATOM   645  C  CB  . ARG A 1 86  ? -9.255  -0.995  14.072  1.00 34.37 ? 85  ARG A CB  1 
ATOM   646  C  CG  . ARG A 1 86  ? -8.028  -1.621  14.710  1.00 36.72 ? 85  ARG A CG  1 
ATOM   647  C  CD  . ARG A 1 86  ? -8.417  -2.289  16.019  1.00 42.12 ? 85  ARG A CD  1 
ATOM   648  N  NE  . ARG A 1 86  ? -9.203  -3.504  15.803  1.00 44.86 ? 85  ARG A NE  1 
ATOM   649  C  CZ  . ARG A 1 86  ? -8.695  -4.733  15.831  1.00 47.29 ? 85  ARG A CZ  1 
ATOM   650  N  NH1 . ARG A 1 86  ? -7.395  -4.912  16.063  1.00 47.95 ? 85  ARG A NH1 1 
ATOM   651  N  NH2 . ARG A 1 86  ? -9.484  -5.783  15.628  1.00 47.00 ? 85  ARG A NH2 1 
ATOM   652  N  N   . GLN A 1 87  ? -10.820 1.118   12.007  1.00 33.23 ? 86  GLN A N   1 
ATOM   653  C  CA  . GLN A 1 87  ? -12.039 1.426   11.274  1.00 32.87 ? 86  GLN A CA  1 
ATOM   654  C  C   . GLN A 1 87  ? -11.668 1.930   9.880   1.00 32.97 ? 86  GLN A C   1 
ATOM   655  O  O   . GLN A 1 87  ? -10.990 2.954   9.733   1.00 32.23 ? 86  GLN A O   1 
ATOM   656  C  CB  . GLN A 1 87  ? -12.852 2.458   12.035  1.00 32.93 ? 86  GLN A CB  1 
ATOM   657  C  CG  . GLN A 1 87  ? -13.699 1.833   13.131  1.00 33.96 ? 86  GLN A CG  1 
ATOM   658  C  CD  . GLN A 1 87  ? -14.727 2.782   13.676  1.00 35.75 ? 86  GLN A CD  1 
ATOM   659  O  OE1 . GLN A 1 87  ? -15.874 2.779   13.239  1.00 37.24 ? 86  GLN A OE1 1 
ATOM   660  N  NE2 . GLN A 1 87  ? -14.321 3.617   14.630  1.00 37.12 ? 86  GLN A NE2 1 
ATOM   661  N  N   . ILE A 1 88  ? -12.105 1.187   8.868   1.00 33.21 ? 87  ILE A N   1 
ATOM   662  C  CA  . ILE A 1 88  ? -11.737 1.465   7.481   1.00 33.13 ? 87  ILE A CA  1 
ATOM   663  C  C   . ILE A 1 88  ? -12.165 2.877   7.056   1.00 32.42 ? 87  ILE A C   1 
ATOM   664  O  O   . ILE A 1 88  ? -11.409 3.581   6.390   1.00 31.99 ? 87  ILE A O   1 
ATOM   665  C  CB  . ILE A 1 88  ? -12.299 0.389   6.529   1.00 33.34 ? 87  ILE A CB  1 
ATOM   666  C  CG1 . ILE A 1 88  ? -11.649 -0.968  6.860   1.00 35.13 ? 87  ILE A CG1 1 
ATOM   667  C  CG2 . ILE A 1 88  ? -11.983 0.743   5.072   1.00 34.03 ? 87  ILE A CG2 1 
ATOM   668  C  CD1 . ILE A 1 88  ? -12.457 -2.178  6.397   1.00 36.77 ? 87  ILE A CD1 1 
ATOM   669  N  N   . LYS A 1 89  ? -13.368 3.278   7.474   1.00 31.59 ? 88  LYS A N   1 
ATOM   670  C  CA  . LYS A 1 89  ? -13.873 4.621   7.227   1.00 31.49 ? 88  LYS A CA  1 
ATOM   671  C  C   . LYS A 1 89  ? -12.916 5.678   7.790   1.00 31.10 ? 88  LYS A C   1 
ATOM   672  O  O   . LYS A 1 89  ? -12.653 6.677   7.132   1.00 31.52 ? 88  LYS A O   1 
ATOM   673  C  CB  . LYS A 1 89  ? -15.301 4.785   7.788   1.00 31.66 ? 88  LYS A CB  1 
ATOM   674  C  CG  . LYS A 1 89  ? -15.463 4.307   9.235   1.00 33.28 ? 88  LYS A CG  1 
ATOM   675  C  CD  . LYS A 1 89  ? -16.866 4.501   9.794   1.00 32.28 ? 88  LYS A CD  1 
ATOM   676  C  CE  . LYS A 1 89  ? -17.238 5.971   10.000  1.00 33.81 ? 88  LYS A CE  1 
ATOM   677  N  N   . GLU A 1 90  ? -12.379 5.441   8.985   1.00 30.16 ? 89  GLU A N   1 
ATOM   678  C  CA  . GLU A 1 90  ? -11.462 6.382   9.624   1.00 30.97 ? 89  GLU A CA  1 
ATOM   679  C  C   . GLU A 1 90  ? -10.081 6.328   8.977   1.00 30.72 ? 89  GLU A C   1 
ATOM   680  O  O   . GLU A 1 90  ? -9.365  7.336   8.859   1.00 30.55 ? 89  GLU A O   1 
ATOM   681  C  CB  . GLU A 1 90  ? -11.338 6.057   11.110  1.00 31.30 ? 89  GLU A CB  1 
ATOM   682  C  CG  . GLU A 1 90  ? -12.557 6.422   11.929  1.00 33.79 ? 89  GLU A CG  1 
ATOM   683  C  CD  . GLU A 1 90  ? -12.761 7.922   11.968  1.00 37.08 ? 89  GLU A CD  1 
ATOM   684  O  OE1 . GLU A 1 90  ? -13.844 8.363   11.544  1.00 38.37 ? 89  GLU A OE1 1 
ATOM   685  O  OE2 . GLU A 1 90  ? -11.813 8.646   12.378  1.00 39.26 ? 89  GLU A OE2 1 
ATOM   686  N  N   . ALA A 1 91  ? -9.675  5.124   8.600   1.00 29.68 ? 90  ALA A N   1 
ATOM   687  C  CA  . ALA A 1 91  ? -8.431  4.960   7.867   1.00 29.74 ? 90  ALA A CA  1 
ATOM   688  C  C   . ALA A 1 91  ? -8.433  5.727   6.539   1.00 29.87 ? 90  ALA A C   1 
ATOM   689  O  O   . ALA A 1 91  ? -7.423  6.341   6.187   1.00 30.13 ? 90  ALA A O   1 
ATOM   690  C  CB  . ALA A 1 91  ? -8.105  3.461   7.648   1.00 29.63 ? 90  ALA A CB  1 
ATOM   691  N  N   . ILE A 1 92  ? -9.540  5.647   5.794   1.00 30.08 ? 91  ILE A N   1 
ATOM   692  C  CA  . ILE A 1 92  ? -9.679  6.357   4.525   1.00 30.71 ? 91  ILE A CA  1 
ATOM   693  C  C   . ILE A 1 92  ? -9.530  7.867   4.701   1.00 31.32 ? 91  ILE A C   1 
ATOM   694  O  O   . ILE A 1 92  ? -8.886  8.528   3.879   1.00 31.71 ? 91  ILE A O   1 
ATOM   695  C  CB  . ILE A 1 92  ? -11.032 6.022   3.833   1.00 30.27 ? 91  ILE A CB  1 
ATOM   696  C  CG1 . ILE A 1 92  ? -10.990 4.602   3.240   1.00 30.84 ? 91  ILE A CG1 1 
ATOM   697  C  CG2 . ILE A 1 92  ? -11.382 7.070   2.750   1.00 30.95 ? 91  ILE A CG2 1 
ATOM   698  C  CD1 . ILE A 1 92  ? -12.372 3.980   2.936   1.00 30.23 ? 91  ILE A CD1 1 
ATOM   699  N  N   . LYS A 1 93  ? -10.099 8.402   5.783   1.00 31.31 ? 92  LYS A N   1 
ATOM   700  C  CA  . LYS A 1 93  ? -10.040 9.834   6.070   1.00 32.37 ? 92  LYS A CA  1 
ATOM   701  C  C   . LYS A 1 93  ? -8.572  10.269  6.241   1.00 32.55 ? 92  LYS A C   1 
ATOM   702  O  O   . LYS A 1 93  ? -8.171  11.336  5.763   1.00 33.49 ? 92  LYS A O   1 
ATOM   703  C  CB  . LYS A 1 93  ? -10.864 10.174  7.328   1.00 31.83 ? 92  LYS A CB  1 
ATOM   704  C  CG  . LYS A 1 93  ? -12.377 9.975   7.203   1.00 32.92 ? 92  LYS A CG  1 
ATOM   705  C  CD  . LYS A 1 93  ? -13.097 10.330  8.509   1.00 32.78 ? 92  LYS A CD  1 
ATOM   706  N  N   . LYS A 1 94  ? -7.769  9.419   6.881   1.00 31.62 ? 93  LYS A N   1 
ATOM   707  C  CA  . LYS A 1 94  ? -6.421  9.795   7.266   1.00 31.42 ? 93  LYS A CA  1 
ATOM   708  C  C   . LYS A 1 94  ? -5.431  9.592   6.120   1.00 31.97 ? 93  LYS A C   1 
ATOM   709  O  O   . LYS A 1 94  ? -4.591  10.458  5.881   1.00 32.75 ? 93  LYS A O   1 
ATOM   710  C  CB  . LYS A 1 94  ? -5.980  8.982   8.489   1.00 31.85 ? 93  LYS A CB  1 
ATOM   711  C  CG  . LYS A 1 94  ? -4.583  9.296   9.042   1.00 31.21 ? 93  LYS A CG  1 
ATOM   712  N  N   . VAL A 1 95  ? -5.521  8.455   5.433   1.00 30.72 ? 94  VAL A N   1 
ATOM   713  C  CA  . VAL A 1 95  ? -4.486  8.055   4.465   1.00 29.00 ? 94  VAL A CA  1 
ATOM   714  C  C   . VAL A 1 95  ? -5.033  7.659   3.092   1.00 30.21 ? 94  VAL A C   1 
ATOM   715  O  O   . VAL A 1 95  ? -4.276  7.238   2.225   1.00 29.87 ? 94  VAL A O   1 
ATOM   716  C  CB  . VAL A 1 95  ? -3.571  6.904   5.001   1.00 30.76 ? 94  VAL A CB  1 
ATOM   717  C  CG1 . VAL A 1 95  ? -2.967  7.265   6.365   1.00 29.26 ? 94  VAL A CG1 1 
ATOM   718  C  CG2 . VAL A 1 95  ? -4.379  5.578   5.082   1.00 27.59 ? 94  VAL A CG2 1 
ATOM   719  N  N   . GLY A 1 96  ? -6.339  7.767   2.914   1.00 30.17 ? 95  GLY A N   1 
ATOM   720  C  CA  . GLY A 1 96  ? -6.951  7.540   1.592   1.00 30.62 ? 95  GLY A CA  1 
ATOM   721  C  C   . GLY A 1 96  ? -6.477  8.556   0.565   1.00 29.75 ? 95  GLY A C   1 
ATOM   722  O  O   . GLY A 1 96  ? -5.981  9.625   0.929   1.00 29.65 ? 95  GLY A O   1 
ATOM   723  N  N   . ALA A 1 97  ? -6.594  8.197   -0.717  1.00 29.72 ? 96  ALA A N   1 
ATOM   724  C  CA  . ALA A 1 97  ? -6.194  9.065   -1.816  1.00 29.53 ? 96  ALA A CA  1 
ATOM   725  C  C   . ALA A 1 97  ? -6.796  10.466  -1.679  1.00 29.73 ? 96  ALA A C   1 
ATOM   726  O  O   . ALA A 1 97  ? -7.993  10.625  -1.387  1.00 29.52 ? 96  ALA A O   1 
ATOM   727  C  CB  . ALA A 1 97  ? -6.602  8.458   -3.147  1.00 30.61 ? 96  ALA A CB  1 
ATOM   728  N  N   . LYS A 1 98  ? -5.966  11.466  -1.944  1.00 29.65 ? 97  LYS A N   1 
ATOM   729  C  CA  . LYS A 1 98  ? -6.384  12.877  -1.919  1.00 30.49 ? 97  LYS A CA  1 
ATOM   730  C  C   . LYS A 1 98  ? -5.765  13.625  -3.094  1.00 29.73 ? 97  LYS A C   1 
ATOM   731  O  O   . LYS A 1 98  ? -4.616  13.345  -3.444  1.00 30.58 ? 97  LYS A O   1 
ATOM   732  C  CB  . LYS A 1 98  ? -5.907  13.510  -0.613  1.00 31.54 ? 97  LYS A CB  1 
ATOM   733  C  CG  . LYS A 1 98  ? -6.718  13.104  0.601   1.00 34.68 ? 97  LYS A CG  1 
ATOM   734  N  N   . GLU A 1 99  ? -6.500  14.576  -3.693  1.00 28.90 ? 98  GLU A N   1 
ATOM   735  C  CA  . GLU A 1 99  ? -5.899  15.437  -4.713  1.00 28.47 ? 98  GLU A CA  1 
ATOM   736  C  C   . GLU A 1 99  ? -4.525  15.925  -4.278  1.00 28.66 ? 98  GLU A C   1 
ATOM   737  O  O   . GLU A 1 99  ? -4.338  16.455  -3.164  1.00 29.07 ? 98  GLU A O   1 
ATOM   738  C  CB  . GLU A 1 99  ? -6.775  16.632  -5.110  1.00 27.77 ? 98  GLU A CB  1 
ATOM   739  C  CG  . GLU A 1 99  ? -6.172  17.391  -6.265  1.00 28.78 ? 98  GLU A CG  1 
ATOM   740  C  CD  . GLU A 1 99  ? -7.201  18.215  -7.039  1.00 29.30 ? 98  GLU A CD  1 
ATOM   741  O  OE1 . GLU A 1 99  ? -7.447  19.357  -6.610  1.00 34.22 ? 98  GLU A OE1 1 
ATOM   742  O  OE2 . GLU A 1 99  ? -7.748  17.738  -8.074  1.00 30.52 ? 98  GLU A OE2 1 
ATOM   743  N  N   . GLY A 1 100 ? -3.549  15.694  -5.141  1.00 27.75 ? 99  GLY A N   1 
ATOM   744  C  CA  . GLY A 1 100 ? -2.199  16.001  -4.784  1.00 26.71 ? 99  GLY A CA  1 
ATOM   745  C  C   . GLY A 1 100 ? -1.301  14.796  -4.905  1.00 27.13 ? 99  GLY A C   1 
ATOM   746  O  O   . GLY A 1 100 ? -1.514  13.912  -5.772  1.00 26.96 ? 99  GLY A O   1 
ATOM   747  N  N   . GLU A 1 101 ? -0.290  14.755  -4.037  1.00 26.21 ? 100 GLU A N   1 
ATOM   748  C  CA  . GLU A 1 101 ? 0.744   13.714  -4.084  1.00 25.65 ? 100 GLU A CA  1 
ATOM   749  C  C   . GLU A 1 101 ? 0.178   12.473  -3.399  1.00 25.66 ? 100 GLU A C   1 
ATOM   750  O  O   . GLU A 1 101 ? -0.310  12.561  -2.265  1.00 27.30 ? 100 GLU A O   1 
ATOM   751  C  CB  . GLU A 1 101 ? 2.019   14.100  -3.280  1.00 25.63 ? 100 GLU A CB  1 
ATOM   752  C  CG  . GLU A 1 101 ? 2.744   15.283  -3.832  1.00 28.62 ? 100 GLU A CG  1 
ATOM   753  C  CD  . GLU A 1 101 ? 3.942   15.710  -3.035  1.00 26.38 ? 100 GLU A CD  1 
ATOM   754  O  OE1 . GLU A 1 101 ? 4.269   15.092  -1.983  1.00 28.67 ? 100 GLU A OE1 1 
ATOM   755  O  OE2 . GLU A 1 101 ? 4.589   16.637  -3.507  1.00 31.15 ? 100 GLU A OE2 1 
ATOM   756  N  N   . ASN A 1 102 ? 0.258   11.354  -4.086  1.00 25.15 ? 101 ASN A N   1 
ATOM   757  C  CA  . ASN A 1 102 ? -0.132  10.046  -3.557  1.00 25.41 ? 101 ASN A CA  1 
ATOM   758  C  C   . ASN A 1 102 ? 0.908   8.995   -3.908  1.00 26.52 ? 101 ASN A C   1 
ATOM   759  O  O   . ASN A 1 102 ? 1.811   9.240   -4.727  1.00 25.69 ? 101 ASN A O   1 
ATOM   760  C  CB  . ASN A 1 102 ? -1.474  9.597   -4.176  1.00 25.66 ? 101 ASN A CB  1 
ATOM   761  C  CG  . ASN A 1 102 ? -2.616  10.488  -3.797  1.00 27.52 ? 101 ASN A CG  1 
ATOM   762  O  OD1 . ASN A 1 102 ? -3.327  10.214  -2.840  1.00 29.52 ? 101 ASN A OD1 1 
ATOM   763  N  ND2 . ASN A 1 102 ? -2.804  11.571  -4.554  1.00 25.09 ? 101 ASN A ND2 1 
ATOM   764  N  N   . TYR A 1 103 ? 0.776   7.816   -3.295  1.00 26.34 ? 102 TYR A N   1 
ATOM   765  C  CA  . TYR A 1 103 ? 1.564   6.664   -3.729  1.00 25.65 ? 102 TYR A CA  1 
ATOM   766  C  C   . TYR A 1 103 ? 0.610   5.609   -4.222  1.00 26.82 ? 102 TYR A C   1 
ATOM   767  O  O   . TYR A 1 103 ? -0.423  5.343   -3.581  1.00 27.43 ? 102 TYR A O   1 
ATOM   768  C  CB  . TYR A 1 103 ? 2.372   6.065   -2.558  1.00 26.62 ? 102 TYR A CB  1 
ATOM   769  C  CG  . TYR A 1 103 ? 3.552   6.934   -2.165  1.00 26.30 ? 102 TYR A CG  1 
ATOM   770  C  CD1 . TYR A 1 103 ? 4.813   6.672   -2.708  1.00 29.17 ? 102 TYR A CD1 1 
ATOM   771  C  CD2 . TYR A 1 103 ? 3.394   8.040   -1.312  1.00 29.30 ? 102 TYR A CD2 1 
ATOM   772  C  CE1 . TYR A 1 103 ? 5.908   7.472   -2.395  1.00 29.25 ? 102 TYR A CE1 1 
ATOM   773  C  CE2 . TYR A 1 103 ? 4.509   8.828   -0.963  1.00 28.40 ? 102 TYR A CE2 1 
ATOM   774  C  CZ  . TYR A 1 103 ? 5.757   8.509   -1.528  1.00 30.73 ? 102 TYR A CZ  1 
ATOM   775  O  OH  . TYR A 1 103 ? 6.920   9.232   -1.272  1.00 32.13 ? 102 TYR A OH  1 
ATOM   776  N  N   . ILE A 1 104 ? 0.943   5.055   -5.382  1.00 25.61 ? 103 ILE A N   1 
ATOM   777  C  CA  . ILE A 1 104 ? 0.271   3.867   -5.889  1.00 25.33 ? 103 ILE A CA  1 
ATOM   778  C  C   . ILE A 1 104 ? 1.179   2.702   -5.613  1.00 26.91 ? 103 ILE A C   1 
ATOM   779  O  O   . ILE A 1 104 ? 2.346   2.731   -6.010  1.00 28.23 ? 103 ILE A O   1 
ATOM   780  C  CB  . ILE A 1 104 ? -0.025  3.953   -7.377  1.00 26.19 ? 103 ILE A CB  1 
ATOM   781  C  CG1 . ILE A 1 104 ? -0.874  5.204   -7.638  1.00 26.60 ? 103 ILE A CG1 1 
ATOM   782  C  CG2 . ILE A 1 104 ? -0.774  2.680   -7.807  1.00 24.25 ? 103 ILE A CG2 1 
ATOM   783  C  CD1 . ILE A 1 104 ? -1.265  5.376   -9.111  1.00 27.00 ? 103 ILE A CD1 1 
ATOM   784  N  N   . VAL A 1 105 ? 0.640   1.683   -4.948  1.00 25.72 ? 104 VAL A N   1 
ATOM   785  C  CA  . VAL A 1 105 ? 1.379   0.448   -4.683  1.00 26.11 ? 104 VAL A CA  1 
ATOM   786  C  C   . VAL A 1 105 ? 0.655   -0.716  -5.303  1.00 25.68 ? 104 VAL A C   1 
ATOM   787  O  O   . VAL A 1 105 ? -0.580  -0.768  -5.270  1.00 27.35 ? 104 VAL A O   1 
ATOM   788  C  CB  A VAL A 1 105 ? 1.578   0.305   -3.123  0.75 26.56 ? 104 VAL A CB  1 
ATOM   789  C  CB  B VAL A 1 105 ? 1.580   0.165   -3.169  0.25 25.90 ? 104 VAL A CB  1 
ATOM   790  C  CG1 A VAL A 1 105 ? 0.225   0.096   -2.406  0.75 26.71 ? 104 VAL A CG1 1 
ATOM   791  C  CG1 B VAL A 1 105 ? 2.339   -1.145  -2.951  0.25 27.12 ? 104 VAL A CG1 1 
ATOM   792  C  CG2 A VAL A 1 105 ? 2.642   -0.705  -2.734  0.75 28.47 ? 104 VAL A CG2 1 
ATOM   793  C  CG2 B VAL A 1 105 ? 2.319   1.301   -2.526  0.25 25.26 ? 104 VAL A CG2 1 
ATOM   794  N  N   . THR A 1 106 ? 1.412   -1.635  -5.906  1.00 25.15 ? 105 THR A N   1 
ATOM   795  C  CA  . THR A 1 106 ? 0.833   -2.857  -6.424  1.00 25.27 ? 105 THR A CA  1 
ATOM   796  C  C   . THR A 1 106 ? 1.629   -4.048  -5.903  1.00 26.58 ? 105 THR A C   1 
ATOM   797  O  O   . THR A 1 106 ? 2.793   -3.918  -5.453  1.00 26.94 ? 105 THR A O   1 
ATOM   798  C  CB  . THR A 1 106 ? 0.831   -2.879  -7.954  1.00 26.94 ? 105 THR A CB  1 
ATOM   799  O  OG1 . THR A 1 106 ? 2.185   -2.857  -8.444  1.00 27.45 ? 105 THR A OG1 1 
ATOM   800  C  CG2 . THR A 1 106 ? -0.037  -1.713  -8.505  1.00 27.59 ? 105 THR A CG2 1 
ATOM   801  N  N   . PHE A 1 107 ? 0.982   -5.207  -5.935  1.00 25.82 ? 106 PHE A N   1 
ATOM   802  C  CA  . PHE A 1 107 ? 1.510   -6.393  -5.292  1.00 27.32 ? 106 PHE A CA  1 
ATOM   803  C  C   . PHE A 1 107 ? 0.873   -7.626  -5.935  1.00 27.48 ? 106 PHE A C   1 
ATOM   804  O  O   . PHE A 1 107 ? 0.015   -7.505  -6.832  1.00 28.26 ? 106 PHE A O   1 
ATOM   805  C  CB  . PHE A 1 107 ? 1.215   -6.353  -3.790  1.00 27.91 ? 106 PHE A CB  1 
ATOM   806  C  CG  . PHE A 1 107 ? -0.242  -6.105  -3.480  1.00 27.99 ? 106 PHE A CG  1 
ATOM   807  C  CD1 . PHE A 1 107 ? -1.129  -7.192  -3.339  1.00 32.06 ? 106 PHE A CD1 1 
ATOM   808  C  CD2 . PHE A 1 107 ? -0.727  -4.801  -3.326  1.00 29.58 ? 106 PHE A CD2 1 
ATOM   809  C  CE1 . PHE A 1 107 ? -2.503  -6.977  -3.078  1.00 32.23 ? 106 PHE A CE1 1 
ATOM   810  C  CE2 . PHE A 1 107 ? -2.119  -4.591  -3.093  1.00 32.59 ? 106 PHE A CE2 1 
ATOM   811  C  CZ  . PHE A 1 107 ? -2.975  -5.678  -2.961  1.00 31.42 ? 106 PHE A CZ  1 
ATOM   812  N  N   . GLY A 1 108 ? 1.306   -8.804  -5.514  1.00 29.67 ? 107 GLY A N   1 
ATOM   813  C  CA  . GLY A 1 108 ? 0.874   -10.044 -6.199  1.00 30.90 ? 107 GLY A CA  1 
ATOM   814  C  C   . GLY A 1 108 ? 1.577   -10.328 -7.510  1.00 31.79 ? 107 GLY A C   1 
ATOM   815  O  O   . GLY A 1 108 ? 2.499   -9.617  -7.917  1.00 31.77 ? 107 GLY A O   1 
ATOM   816  N  N   . GLU A 1 109 ? 1.150   -11.404 -8.178  1.00 32.94 ? 108 GLU A N   1 
ATOM   817  C  CA  . GLU A 1 109 ? 1.857   -11.942 -9.355  1.00 34.78 ? 108 GLU A CA  1 
ATOM   818  C  C   . GLU A 1 109 ? 2.223   -10.955 -10.469 1.00 35.43 ? 108 GLU A C   1 
ATOM   819  O  O   . GLU A 1 109 ? 3.301   -11.066 -11.088 1.00 37.11 ? 108 GLU A O   1 
ATOM   820  N  N   . ASN A 1 110 ? 1.327   -10.022 -10.762 1.00 33.88 ? 109 ASN A N   1 
ATOM   821  C  CA  . ASN A 1 110 ? 1.546   -9.158  -11.907 1.00 33.39 ? 109 ASN A CA  1 
ATOM   822  C  C   . ASN A 1 110 ? 1.677   -7.704  -11.485 1.00 32.24 ? 109 ASN A C   1 
ATOM   823  O  O   . ASN A 1 110 ? 1.190   -6.799  -12.161 1.00 30.66 ? 109 ASN A O   1 
ATOM   824  C  CB  . ASN A 1 110 ? 0.433   -9.347  -12.912 1.00 33.83 ? 109 ASN A CB  1 
ATOM   825  C  CG  . ASN A 1 110 ? 0.316   -10.774 -13.350 1.00 35.73 ? 109 ASN A CG  1 
ATOM   826  O  OD1 . ASN A 1 110 ? 1.195   -11.299 -14.031 1.00 37.30 ? 109 ASN A OD1 1 
ATOM   827  N  ND2 . ASN A 1 110 ? -0.751  -11.431 -12.925 1.00 39.08 ? 109 ASN A ND2 1 
ATOM   828  N  N   . ALA A 1 111 ? 2.334   -7.500  -10.339 1.00 30.82 ? 110 ALA A N   1 
ATOM   829  C  CA  . ALA A 1 111 ? 2.466   -6.163  -9.746  1.00 30.19 ? 110 ALA A CA  1 
ATOM   830  C  C   . ALA A 1 111 ? 3.036   -5.117  -10.709 1.00 30.43 ? 110 ALA A C   1 
ATOM   831  O  O   . ALA A 1 111 ? 2.429   -4.059  -10.900 1.00 29.66 ? 110 ALA A O   1 
ATOM   832  C  CB  . ALA A 1 111 ? 3.296   -6.226  -8.459  1.00 30.26 ? 110 ALA A CB  1 
ATOM   833  N  N   . SER A 1 112 ? 4.169   -5.435  -11.348 1.00 31.01 ? 111 SER A N   1 
ATOM   834  C  CA  . SER A 1 112 ? 4.843   -4.445  -12.203 1.00 30.79 ? 111 SER A CA  1 
ATOM   835  C  C   . SER A 1 112 ? 4.037   -4.043  -13.442 1.00 30.81 ? 111 SER A C   1 
ATOM   836  O  O   . SER A 1 112 ? 3.986   -2.852  -13.783 1.00 29.88 ? 111 SER A O   1 
ATOM   837  C  CB  A SER A 1 112 ? 6.236   -4.929  -12.599 0.65 31.23 ? 111 SER A CB  1 
ATOM   838  C  CB  B SER A 1 112 ? 6.230   -4.944  -12.610 0.35 30.96 ? 111 SER A CB  1 
ATOM   839  O  OG  A SER A 1 112 ? 6.894   -3.950  -13.389 0.65 32.45 ? 111 SER A OG  1 
ATOM   840  O  OG  B SER A 1 112 ? 6.147   -5.837  -13.705 0.35 30.74 ? 111 SER A OG  1 
ATOM   841  N  N   . ALA A 1 113 ? 3.427   -5.025  -14.120 1.00 30.47 ? 112 ALA A N   1 
ATOM   842  C  CA  . ALA A 1 113 ? 2.539   -4.747  -15.257 1.00 30.14 ? 112 ALA A CA  1 
ATOM   843  C  C   . ALA A 1 113 ? 1.284   -3.962  -14.854 1.00 29.55 ? 112 ALA A C   1 
ATOM   844  O  O   . ALA A 1 113 ? 0.844   -3.091  -15.599 1.00 28.45 ? 112 ALA A O   1 
ATOM   845  C  CB  . ALA A 1 113 ? 2.163   -6.032  -16.001 1.00 30.23 ? 112 ALA A CB  1 
ATOM   846  N  N   . LEU A 1 114 ? 0.718   -4.262  -13.683 1.00 28.93 ? 113 LEU A N   1 
ATOM   847  C  CA  . LEU A 1 114 ? -0.469  -3.529  -13.212 1.00 28.83 ? 113 LEU A CA  1 
ATOM   848  C  C   . LEU A 1 114 ? -0.145  -2.063  -12.944 1.00 28.28 ? 113 LEU A C   1 
ATOM   849  O  O   . LEU A 1 114 ? -0.924  -1.181  -13.333 1.00 27.77 ? 113 LEU A O   1 
ATOM   850  C  CB  . LEU A 1 114 ? -1.071  -4.152  -11.946 1.00 29.77 ? 113 LEU A CB  1 
ATOM   851  C  CG  . LEU A 1 114 ? -2.314  -3.391  -11.451 1.00 29.78 ? 113 LEU A CG  1 
ATOM   852  C  CD1 . LEU A 1 114 ? -3.404  -3.413  -12.539 1.00 31.29 ? 113 LEU A CD1 1 
ATOM   853  C  CD2 . LEU A 1 114 ? -2.840  -3.924  -10.147 1.00 34.46 ? 113 LEU A CD2 1 
ATOM   854  N  N   . LEU A 1 115 ? 1.012   -1.817  -12.333 1.00 27.02 ? 114 LEU A N   1 
ATOM   855  C  CA  . LEU A 1 115 ? 1.413   -0.441  -12.001 1.00 27.65 ? 114 LEU A CA  1 
ATOM   856  C  C   . LEU A 1 115 ? 1.608   0.323   -13.310 1.00 27.99 ? 114 LEU A C   1 
ATOM   857  O  O   . LEU A 1 115 ? 1.089   1.433   -13.474 1.00 27.16 ? 114 LEU A O   1 
ATOM   858  C  CB  . LEU A 1 115 ? 2.692   -0.395  -11.159 1.00 28.15 ? 114 LEU A CB  1 
ATOM   859  C  CG  . LEU A 1 115 ? 3.209   1.022   -10.879 1.00 29.37 ? 114 LEU A CG  1 
ATOM   860  C  CD1 . LEU A 1 115 ? 2.169   1.930   -10.180 1.00 30.13 ? 114 LEU A CD1 1 
ATOM   861  C  CD2 . LEU A 1 115 ? 4.496   0.961   -10.080 1.00 29.17 ? 114 LEU A CD2 1 
ATOM   862  N  N   . GLN A 1 116 ? 2.330   -0.294  -14.244 1.00 27.93 ? 115 GLN A N   1 
ATOM   863  C  CA  . GLN A 1 116 ? 2.513   0.300   -15.586 1.00 28.15 ? 115 GLN A CA  1 
ATOM   864  C  C   . GLN A 1 116 ? 1.162   0.581   -16.257 1.00 27.21 ? 115 GLN A C   1 
ATOM   865  O  O   . GLN A 1 116 ? 0.962   1.665   -16.856 1.00 27.50 ? 115 GLN A O   1 
ATOM   866  C  CB  . GLN A 1 116 ? 3.365   -0.641  -16.429 1.00 29.04 ? 115 GLN A CB  1 
ATOM   867  C  CG  . GLN A 1 116 ? 3.623   -0.171  -17.855 1.00 30.18 ? 115 GLN A CG  1 
ATOM   868  C  CD  . GLN A 1 116 ? 4.232   -1.255  -18.738 1.00 31.53 ? 115 GLN A CD  1 
ATOM   869  O  OE1 . GLN A 1 116 ? 3.753   -2.408  -18.778 1.00 37.67 ? 115 GLN A OE1 1 
ATOM   870  N  NE2 . GLN A 1 116 ? 5.285   -0.893  -19.469 1.00 34.87 ? 115 GLN A NE2 1 
ATOM   871  N  N   . LYS A 1 117 ? 0.239   -0.383  -16.170 1.00 26.84 ? 116 LYS A N   1 
ATOM   872  C  CA  . LYS A 1 117 ? -1.082  -0.236  -16.789 1.00 27.29 ? 116 LYS A CA  1 
ATOM   873  C  C   . LYS A 1 117 ? -1.859  0.938   -16.227 1.00 26.42 ? 116 LYS A C   1 
ATOM   874  O  O   . LYS A 1 117 ? -2.327  1.781   -16.970 1.00 25.79 ? 116 LYS A O   1 
ATOM   875  C  CB  . LYS A 1 117 ? -1.918  -1.514  -16.694 1.00 27.42 ? 116 LYS A CB  1 
ATOM   876  C  CG  . LYS A 1 117 ? -3.319  -1.407  -17.302 0.65 26.67 ? 116 LYS A CG  1 
ATOM   877  C  CD  . LYS A 1 117 ? -4.130  -2.673  -17.042 0.65 28.00 ? 116 LYS A CD  1 
ATOM   878  C  CE  . LYS A 1 117 ? -5.585  -2.535  -17.492 0.65 31.43 ? 116 LYS A CE  1 
ATOM   879  N  NZ  . LYS A 1 117 ? -5.759  -1.958  -18.860 0.65 32.22 ? 116 LYS A NZ  1 
ATOM   880  N  N   . ILE A 1 118 ? -1.951  1.022   -14.898 1.00 26.87 ? 117 ILE A N   1 
ATOM   881  C  CA  . ILE A 1 118 ? -2.579  2.174   -14.246 1.00 26.41 ? 117 ILE A CA  1 
ATOM   882  C  C   . ILE A 1 118 ? -1.951  3.502   -14.691 1.00 26.55 ? 117 ILE A C   1 
ATOM   883  O  O   . ILE A 1 118 ? -2.672  4.442   -15.053 1.00 27.05 ? 117 ILE A O   1 
ATOM   884  C  CB  . ILE A 1 118 ? -2.527  2.051   -12.694 1.00 26.60 ? 117 ILE A CB  1 
ATOM   885  C  CG1 . ILE A 1 118 ? -3.392  0.875   -12.211 1.00 26.96 ? 117 ILE A CG1 1 
ATOM   886  C  CG2 . ILE A 1 118 ? -3.005  3.381   -12.021 1.00 25.73 ? 117 ILE A CG2 1 
ATOM   887  C  CD1 . ILE A 1 118 ? -3.018  0.348   -10.779 1.00 26.07 ? 117 ILE A CD1 1 
ATOM   888  N  N   . LEU A 1 119 ? -0.615  3.568   -14.655 1.00 26.26 ? 118 LEU A N   1 
ATOM   889  C  CA  . LEU A 1 119 ? 0.107   4.810   -14.963 1.00 25.30 ? 118 LEU A CA  1 
ATOM   890  C  C   . LEU A 1 119 ? -0.064  5.227   -16.406 1.00 26.25 ? 118 LEU A C   1 
ATOM   891  O  O   . LEU A 1 119 ? -0.398  6.377   -16.697 1.00 25.00 ? 118 LEU A O   1 
ATOM   892  C  CB  . LEU A 1 119 ? 1.589   4.629   -14.677 1.00 25.79 ? 118 LEU A CB  1 
ATOM   893  C  CG  . LEU A 1 119 ? 1.962   4.449   -13.202 1.00 23.96 ? 118 LEU A CG  1 
ATOM   894  C  CD1 . LEU A 1 119 ? 3.424   4.190   -13.189 1.00 25.30 ? 118 LEU A CD1 1 
ATOM   895  C  CD2 . LEU A 1 119 ? 1.590   5.719   -12.418 1.00 26.29 ? 118 LEU A CD2 1 
ATOM   896  N  N   . SER A 1 120 ? 0.181   4.277   -17.303 1.00 26.34 ? 119 SER A N   1 
ATOM   897  C  CA  . SER A 1 120 ? 0.015   4.489   -18.755 1.00 26.99 ? 119 SER A CA  1 
ATOM   898  C  C   . SER A 1 120 ? -1.411  4.864   -19.163 1.00 27.08 ? 119 SER A C   1 
ATOM   899  O  O   . SER A 1 120 ? -1.630  5.823   -19.925 1.00 27.89 ? 119 SER A O   1 
ATOM   900  C  CB  A SER A 1 120 ? 0.406   3.223   -19.497 0.65 26.87 ? 119 SER A CB  1 
ATOM   901  C  CB  B SER A 1 120 ? 0.478   3.261   -19.549 0.35 26.82 ? 119 SER A CB  1 
ATOM   902  O  OG  A SER A 1 120 ? -0.433  2.156   -19.077 0.65 28.86 ? 119 SER A OG  1 
ATOM   903  O  OG  B SER A 1 120 ? 2.040   3.034   -19.290 0.35 27.23 ? 119 SER A OG  1 
ATOM   904  N  N   . THR A 1 121 ? -2.389  4.088   -18.707 1.00 27.46 ? 120 THR A N   1 
ATOM   905  C  CA  . THR A 1 121 ? -3.773  4.328   -19.127 1.00 28.71 ? 120 THR A CA  1 
ATOM   906  C  C   . THR A 1 121 ? -4.291  5.687   -18.651 1.00 28.86 ? 120 THR A C   1 
ATOM   907  O  O   . THR A 1 121 ? -4.968  6.370   -19.392 1.00 29.59 ? 120 THR A O   1 
ATOM   908  C  CB  A THR A 1 121 ? -4.662  3.199   -18.590 0.65 28.83 ? 120 THR A CB  1 
ATOM   909  C  CB  B THR A 1 121 ? -4.791  3.211   -18.743 0.35 28.49 ? 120 THR A CB  1 
ATOM   910  O  OG1 A THR A 1 121 ? -4.097  1.951   -18.994 0.65 29.76 ? 120 THR A OG1 1 
ATOM   911  O  OG1 B THR A 1 121 ? -4.652  2.863   -17.362 0.35 27.80 ? 120 THR A OG1 1 
ATOM   912  C  CG2 A THR A 1 121 ? -6.062  3.302   -19.136 0.65 28.50 ? 120 THR A CG2 1 
ATOM   913  C  CG2 B THR A 1 121 ? -4.627  1.973   -19.629 0.35 27.69 ? 120 THR A CG2 1 
ATOM   914  N  N   . LEU A 1 122 ? -3.950  6.081   -17.424 1.00 29.48 ? 121 LEU A N   1 
ATOM   915  C  CA  . LEU A 1 122 ? -4.476  7.331   -16.900 1.00 29.60 ? 121 LEU A CA  1 
ATOM   916  C  C   . LEU A 1 122 ? -3.518  8.496   -17.122 1.00 28.63 ? 121 LEU A C   1 
ATOM   917  O  O   . LEU A 1 122 ? -3.737  9.579   -16.621 1.00 28.61 ? 121 LEU A O   1 
ATOM   918  C  CB  . LEU A 1 122 ? -4.902  7.163   -15.433 1.00 31.14 ? 121 LEU A CB  1 
ATOM   919  C  CG  . LEU A 1 122 ? -5.853  5.980   -15.181 1.00 32.62 ? 121 LEU A CG  1 
ATOM   920  C  CD1 . LEU A 1 122 ? -6.068  5.713   -13.705 1.00 35.34 ? 121 LEU A CD1 1 
ATOM   921  C  CD2 . LEU A 1 122 ? -7.191  6.149   -15.908 1.00 34.53 ? 121 LEU A CD2 1 
ATOM   922  N  N   . GLU A 1 123 ? -2.468  8.265   -17.912 1.00 28.35 ? 122 GLU A N   1 
ATOM   923  C  CA  . GLU A 1 123 ? -1.425  9.280   -18.182 1.00 27.78 ? 122 GLU A CA  1 
ATOM   924  C  C   . GLU A 1 123 ? -1.041  10.051  -16.893 1.00 28.11 ? 122 GLU A C   1 
ATOM   925  O  O   . GLU A 1 123 ? -0.968  11.295  -16.870 1.00 27.64 ? 122 GLU A O   1 
ATOM   926  C  CB  . GLU A 1 123 ? -1.763  10.184  -19.402 1.00 28.27 ? 122 GLU A CB  1 
ATOM   927  C  CG  A GLU A 1 123 ? -2.225  9.428   -20.693 0.65 27.56 ? 122 GLU A CG  1 
ATOM   928  C  CG  B GLU A 1 123 ? -1.649  9.419   -20.759 0.35 27.62 ? 122 GLU A CG  1 
ATOM   929  C  CD  A GLU A 1 123 ? -2.755  10.436  -21.780 0.65 27.50 ? 122 GLU A CD  1 
ATOM   930  C  CD  B GLU A 1 123 ? -0.455  8.418   -20.808 0.35 27.20 ? 122 GLU A CD  1 
ATOM   931  O  OE1 A GLU A 1 123 ? -3.529  11.390  -21.436 0.65 25.24 ? 122 GLU A OE1 1 
ATOM   932  O  OE1 B GLU A 1 123 ? 0.643   8.807   -20.303 0.35 27.47 ? 122 GLU A OE1 1 
ATOM   933  O  OE2 A GLU A 1 123 ? -2.426  10.256  -23.007 0.65 28.47 ? 122 GLU A OE2 1 
ATOM   934  O  OE2 B GLU A 1 123 ? -0.608  7.236   -21.357 0.35 24.67 ? 122 GLU A OE2 1 
ATOM   935  N  N   . ILE A 1 124 ? -0.821  9.267   -15.841 1.00 27.44 ? 123 ILE A N   1 
ATOM   936  C  CA  . ILE A 1 124 ? -0.512  9.761   -14.496 1.00 27.11 ? 123 ILE A CA  1 
ATOM   937  C  C   . ILE A 1 124 ? 0.931   10.225  -14.435 1.00 27.80 ? 123 ILE A C   1 
ATOM   938  O  O   . ILE A 1 124 ? 1.843   9.488   -14.781 1.00 28.09 ? 123 ILE A O   1 
ATOM   939  C  CB  . ILE A 1 124 ? -0.752  8.673   -13.400 1.00 27.52 ? 123 ILE A CB  1 
ATOM   940  C  CG1 . ILE A 1 124 ? -2.259  8.424   -13.203 1.00 26.21 ? 123 ILE A CG1 1 
ATOM   941  C  CG2 . ILE A 1 124 ? -0.056  9.084   -12.079 1.00 25.97 ? 123 ILE A CG2 1 
ATOM   942  C  CD1 . ILE A 1 124 ? -2.597  7.079   -12.556 1.00 27.34 ? 123 ILE A CD1 1 
ATOM   943  N  N   . LYS A 1 125 ? 1.140   11.443  -13.953 1.00 28.56 ? 124 LYS A N   1 
ATOM   944  C  CA  . LYS A 1 125 ? 2.486   11.975  -13.806 1.00 29.39 ? 124 LYS A CA  1 
ATOM   945  C  C   . LYS A 1 125 ? 3.223   11.381  -12.595 1.00 28.41 ? 124 LYS A C   1 
ATOM   946  O  O   . LYS A 1 125 ? 2.755   11.473  -11.441 1.00 29.26 ? 124 LYS A O   1 
ATOM   947  C  CB  . LYS A 1 125 ? 2.437   13.508  -13.714 1.00 29.22 ? 124 LYS A CB  1 
ATOM   948  C  CG  . LYS A 1 125 ? 3.733   14.195  -13.269 1.00 32.49 ? 124 LYS A CG  1 
ATOM   949  C  CD  . LYS A 1 125 ? 4.707   14.438  -14.421 1.00 36.65 ? 124 LYS A CD  1 
ATOM   950  C  CE  . LYS A 1 125 ? 5.729   15.516  -14.070 1.00 38.24 ? 124 LYS A CE  1 
ATOM   951  N  NZ  . LYS A 1 125 ? 6.609   15.035  -12.960 1.00 40.70 ? 124 LYS A NZ  1 
ATOM   952  N  N   . GLU A 1 126 ? 4.390   10.800  -12.836 1.00 27.75 ? 125 GLU A N   1 
ATOM   953  C  CA  . GLU A 1 126 ? 5.193   10.327  -11.695 1.00 27.46 ? 125 GLU A CA  1 
ATOM   954  C  C   . GLU A 1 126 ? 6.104   11.395  -11.091 1.00 28.61 ? 125 GLU A C   1 
ATOM   955  O  O   . GLU A 1 126 ? 6.615   12.270  -11.772 1.00 28.40 ? 125 GLU A O   1 
ATOM   956  C  CB  . GLU A 1 126 ? 5.987   9.070   -12.066 1.00 28.29 ? 125 GLU A CB  1 
ATOM   957  C  CG  . GLU A 1 126 ? 5.112   7.935   -12.547 1.00 26.94 ? 125 GLU A CG  1 
ATOM   958  C  CD  . GLU A 1 126 ? 5.921   6.737   -12.948 1.00 29.14 ? 125 GLU A CD  1 
ATOM   959  O  OE1 . GLU A 1 126 ? 6.225   5.921   -12.062 1.00 30.48 ? 125 GLU A OE1 1 
ATOM   960  O  OE2 . GLU A 1 126 ? 6.253   6.641   -14.169 1.00 30.38 ? 125 GLU A OE2 1 
ATOM   961  N  N   . LEU A 1 127 ? 6.310   11.312  -9.782  1.00 28.85 ? 126 LEU A N   1 
ATOM   962  C  CA  . LEU A 1 127 ? 7.198   12.235  -9.084  1.00 30.18 ? 126 LEU A CA  1 
ATOM   963  C  C   . LEU A 1 127 ? 8.346   11.428  -8.498  1.00 31.15 ? 126 LEU A C   1 
ATOM   964  O  O   . LEU A 1 127 ? 8.267   10.202  -8.430  1.00 31.45 ? 126 LEU A O   1 
ATOM   965  C  CB  A LEU A 1 127 ? 6.430   12.919  -7.952  0.65 30.31 ? 126 LEU A CB  1 
ATOM   966  C  CB  B LEU A 1 127 ? 6.451   12.959  -7.969  0.35 30.31 ? 126 LEU A CB  1 
ATOM   967  C  CG  A LEU A 1 127 ? 5.191   13.699  -8.371  0.65 29.93 ? 126 LEU A CG  1 
ATOM   968  C  CG  B LEU A 1 127 ? 5.868   14.328  -8.300  0.35 30.46 ? 126 LEU A CG  1 
ATOM   969  C  CD1 A LEU A 1 127 ? 4.325   14.032  -7.167  0.65 31.59 ? 126 LEU A CD1 1 
ATOM   970  C  CD1 B LEU A 1 127 ? 4.649   14.204  -9.206  0.35 31.81 ? 126 LEU A CD1 1 
ATOM   971  C  CD2 A LEU A 1 127 ? 5.618   14.960  -9.113  0.65 31.74 ? 126 LEU A CD2 1 
ATOM   972  C  CD2 B LEU A 1 127 ? 5.526   15.033  -7.003  0.35 31.24 ? 126 LEU A CD2 1 
ATOM   973  N  N   . GLU A 1 128 ? 9.408   12.111  -8.081  1.00 32.41 ? 127 GLU A N   1 
ATOM   974  C  CA  . GLU A 1 128 ? 10.531  11.431  -7.432  1.00 33.38 ? 127 GLU A CA  1 
ATOM   975  C  C   . GLU A 1 128 ? 10.045  10.691  -6.198  1.00 32.71 ? 127 GLU A C   1 
ATOM   976  O  O   . GLU A 1 128 ? 9.324   11.250  -5.364  1.00 31.92 ? 127 GLU A O   1 
ATOM   977  C  CB  . GLU A 1 128 ? 11.633  12.428  -7.054  1.00 34.84 ? 127 GLU A CB  1 
ATOM   978  C  CG  . GLU A 1 128 ? 12.968  11.752  -6.737  1.00 39.33 ? 127 GLU A CG  1 
ATOM   979  C  CD  . GLU A 1 128 ? 14.129  12.725  -6.695  1.00 44.44 ? 127 GLU A CD  1 
ATOM   980  O  OE1 . GLU A 1 128 ? 14.160  13.582  -5.788  1.00 47.65 ? 127 GLU A OE1 1 
ATOM   981  O  OE2 . GLU A 1 128 ? 15.016  12.632  -7.576  1.00 46.97 ? 127 GLU A OE2 1 
ATOM   982  N  N   . LEU A 1 129 ? 10.421  9.419   -6.109  1.00 32.52 ? 128 LEU A N   1 
ATOM   983  C  CA  . LEU A 1 129 ? 10.081  8.604   -4.931  1.00 32.79 ? 128 LEU A CA  1 
ATOM   984  C  C   . LEU A 1 129 ? 10.802  9.270   -3.749  1.00 32.28 ? 128 LEU A C   1 
ATOM   985  O  O   . LEU A 1 129 ? 11.999  9.604   -3.858  1.00 33.93 ? 128 LEU A O   1 
ATOM   986  C  CB  . LEU A 1 129 ? 10.558  7.154   -5.138  1.00 33.01 ? 128 LEU A CB  1 
ATOM   987  C  CG  . LEU A 1 129 ? 9.864   5.923   -4.557  1.00 36.87 ? 128 LEU A CG  1 
ATOM   988  C  CD1 . LEU A 1 129 ? 8.340   5.908   -4.735  1.00 39.13 ? 128 LEU A CD1 1 
ATOM   989  C  CD2 . LEU A 1 129 ? 10.484  4.644   -5.199  1.00 35.99 ? 128 LEU A CD2 1 
ATOM   990  N  N   . GLU A 1 130 ? 10.071  9.553   -2.673  1.00 29.61 ? 129 GLU A N   1 
ATOM   991  C  CA  . GLU A 1 130 ? 10.661  10.193  -1.514  1.00 28.87 ? 129 GLU A CA  1 
ATOM   992  C  C   . GLU A 1 130 ? 10.842  9.168   -0.403  1.00 28.06 ? 129 GLU A C   1 
ATOM   993  O  O   . GLU A 1 130 ? 9.866   8.583   0.059   1.00 29.24 ? 129 GLU A O   1 
ATOM   994  C  CB  A GLU A 1 130 ? 9.798   11.371  -1.028  0.65 28.96 ? 129 GLU A CB  1 
ATOM   995  C  CB  B GLU A 1 130 ? 9.756   11.308  -1.019  0.35 28.88 ? 129 GLU A CB  1 
ATOM   996  C  CG  A GLU A 1 130 ? 10.099  11.848  0.368   0.65 29.86 ? 129 GLU A CG  1 
ATOM   997  C  CG  B GLU A 1 130 ? 10.471  12.397  -0.291  0.35 29.36 ? 129 GLU A CG  1 
ATOM   998  C  CD  A GLU A 1 130 ? 9.259   13.046  0.794   0.65 30.53 ? 129 GLU A CD  1 
ATOM   999  C  CD  B GLU A 1 130 ? 9.733   13.706  -0.383  0.35 29.13 ? 129 GLU A CD  1 
ATOM   1000 O  OE1 A GLU A 1 130 ? 9.819   13.906  1.496   0.65 31.41 ? 129 GLU A OE1 1 
ATOM   1001 O  OE1 B GLU A 1 130 ? 10.381  14.756  -0.220  0.35 31.61 ? 129 GLU A OE1 1 
ATOM   1002 O  OE2 A GLU A 1 130 ? 8.049   13.109  0.461   0.65 32.67 ? 129 GLU A OE2 1 
ATOM   1003 O  OE2 B GLU A 1 130 ? 8.518   13.673  -0.660  0.35 26.28 ? 129 GLU A OE2 1 
ATOM   1004 N  N   . ARG A 1 131 ? 12.085  8.996   0.018   1.00 27.70 ? 130 ARG A N   1 
ATOM   1005 C  CA  . ARG A 1 131 ? 12.397  8.075   1.124   1.00 27.15 ? 130 ARG A CA  1 
ATOM   1006 C  C   . ARG A 1 131 ? 12.074  8.748   2.444   1.00 27.08 ? 130 ARG A C   1 
ATOM   1007 O  O   . ARG A 1 131 ? 12.203  9.969   2.578   1.00 27.34 ? 130 ARG A O   1 
ATOM   1008 C  CB  . ARG A 1 131 ? 13.904  7.707   1.102   1.00 26.63 ? 130 ARG A CB  1 
ATOM   1009 C  CG  . ARG A 1 131 ? 14.330  6.907   -0.135  1.00 27.36 ? 130 ARG A CG  1 
ATOM   1010 C  CD  . ARG A 1 131 ? 13.609  5.537   -0.180  1.00 28.48 ? 130 ARG A CD  1 
ATOM   1011 N  NE  . ARG A 1 131 ? 13.803  4.767   1.063   1.00 27.01 ? 130 ARG A NE  1 
ATOM   1012 C  CZ  . ARG A 1 131 ? 14.911  4.070   1.342   1.00 28.01 ? 130 ARG A CZ  1 
ATOM   1013 N  NH1 . ARG A 1 131 ? 15.930  4.041   0.471   1.00 27.48 ? 130 ARG A NH1 1 
ATOM   1014 N  NH2 . ARG A 1 131 ? 14.979  3.367   2.483   1.00 26.28 ? 130 ARG A NH2 1 
ATOM   1015 N  N   . CYS A 1 132 ? 11.610  7.969   3.414   1.00 28.33 ? 131 CYS A N   1 
ATOM   1016 C  CA  . CYS A 1 132 ? 11.464  8.490   4.779   1.00 28.50 ? 131 CYS A CA  1 
ATOM   1017 C  C   . CYS A 1 132 ? 12.845  8.727   5.321   1.00 28.64 ? 131 CYS A C   1 
ATOM   1018 O  O   . CYS A 1 132 ? 13.744  7.898   5.086   1.00 29.55 ? 131 CYS A O   1 
ATOM   1019 C  CB  . CYS A 1 132 ? 10.767  7.445   5.678   1.00 29.25 ? 131 CYS A CB  1 
ATOM   1020 S  SG  . CYS A 1 132 ? 9.064   6.982   5.049   1.00 31.38 ? 131 CYS A SG  1 
ATOM   1021 N  N   . ASP A 1 133 ? 13.041  9.826   6.047   1.00 27.07 ? 132 ASP A N   1 
ATOM   1022 C  CA  . ASP A 1 133 ? 14.335  9.974   6.757   1.00 27.74 ? 132 ASP A CA  1 
ATOM   1023 C  C   . ASP A 1 133 ? 14.402  8.934   7.874   1.00 26.92 ? 132 ASP A C   1 
ATOM   1024 O  O   . ASP A 1 133 ? 13.382  8.299   8.191   1.00 26.59 ? 132 ASP A O   1 
ATOM   1025 C  CB  A ASP A 1 133 ? 14.686  11.410  7.188   0.65 28.57 ? 132 ASP A CB  1 
ATOM   1026 C  CB  B ASP A 1 133 ? 14.452  11.343  7.421   0.35 28.45 ? 132 ASP A CB  1 
ATOM   1027 C  CG  A ASP A 1 133 ? 13.780  11.959  8.272   0.65 30.18 ? 132 ASP A CG  1 
ATOM   1028 C  CG  B ASP A 1 133 ? 14.253  12.485  6.462   0.35 29.71 ? 132 ASP A CG  1 
ATOM   1029 O  OD1 A ASP A 1 133 ? 13.135  11.175  9.003   0.65 29.43 ? 132 ASP A OD1 1 
ATOM   1030 O  OD1 B ASP A 1 133 ? 14.999  12.568  5.460   0.35 32.29 ? 132 ASP A OD1 1 
ATOM   1031 O  OD2 A ASP A 1 133 ? 13.747  13.214  8.395   0.65 31.03 ? 132 ASP A OD2 1 
ATOM   1032 O  OD2 B ASP A 1 133 ? 13.370  13.324  6.750   0.35 32.69 ? 132 ASP A OD2 1 
ATOM   1033 N  N   . LEU A 1 134 ? 15.580  8.733   8.462   1.00 27.89 ? 133 LEU A N   1 
ATOM   1034 C  CA  . LEU A 1 134 ? 15.715  7.535   9.311   1.00 28.43 ? 133 LEU A CA  1 
ATOM   1035 C  C   . LEU A 1 134 ? 14.844  7.656   10.578  1.00 29.62 ? 133 LEU A C   1 
ATOM   1036 O  O   . LEU A 1 134 ? 14.294  6.650   11.070  1.00 28.82 ? 133 LEU A O   1 
ATOM   1037 C  CB  . LEU A 1 134 ? 17.197  7.281   9.654   1.00 29.00 ? 133 LEU A CB  1 
ATOM   1038 C  CG  . LEU A 1 134 ? 17.548  5.882   10.215  1.00 28.85 ? 133 LEU A CG  1 
ATOM   1039 C  CD1 . LEU A 1 134 ? 16.954  4.721   9.355   1.00 29.96 ? 133 LEU A CD1 1 
ATOM   1040 C  CD2 . LEU A 1 134 ? 19.049  5.768   10.462  1.00 28.75 ? 133 LEU A CD2 1 
ATOM   1041 N  N   . GLU A 1 135 ? 14.705  8.891   11.069  1.00 30.31 ? 134 GLU A N   1 
ATOM   1042 C  CA  . GLU A 1 135 ? 13.888  9.178   12.258  1.00 33.23 ? 134 GLU A CA  1 
ATOM   1043 C  C   . GLU A 1 135 ? 12.442  8.761   11.988  1.00 31.66 ? 134 GLU A C   1 
ATOM   1044 O  O   . GLU A 1 135 ? 11.817  8.066   12.801  1.00 31.97 ? 134 GLU A O   1 
ATOM   1045 C  CB  . GLU A 1 135 ? 14.018  10.670  12.637  1.00 33.37 ? 134 GLU A CB  1 
ATOM   1046 C  CG  . GLU A 1 135 ? 12.960  11.275  13.569  1.00 37.73 ? 134 GLU A CG  1 
ATOM   1047 C  CD  . GLU A 1 135 ? 13.186  12.780  13.838  1.00 38.00 ? 134 GLU A CD  1 
ATOM   1048 O  OE1 . GLU A 1 135 ? 13.576  13.156  14.966  1.00 42.42 ? 134 GLU A OE1 1 
ATOM   1049 O  OE2 . GLU A 1 135 ? 12.981  13.599  12.908  1.00 44.87 ? 134 GLU A OE2 1 
ATOM   1050 N  N   . TYR A 1 136 ? 11.927  9.143   10.829  1.00 30.48 ? 135 TYR A N   1 
ATOM   1051 C  CA  . TYR A 1 136 ? 10.568  8.802   10.481  1.00 31.92 ? 135 TYR A CA  1 
ATOM   1052 C  C   . TYR A 1 136 ? 10.442  7.297   10.250  1.00 30.78 ? 135 TYR A C   1 
ATOM   1053 O  O   . TYR A 1 136 ? 9.428   6.684   10.635  1.00 32.69 ? 135 TYR A O   1 
ATOM   1054 C  CB  . TYR A 1 136 ? 10.139  9.541   9.225   1.00 33.14 ? 135 TYR A CB  1 
ATOM   1055 C  CG  . TYR A 1 136 ? 8.670   9.423   8.990   1.00 36.40 ? 135 TYR A CG  1 
ATOM   1056 C  CD1 . TYR A 1 136 ? 7.773   10.389  9.477   1.00 39.96 ? 135 TYR A CD1 1 
ATOM   1057 C  CD2 . TYR A 1 136 ? 8.164   8.346   8.285   1.00 36.91 ? 135 TYR A CD2 1 
ATOM   1058 C  CE1 . TYR A 1 136 ? 6.390   10.257  9.245   1.00 40.17 ? 135 TYR A CE1 1 
ATOM   1059 C  CE2 . TYR A 1 136 ? 6.810   8.186   8.062   1.00 39.60 ? 135 TYR A CE2 1 
ATOM   1060 C  CZ  . TYR A 1 136 ? 5.926   9.156   8.548   1.00 40.22 ? 135 TYR A CZ  1 
ATOM   1061 O  OH  . TYR A 1 136 ? 4.573   8.968   8.308   1.00 39.05 ? 135 TYR A OH  1 
ATOM   1062 N  N   . ALA A 1 137 ? 11.457  6.714   9.616   1.00 29.55 ? 136 ALA A N   1 
ATOM   1063 C  CA  . ALA A 1 137 ? 11.397  5.277   9.290   1.00 29.36 ? 136 ALA A CA  1 
ATOM   1064 C  C   . ALA A 1 137 ? 11.389  4.501   10.598  1.00 28.81 ? 136 ALA A C   1 
ATOM   1065 O  O   . ALA A 1 137 ? 10.642  3.522   10.698  1.00 28.24 ? 136 ALA A O   1 
ATOM   1066 C  CB  . ALA A 1 137 ? 12.583  4.862   8.411   1.00 28.91 ? 136 ALA A CB  1 
ATOM   1067 N  N   . LYS A 1 138 ? 12.170  4.945   11.590  1.00 27.20 ? 137 LYS A N   1 
ATOM   1068 C  CA  . LYS A 1 138 ? 12.183  4.276   12.890  1.00 27.77 ? 137 LYS A CA  1 
ATOM   1069 C  C   . LYS A 1 138 ? 10.767  4.303   13.491  1.00 28.29 ? 137 LYS A C   1 
ATOM   1070 O  O   . LYS A 1 138 ? 10.255  3.290   13.973  1.00 27.50 ? 137 LYS A O   1 
ATOM   1071 C  CB  . LYS A 1 138 ? 13.222  4.929   13.812  1.00 27.25 ? 137 LYS A CB  1 
ATOM   1072 C  CG  . LYS A 1 138 ? 13.455  4.217   15.158  1.00 27.92 ? 137 LYS A CG  1 
ATOM   1073 C  CD  . LYS A 1 138 ? 12.473  4.752   16.243  1.00 30.72 ? 137 LYS A CD  1 
ATOM   1074 C  CE  . LYS A 1 138 ? 12.935  4.442   17.627  1.00 27.30 ? 137 LYS A CE  1 
ATOM   1075 N  NZ  . LYS A 1 138 ? 12.038  4.994   18.691  1.00 28.55 ? 137 LYS A NZ  1 
ATOM   1076 N  N   . LYS A 1 139 ? 10.131  5.464   13.422  1.00 28.72 ? 138 LYS A N   1 
ATOM   1077 C  CA  . LYS A 1 139 ? 8.776   5.625   13.998  1.00 28.85 ? 138 LYS A CA  1 
ATOM   1078 C  C   . LYS A 1 139 ? 7.756   4.779   13.253  1.00 27.77 ? 138 LYS A C   1 
ATOM   1079 O  O   . LYS A 1 139 ? 6.892   4.110   13.886  1.00 30.15 ? 138 LYS A O   1 
ATOM   1080 C  CB  A LYS A 1 139 ? 8.345   7.098   14.044  0.65 29.77 ? 138 LYS A CB  1 
ATOM   1081 C  CB  B LYS A 1 139 ? 8.344   7.086   13.868  0.35 29.07 ? 138 LYS A CB  1 
ATOM   1082 C  CG  A LYS A 1 139 ? 7.084   7.300   14.878  0.65 31.79 ? 138 LYS A CG  1 
ATOM   1083 C  CG  B LYS A 1 139 ? 8.786   7.979   14.993  0.35 29.70 ? 138 LYS A CG  1 
ATOM   1084 C  CD  A LYS A 1 139 ? 6.721   8.771   15.053  0.65 31.77 ? 138 LYS A CD  1 
ATOM   1085 C  CD  B LYS A 1 139 ? 8.364   9.429   14.716  0.35 30.22 ? 138 LYS A CD  1 
ATOM   1086 C  CE  A LYS A 1 139 ? 5.426   8.909   15.850  0.65 33.78 ? 138 LYS A CE  1 
ATOM   1087 C  CE  B LYS A 1 139 ? 7.632   10.048  15.910  0.35 31.45 ? 138 LYS A CE  1 
ATOM   1088 N  NZ  A LYS A 1 139 ? 4.336   8.158   15.192  0.65 34.43 ? 138 LYS A NZ  1 
ATOM   1089 N  NZ  B LYS A 1 139 ? 8.482   10.253  17.126  0.35 32.38 ? 138 LYS A NZ  1 
ATOM   1090 N  N   . ALA A 1 140 ? 7.854   4.799   11.925  1.00 22.22 ? 139 ALA A N   1 
ATOM   1091 C  CA  . ALA A 1 140 ? 6.899   4.070   11.080  1.00 20.32 ? 139 ALA A CA  1 
ATOM   1092 C  C   . ALA A 1 140 ? 7.032   2.579   11.369  1.00 18.71 ? 139 ALA A C   1 
ATOM   1093 O  O   . ALA A 1 140 ? 6.045   1.857   11.528  1.00 18.84 ? 139 ALA A O   1 
ATOM   1094 C  CB  . ALA A 1 140 ? 7.207   4.394   9.631   1.00 19.87 ? 139 ALA A CB  1 
ATOM   1095 N  N   . PHE A 1 141 ? 8.267   2.123   11.528  1.00 16.36 ? 140 PHE A N   1 
ATOM   1096 C  CA  . PHE A 1 141 ? 8.480   0.708   11.786  1.00 16.15 ? 140 PHE A CA  1 
ATOM   1097 C  C   . PHE A 1 141 ? 7.914   0.334   13.151  1.00 17.01 ? 140 PHE A C   1 
ATOM   1098 O  O   . PHE A 1 141 ? 7.219   -0.674  13.295  1.00 16.92 ? 140 PHE A O   1 
ATOM   1099 C  CB  . PHE A 1 141 ? 9.974   0.352   11.653  1.00 16.17 ? 140 PHE A CB  1 
ATOM   1100 C  CG  . PHE A 1 141 ? 10.260  -1.099  11.860  1.00 15.85 ? 140 PHE A CG  1 
ATOM   1101 C  CD1 . PHE A 1 141 ? 10.487  -1.947  10.785  1.00 16.28 ? 140 PHE A CD1 1 
ATOM   1102 C  CD2 . PHE A 1 141 ? 10.300  -1.634  13.140  1.00 16.11 ? 140 PHE A CD2 1 
ATOM   1103 C  CE1 . PHE A 1 141 ? 10.765  -3.307  10.972  1.00 13.87 ? 140 PHE A CE1 1 
ATOM   1104 C  CE2 . PHE A 1 141 ? 10.580  -3.024  13.348  1.00 16.42 ? 140 PHE A CE2 1 
ATOM   1105 C  CZ  . PHE A 1 141 ? 10.789  -3.866  12.263  1.00 15.75 ? 140 PHE A CZ  1 
ATOM   1106 N  N   . GLU A 1 142 ? 8.218   1.131   14.190  1.00 17.03 ? 141 GLU A N   1 
ATOM   1107 C  CA  . GLU A 1 142 ? 7.672   0.772   15.513  1.00 20.03 ? 141 GLU A CA  1 
ATOM   1108 C  C   . GLU A 1 142 ? 6.136   0.825   15.501  1.00 20.06 ? 141 GLU A C   1 
ATOM   1109 O  O   . GLU A 1 142 ? 5.496   0.049   16.204  1.00 20.52 ? 141 GLU A O   1 
ATOM   1110 C  CB  . GLU A 1 142 ? 8.303   1.599   16.667  1.00 21.82 ? 141 GLU A CB  1 
ATOM   1111 C  CG  . GLU A 1 142 ? 7.964   3.045   16.685  1.00 24.68 ? 141 GLU A CG  1 
ATOM   1112 C  CD  . GLU A 1 142 ? 8.683   3.814   17.825  1.00 25.59 ? 141 GLU A CD  1 
ATOM   1113 O  OE1 . GLU A 1 142 ? 9.605   3.281   18.464  1.00 27.23 ? 141 GLU A OE1 1 
ATOM   1114 O  OE2 . GLU A 1 142 ? 8.286   4.962   18.065  1.00 31.24 ? 141 GLU A OE2 1 
ATOM   1115 N  N   . ASP A 1 143 ? 5.566   1.716   14.689  1.00 18.33 ? 142 ASP A N   1 
ATOM   1116 C  CA  . ASP A 1 143 ? 4.099   1.870   14.618  1.00 20.29 ? 142 ASP A CA  1 
ATOM   1117 C  C   . ASP A 1 143 ? 3.423   0.662   13.966  1.00 21.74 ? 142 ASP A C   1 
ATOM   1118 O  O   . ASP A 1 143 ? 2.285   0.276   14.359  1.00 23.03 ? 142 ASP A O   1 
ATOM   1119 C  CB  . ASP A 1 143 ? 3.712   3.133   13.850  1.00 20.14 ? 142 ASP A CB  1 
ATOM   1120 C  CG  . ASP A 1 143 ? 3.835   4.390   14.693  1.00 24.33 ? 142 ASP A CG  1 
ATOM   1121 O  OD1 . ASP A 1 143 ? 4.079   4.246   15.925  1.00 27.37 ? 142 ASP A OD1 1 
ATOM   1122 O  OD2 . ASP A 1 143 ? 3.726   5.493   14.103  1.00 27.29 ? 142 ASP A OD2 1 
ATOM   1123 N  N   . ILE A 1 144 ? 4.120   0.066   13.000  1.00 21.27 ? 143 ILE A N   1 
ATOM   1124 C  CA  . ILE A 1 144 ? 3.518   -0.919  12.083  1.00 22.87 ? 143 ILE A CA  1 
ATOM   1125 C  C   . ILE A 1 144 ? 3.919   -2.365  12.435  1.00 24.48 ? 143 ILE A C   1 
ATOM   1126 O  O   . ILE A 1 144 ? 3.115   -3.304  12.322  1.00 25.36 ? 143 ILE A O   1 
ATOM   1127 C  CB  A ILE A 1 144 ? 3.814   -0.555  10.589  0.75 21.35 ? 143 ILE A CB  1 
ATOM   1128 C  CB  B ILE A 1 144 ? 3.900   -0.564  10.628  0.25 22.46 ? 143 ILE A CB  1 
ATOM   1129 C  CG1 A ILE A 1 144 ? 3.000   0.693   10.189  0.75 21.14 ? 143 ILE A CG1 1 
ATOM   1130 C  CG1 B ILE A 1 144 ? 2.870   -1.099  9.634   0.25 23.18 ? 143 ILE A CG1 1 
ATOM   1131 C  CG2 A ILE A 1 144 ? 3.530   -1.772  9.609   0.75 21.64 ? 143 ILE A CG2 1 
ATOM   1132 C  CG2 B ILE A 1 144 ? 5.343   -0.991  10.283  0.25 23.12 ? 143 ILE A CG2 1 
ATOM   1133 C  CD1 A ILE A 1 144 ? 3.347   1.335   8.844   0.75 23.30 ? 143 ILE A CD1 1 
ATOM   1134 C  CD1 B ILE A 1 144 ? 2.755   -0.210  8.458   0.25 22.40 ? 143 ILE A CD1 1 
ATOM   1135 N  N   . ALA A 1 145 ? 5.151   -2.560  12.888  1.00 25.58 ? 144 ALA A N   1 
ATOM   1136 C  CA  . ALA A 1 145 ? 5.620   -3.894  13.238  1.00 27.07 ? 144 ALA A CA  1 
ATOM   1137 C  C   . ALA A 1 145 ? 5.443   -4.156  14.743  1.00 28.77 ? 144 ALA A C   1 
ATOM   1138 O  O   . ALA A 1 145 ? 4.558   -4.930  15.170  1.00 31.34 ? 144 ALA A O   1 
ATOM   1139 C  CB  . ALA A 1 145 ? 7.072   -4.044  12.827  1.00 26.52 ? 144 ALA A CB  1 
HETATM 1140 MG MG  . MG  B 2 .   ? -0.593  14.216  1.979   0.75 17.00 ? 200 MG  A MG  1 
HETATM 1141 X  UNK . UNX C 3 .   ? 10.905  -22.902 18.493  1.00 36.45 ? 401 UNX A UNK 1 
HETATM 1142 X  UNK . UNX D 3 .   ? -14.277 13.134  -12.256 1.00 46.33 ? 402 UNX A UNK 1 
HETATM 1143 X  UNK . UNX E 3 .   ? 5.120   -6.974  18.375  1.00 43.73 ? 403 UNX A UNK 1 
HETATM 1144 X  UNK . UNX F 3 .   ? 7.244   -9.574  19.950  1.00 41.11 ? 404 UNX A UNK 1 
HETATM 1145 X  UNK . UNX G 3 .   ? 8.393   -8.127  18.488  1.00 45.66 ? 405 UNX A UNK 1 
HETATM 1146 X  UNK . UNX H 3 .   ? -11.116 20.323  -9.438  1.00 43.09 ? 406 UNX A UNK 1 
HETATM 1147 X  UNK . UNX I 3 .   ? 6.505   -3.827  15.789  1.00 27.52 ? 407 UNX A UNK 1 
HETATM 1148 X  UNK . UNX J 3 .   ? 18.203  7.569   1.001   0.50 29.18 ? 408 UNX A UNK 1 
HETATM 1149 X  UNK . UNX K 3 .   ? -12.389 12.060  -13.607 1.00 55.62 ? 409 UNX A UNK 1 
HETATM 1150 X  UNK . UNX L 3 .   ? 7.724   9.677   18.846  1.00 61.44 ? 410 UNX A UNK 1 
HETATM 1151 X  UNK . UNX M 3 .   ? -6.639  -8.862  14.085  1.00 60.20 ? 411 UNX A UNK 1 
HETATM 1152 X  UNK . UNX N 3 .   ? 14.744  8.992   15.517  1.00 56.48 ? 412 UNX A UNK 1 
HETATM 1153 X  UNK . UNX O 3 .   ? -3.793  11.040  3.508   1.00 67.90 ? 413 UNX A UNK 1 
HETATM 1154 C  C   . MOH P 4 .   ? -0.967  10.521  5.749   1.00 32.65 ? 301 MOH A C   1 
HETATM 1155 O  O   . MOH P 4 .   ? -2.040  11.120  4.961   1.00 37.56 ? 301 MOH A O   1 
HETATM 1156 C  C   . MOH Q 4 .   ? 0.649   10.441  -23.743 0.50 29.46 ? 302 MOH A C   1 
HETATM 1157 O  O   . MOH Q 4 .   ? 0.531   11.893  -23.820 0.50 28.58 ? 302 MOH A O   1 
HETATM 1158 C  C   . MOH R 4 .   ? 5.684   6.080   17.628  1.00 55.99 ? 303 MOH A C   1 
HETATM 1159 O  O   . MOH R 4 .   ? 5.428   4.763   18.183  1.00 55.33 ? 303 MOH A O   1 
HETATM 1160 O  O   . HOH S 5 .   ? 13.331  1.952   5.763   0.50 19.09 ? 414 HOH A O   1 
HETATM 1161 O  O   . HOH S 5 .   ? 0.364   -3.018  12.408  1.00 23.78 ? 415 HOH A O   1 
HETATM 1162 O  O   . HOH S 5 .   ? 7.605   7.552   -8.417  1.00 25.18 ? 416 HOH A O   1 
HETATM 1163 O  O   . HOH S 5 .   ? 1.337   11.049  -0.597  1.00 22.23 ? 417 HOH A O   1 
HETATM 1164 O  O   . HOH S 5 .   ? 17.809  10.298  7.522   1.00 30.42 ? 418 HOH A O   1 
HETATM 1165 O  O   . HOH S 5 .   ? 9.458   -6.000  -4.200  1.00 34.14 ? 419 HOH A O   1 
HETATM 1166 O  O   . HOH S 5 .   ? 3.288   -9.086  -3.583  1.00 28.01 ? 420 HOH A O   1 
HETATM 1167 O  O   . HOH S 5 .   ? -0.603  -0.328  11.923  1.00 26.73 ? 421 HOH A O   1 
HETATM 1168 O  O   . HOH S 5 .   ? 8.765   13.767  -4.450  1.00 29.44 ? 422 HOH A O   1 
HETATM 1169 O  O   . HOH S 5 .   ? 6.428   11.609  -0.253  1.00 24.16 ? 423 HOH A O   1 
HETATM 1170 O  O   . HOH S 5 .   ? 7.234   3.522   -12.253 1.00 32.50 ? 424 HOH A O   1 
HETATM 1171 O  O   . HOH S 5 .   ? -5.021  -7.360  -9.697  1.00 33.91 ? 425 HOH A O   1 
HETATM 1172 O  O   . HOH S 5 .   ? 7.150   17.092  -3.626  1.00 37.52 ? 426 HOH A O   1 
HETATM 1173 O  O   . HOH S 5 .   ? -1.539  14.186  3.984   1.00 29.98 ? 427 HOH A O   1 
HETATM 1174 O  O   . HOH S 5 .   ? 1.049   13.264  2.591   1.00 31.94 ? 428 HOH A O   1 
HETATM 1175 O  O   . HOH S 5 .   ? 3.834   12.498  -0.151  1.00 32.23 ? 429 HOH A O   1 
HETATM 1176 O  O   . HOH S 5 .   ? 4.035   -7.914  -13.955 1.00 31.63 ? 430 HOH A O   1 
HETATM 1177 O  O   . HOH S 5 .   ? 4.517   6.540   11.694  1.00 32.76 ? 431 HOH A O   1 
HETATM 1178 O  O   . HOH S 5 .   ? 9.781   14.750  -8.783  1.00 33.86 ? 432 HOH A O   1 
HETATM 1179 O  O   . HOH S 5 .   ? 10.845  11.767  6.242   1.00 25.79 ? 433 HOH A O   1 
HETATM 1180 O  O   . HOH S 5 .   ? -2.511  -7.681  -10.746 1.00 38.42 ? 434 HOH A O   1 
HETATM 1181 O  O   . HOH S 5 .   ? 14.355  10.812  -0.733  1.00 26.17 ? 435 HOH A O   1 
HETATM 1182 O  O   . HOH S 5 .   ? -6.937  -9.300  -0.839  1.00 32.22 ? 436 HOH A O   1 
HETATM 1183 O  O   . HOH S 5 .   ? -2.714  12.745  -1.040  1.00 32.39 ? 437 HOH A O   1 
HETATM 1184 O  O   . HOH S 5 .   ? -7.539  -13.360 5.595   1.00 33.85 ? 438 HOH A O   1 
HETATM 1185 O  O   . HOH S 5 .   ? -12.818 -5.694  4.933   1.00 33.64 ? 439 HOH A O   1 
HETATM 1186 O  O   . HOH S 5 .   ? 8.774   -0.051  -7.199  1.00 26.43 ? 440 HOH A O   1 
HETATM 1187 O  O   . HOH S 5 .   ? -6.742  15.779  -14.643 1.00 47.33 ? 441 HOH A O   1 
HETATM 1188 O  O   . HOH S 5 .   ? 5.568   -1.183  -13.162 1.00 44.35 ? 442 HOH A O   1 
HETATM 1189 O  O   . HOH S 5 .   ? -13.881 8.070   4.999   1.00 42.80 ? 443 HOH A O   1 
HETATM 1190 O  O   . HOH S 5 .   ? 0.680   3.227   11.499  1.00 31.67 ? 444 HOH A O   1 
HETATM 1191 O  O   . HOH S 5 .   ? 5.732   14.336  3.081   1.00 29.85 ? 445 HOH A O   1 
HETATM 1192 O  O   . HOH S 5 .   ? -0.085  0.137   -20.881 1.00 36.81 ? 446 HOH A O   1 
HETATM 1193 O  O   . HOH S 5 .   ? 9.148   -11.360 -1.447  1.00 35.63 ? 447 HOH A O   1 
HETATM 1194 O  O   . HOH S 5 .   ? 1.399   13.118  -17.381 1.00 40.11 ? 448 HOH A O   1 
HETATM 1195 O  O   . HOH S 5 .   ? 16.656  5.351   -1.980  1.00 33.69 ? 449 HOH A O   1 
HETATM 1196 O  O   . HOH S 5 .   ? 11.914  8.091   -8.227  1.00 41.28 ? 450 HOH A O   1 
HETATM 1197 O  O   . HOH S 5 .   ? 1.236   -3.335  -18.234 1.00 36.09 ? 451 HOH A O   1 
HETATM 1198 O  O   . HOH S 5 .   ? 8.277   2.940   -9.718  1.00 41.01 ? 452 HOH A O   1 
HETATM 1199 O  O   . HOH S 5 .   ? -0.825  -6.271  -8.785  1.00 34.12 ? 453 HOH A O   1 
HETATM 1200 O  O   . HOH S 5 .   ? -6.276  -7.256  -3.668  1.00 40.73 ? 454 HOH A O   1 
HETATM 1201 O  O   . HOH S 5 .   ? -8.615  -6.216  -4.528  1.00 35.11 ? 455 HOH A O   1 
HETATM 1202 O  O   . HOH S 5 .   ? 16.205  7.574   -3.282  1.00 39.34 ? 456 HOH A O   1 
HETATM 1203 O  O   . HOH S 5 .   ? -2.615  -7.524  -13.446 1.00 42.24 ? 457 HOH A O   1 
HETATM 1204 O  O   . HOH S 5 .   ? 2.783   -14.745 6.393   1.00 43.69 ? 458 HOH A O   1 
HETATM 1205 O  O   . HOH S 5 .   ? 11.284  7.572   17.881  1.00 39.13 ? 459 HOH A O   1 
HETATM 1206 O  O   . HOH S 5 .   ? -10.447 -4.558  -1.549  1.00 38.01 ? 460 HOH A O   1 
HETATM 1207 O  O   . HOH S 5 .   ? 0.173   7.120   8.813   1.00 33.79 ? 461 HOH A O   1 
HETATM 1208 O  O   . HOH S 5 .   ? -0.777  12.940  -13.371 1.00 34.91 ? 462 HOH A O   1 
HETATM 1209 O  O   . HOH S 5 .   ? -9.832  9.302   0.410   1.00 36.53 ? 463 HOH A O   1 
HETATM 1210 O  O   . HOH S 5 .   ? -8.823  15.200  -2.702  1.00 39.55 ? 464 HOH A O   1 
HETATM 1211 O  O   . HOH S 5 .   ? 4.890   -11.802 -6.757  1.00 34.88 ? 465 HOH A O   1 
HETATM 1212 O  O   . HOH S 5 .   ? 9.636   6.361   -9.370  1.00 47.35 ? 466 HOH A O   1 
HETATM 1213 O  O   . HOH S 5 .   ? 0.205   14.423  0.198   1.00 28.40 ? 467 HOH A O   1 
HETATM 1214 O  O   . HOH S 5 .   ? 0.077   16.097  2.373   1.00 32.46 ? 468 HOH A O   1 
HETATM 1215 O  O   . HOH S 5 .   ? -7.882  -12.298 7.880   1.00 44.52 ? 469 HOH A O   1 
HETATM 1216 O  O   . HOH S 5 .   ? -7.735  2.204   15.969  1.00 54.83 ? 470 HOH A O   1 
HETATM 1217 O  O   . HOH S 5 .   ? 2.960   -12.834 -4.867  1.00 41.43 ? 471 HOH A O   1 
HETATM 1218 O  O   . HOH S 5 .   ? 5.405   2.370   -16.097 1.00 41.28 ? 472 HOH A O   1 
HETATM 1219 O  O   . HOH S 5 .   ? 5.495   1.299   -13.996 1.00 46.40 ? 473 HOH A O   1 
HETATM 1220 O  O   . HOH S 5 .   ? 3.559   12.173  -17.358 1.00 43.16 ? 474 HOH A O   1 
HETATM 1221 O  O   . HOH S 5 .   ? 14.114  8.193   -4.858  1.00 45.79 ? 475 HOH A O   1 
HETATM 1222 O  O   . HOH S 5 .   ? 7.257   -31.285 8.611   1.00 34.62 ? 476 HOH A O   1 
HETATM 1223 O  O   . HOH S 5 .   ? -5.513  18.090  -1.593  1.00 32.86 ? 477 HOH A O   1 
HETATM 1224 O  O   . HOH S 5 .   ? -7.059  -3.903  -11.072 1.00 42.48 ? 478 HOH A O   1 
HETATM 1225 O  O   . HOH S 5 .   ? -11.896 -7.296  12.147  1.00 46.68 ? 479 HOH A O   1 
HETATM 1226 O  O   . HOH S 5 .   ? 4.447   -14.498 3.603   1.00 51.45 ? 480 HOH A O   1 
HETATM 1227 O  O   . HOH S 5 .   ? 9.707   -3.198  -7.124  1.00 43.28 ? 481 HOH A O   1 
HETATM 1228 O  O   . HOH S 5 .   ? 0.110   -6.800  14.113  1.00 33.36 ? 482 HOH A O   1 
HETATM 1229 O  O   . HOH S 5 .   ? 12.710  -26.135 14.494  1.00 46.19 ? 483 HOH A O   1 
HETATM 1230 O  O   . HOH S 5 .   ? -3.007  13.215  -17.163 1.00 44.68 ? 484 HOH A O   1 
HETATM 1231 O  O   . HOH S 5 .   ? 5.910   8.719   -15.806 1.00 41.54 ? 485 HOH A O   1 
HETATM 1232 O  O   . HOH S 5 .   ? -1.393  7.867   -23.789 1.00 27.71 ? 486 HOH A O   1 
HETATM 1233 O  O   . HOH S 5 .   ? -2.322  15.333  1.376   1.00 31.07 ? 487 HOH A O   1 
HETATM 1234 O  O   . HOH S 5 .   ? 16.496  11.180  10.629  1.00 32.69 ? 488 HOH A O   1 
HETATM 1235 O  O   . HOH S 5 .   ? 8.153   -0.588  -10.592 1.00 52.34 ? 489 HOH A O   1 
HETATM 1236 O  O   . HOH S 5 .   ? 17.964  10.496  12.473  1.00 45.74 ? 490 HOH A O   1 
HETATM 1237 O  O   . HOH S 5 .   ? 2.708   -6.267  13.397  1.00 36.53 ? 491 HOH A O   1 
HETATM 1238 O  O   . HOH S 5 .   ? -1.346  -12.903 -6.251  1.00 40.99 ? 492 HOH A O   1 
HETATM 1239 O  O   . HOH S 5 .   ? -6.129  11.389  2.988   1.00 28.51 ? 493 HOH A O   1 
HETATM 1240 O  O   . HOH S 5 .   ? -8.640  3.035   -20.298 1.00 44.09 ? 494 HOH A O   1 
HETATM 1241 O  O   . HOH S 5 .   ? 6.538   -13.908 7.838   1.00 33.31 ? 495 HOH A O   1 
HETATM 1242 O  O   . HOH S 5 .   ? 4.126   -25.775 11.737  1.00 47.06 ? 496 HOH A O   1 
HETATM 1243 O  O   . HOH S 5 .   ? 8.729   7.334   18.843  1.00 43.19 ? 497 HOH A O   1 
HETATM 1244 O  O   . HOH S 5 .   ? 2.455   -4.263  16.220  1.00 41.10 ? 498 HOH A O   1 
HETATM 1245 O  O   . HOH S 5 .   ? 17.698  12.660  8.114   1.00 47.35 ? 499 HOH A O   1 
HETATM 1246 O  O   . HOH S 5 .   ? 11.900  8.683   15.540  1.00 32.98 ? 500 HOH A O   1 
HETATM 1247 O  O   . HOH S 5 .   ? -0.799  -9.333  -9.541  1.00 53.11 ? 501 HOH A O   1 
HETATM 1248 O  O   . HOH S 5 .   ? 0.837   8.023   6.110   1.00 36.98 ? 502 HOH A O   1 
HETATM 1249 O  O   . HOH S 5 .   ? 10.160  -16.887 2.432   1.00 38.85 ? 503 HOH A O   1 
HETATM 1250 O  O   . HOH S 5 .   ? 3.422   7.939   5.892   1.00 41.38 ? 504 HOH A O   1 
HETATM 1251 O  O   . HOH S 5 .   ? 6.829   8.003   11.340  1.00 37.64 ? 505 HOH A O   1 
HETATM 1252 O  O   . HOH S 5 .   ? -10.830 3.502   14.969  1.00 69.67 ? 506 HOH A O   1 
# 
